data_1FQ2
# 
_entry.id   1FQ2 
# 
_audit_conform.dict_name       mmcif_pdbx.dic 
_audit_conform.dict_version    5.386 
_audit_conform.dict_location   http://mmcif.pdb.org/dictionaries/ascii/mmcif_pdbx.dic 
# 
loop_
_database_2.database_id 
_database_2.database_code 
_database_2.pdbx_database_accession 
_database_2.pdbx_DOI 
PDB   1FQ2         pdb_00001fq2 10.2210/pdb1fq2/pdb 
NDB   BD0041       ?            ?                   
RCSB  RCSB011805   ?            ?                   
WWPDB D_1000011805 ?            ?                   
# 
loop_
_pdbx_audit_revision_history.ordinal 
_pdbx_audit_revision_history.data_content_type 
_pdbx_audit_revision_history.major_revision 
_pdbx_audit_revision_history.minor_revision 
_pdbx_audit_revision_history.revision_date 
1 'Structure model' 1 0 2000-11-27 
2 'Structure model' 1 1 2008-04-27 
3 'Structure model' 1 2 2011-07-13 
4 'Structure model' 1 3 2024-02-07 
# 
_pdbx_audit_revision_details.ordinal             1 
_pdbx_audit_revision_details.revision_ordinal    1 
_pdbx_audit_revision_details.data_content_type   'Structure model' 
_pdbx_audit_revision_details.provider            repository 
_pdbx_audit_revision_details.type                'Initial release' 
_pdbx_audit_revision_details.description         ? 
_pdbx_audit_revision_details.details             ? 
# 
loop_
_pdbx_audit_revision_group.ordinal 
_pdbx_audit_revision_group.revision_ordinal 
_pdbx_audit_revision_group.data_content_type 
_pdbx_audit_revision_group.group 
1 2 'Structure model' 'Version format compliance' 
2 3 'Structure model' 'Version format compliance' 
3 4 'Structure model' 'Data collection'           
4 4 'Structure model' 'Database references'       
5 4 'Structure model' 'Derived calculations'      
# 
loop_
_pdbx_audit_revision_category.ordinal 
_pdbx_audit_revision_category.revision_ordinal 
_pdbx_audit_revision_category.data_content_type 
_pdbx_audit_revision_category.category 
1 4 'Structure model' chem_comp_atom         
2 4 'Structure model' chem_comp_bond         
3 4 'Structure model' database_2             
4 4 'Structure model' pdbx_struct_conn_angle 
5 4 'Structure model' struct_conn            
6 4 'Structure model' struct_site            
# 
loop_
_pdbx_audit_revision_item.ordinal 
_pdbx_audit_revision_item.revision_ordinal 
_pdbx_audit_revision_item.data_content_type 
_pdbx_audit_revision_item.item 
1  4 'Structure model' '_database_2.pdbx_DOI'                        
2  4 'Structure model' '_database_2.pdbx_database_accession'         
3  4 'Structure model' '_pdbx_struct_conn_angle.ptnr1_auth_asym_id'  
4  4 'Structure model' '_pdbx_struct_conn_angle.ptnr1_auth_seq_id'   
5  4 'Structure model' '_pdbx_struct_conn_angle.ptnr1_label_asym_id' 
6  4 'Structure model' '_pdbx_struct_conn_angle.ptnr3_auth_asym_id'  
7  4 'Structure model' '_pdbx_struct_conn_angle.ptnr3_auth_seq_id'   
8  4 'Structure model' '_pdbx_struct_conn_angle.ptnr3_label_asym_id' 
9  4 'Structure model' '_pdbx_struct_conn_angle.value'               
10 4 'Structure model' '_struct_conn.pdbx_dist_value'                
11 4 'Structure model' '_struct_conn.ptnr2_auth_asym_id'             
12 4 'Structure model' '_struct_conn.ptnr2_auth_seq_id'              
13 4 'Structure model' '_struct_conn.ptnr2_label_asym_id'            
14 4 'Structure model' '_struct_site.pdbx_auth_asym_id'              
15 4 'Structure model' '_struct_site.pdbx_auth_comp_id'              
16 4 'Structure model' '_struct_site.pdbx_auth_seq_id'               
# 
_pdbx_database_status.status_code                     REL 
_pdbx_database_status.entry_id                        1FQ2 
_pdbx_database_status.recvd_initial_deposition_date   2000-09-01 
_pdbx_database_status.deposit_site                    NDB 
_pdbx_database_status.process_site                    NDB 
_pdbx_database_status.status_code_sf                  REL 
_pdbx_database_status.SG_entry                        . 
_pdbx_database_status.pdb_format_compatible           Y 
_pdbx_database_status.status_code_mr                  ? 
_pdbx_database_status.status_code_cs                  ? 
_pdbx_database_status.status_code_nmr_data            ? 
_pdbx_database_status.methods_development_category    ? 
# 
loop_
_pdbx_database_related.db_name 
_pdbx_database_related.db_id 
_pdbx_database_related.details 
_pdbx_database_related.content_type 
NDB BDL084 'CGCGAATTCGCG dodecamer' unspecified 
NDB BD0005 'CGCGAATTCGCG dodecamer' unspecified 
NDB BD0029 'CGCGAATTCGCG dodecamer' unspecified 
# 
loop_
_audit_author.name 
_audit_author.pdbx_ordinal 
'Williams, L.D.'  1 
'Sines, C.C.'     2 
'McFail-Isom, L.' 3 
'Howerton, S.B.'  4 
'VanDerveer, D.'  5 
# 
_citation.id                        primary 
_citation.title                     'Cations Mediate B-DNA Conformational Heterogeneity' 
_citation.journal_abbrev            J.Am.Chem.Soc. 
_citation.journal_volume            122 
_citation.page_first                11048 
_citation.page_last                 11056 
_citation.year                      2000 
_citation.journal_id_ASTM           JACSAT 
_citation.country                   US 
_citation.journal_id_ISSN           0002-7863 
_citation.journal_id_CSD            0004 
_citation.book_publisher            ? 
_citation.pdbx_database_id_PubMed   -1 
_citation.pdbx_database_id_DOI      10.1021/ja002244p 
# 
loop_
_citation_author.citation_id 
_citation_author.name 
_citation_author.ordinal 
_citation_author.identifier_ORCID 
primary 'Sines, C.C.'     1 ? 
primary 'McFail-Isom, L.' 2 ? 
primary 'Howerton, S.B.'  3 ? 
primary 'VanDerveer, D.'  4 ? 
primary 'Williams, L.D.'  5 ? 
# 
loop_
_entity.id 
_entity.type 
_entity.src_method 
_entity.pdbx_description 
_entity.formula_weight 
_entity.pdbx_number_of_molecules 
_entity.pdbx_ec 
_entity.pdbx_mutation 
_entity.pdbx_fragment 
_entity.details 
1 polymer     syn 
;DNA (5'-D(*CP*GP*CP*GP*AP*AP*TP*TP*CP*GP*CP*G)-3')
;
3663.392 2   ? ? ? ? 
2 non-polymer syn 'MAGNESIUM ION'                                      24.305   1   ? ? ? ? 
3 non-polymer syn SPERMINE                                             202.340  1   ? ? ? ? 
4 water       nat water                                                18.015   187 ? ? ? ? 
# 
_entity_poly.entity_id                      1 
_entity_poly.type                           polydeoxyribonucleotide 
_entity_poly.nstd_linkage                   no 
_entity_poly.nstd_monomer                   no 
_entity_poly.pdbx_seq_one_letter_code       '(DC)(DG)(DC)(DG)(DA)(DA)(DT)(DT)(DC)(DG)(DC)(DG)' 
_entity_poly.pdbx_seq_one_letter_code_can   CGCGAATTCGCG 
_entity_poly.pdbx_strand_id                 A,B 
_entity_poly.pdbx_target_identifier         ? 
# 
loop_
_pdbx_entity_nonpoly.entity_id 
_pdbx_entity_nonpoly.name 
_pdbx_entity_nonpoly.comp_id 
2 'MAGNESIUM ION' MG  
3 SPERMINE        SPM 
4 water           HOH 
# 
loop_
_entity_poly_seq.entity_id 
_entity_poly_seq.num 
_entity_poly_seq.mon_id 
_entity_poly_seq.hetero 
1 1  DC n 
1 2  DG n 
1 3  DC n 
1 4  DG n 
1 5  DA n 
1 6  DA n 
1 7  DT n 
1 8  DT n 
1 9  DC n 
1 10 DG n 
1 11 DC n 
1 12 DG n 
# 
loop_
_chem_comp.id 
_chem_comp.type 
_chem_comp.mon_nstd_flag 
_chem_comp.name 
_chem_comp.pdbx_synonyms 
_chem_comp.formula 
_chem_comp.formula_weight 
DA  'DNA linking' y "2'-DEOXYADENOSINE-5'-MONOPHOSPHATE" ? 'C10 H14 N5 O6 P' 331.222 
DC  'DNA linking' y "2'-DEOXYCYTIDINE-5'-MONOPHOSPHATE"  ? 'C9 H14 N3 O7 P'  307.197 
DG  'DNA linking' y "2'-DEOXYGUANOSINE-5'-MONOPHOSPHATE" ? 'C10 H14 N5 O7 P' 347.221 
DT  'DNA linking' y "THYMIDINE-5'-MONOPHOSPHATE"         ? 'C10 H15 N2 O8 P' 322.208 
HOH non-polymer   . WATER                                ? 'H2 O'            18.015  
MG  non-polymer   . 'MAGNESIUM ION'                      ? 'Mg 2'            24.305  
SPM non-polymer   . SPERMINE                             ? 'C10 H26 N4'      202.340 
# 
loop_
_pdbx_poly_seq_scheme.asym_id 
_pdbx_poly_seq_scheme.entity_id 
_pdbx_poly_seq_scheme.seq_id 
_pdbx_poly_seq_scheme.mon_id 
_pdbx_poly_seq_scheme.ndb_seq_num 
_pdbx_poly_seq_scheme.pdb_seq_num 
_pdbx_poly_seq_scheme.auth_seq_num 
_pdbx_poly_seq_scheme.pdb_mon_id 
_pdbx_poly_seq_scheme.auth_mon_id 
_pdbx_poly_seq_scheme.pdb_strand_id 
_pdbx_poly_seq_scheme.pdb_ins_code 
_pdbx_poly_seq_scheme.hetero 
A 1 1  DC 1  1  1  DC C A . n 
A 1 2  DG 2  2  2  DG G A . n 
A 1 3  DC 3  3  3  DC C A . n 
A 1 4  DG 4  4  4  DG G A . n 
A 1 5  DA 5  5  5  DA A A . n 
A 1 6  DA 6  6  6  DA A A . n 
A 1 7  DT 7  7  7  DT T A . n 
A 1 8  DT 8  8  8  DT T A . n 
A 1 9  DC 9  9  9  DC C A . n 
A 1 10 DG 10 10 10 DG G A . n 
A 1 11 DC 11 11 11 DC C A . n 
A 1 12 DG 12 12 12 DG G A . n 
B 1 1  DC 1  1  1  DC C B . n 
B 1 2  DG 2  2  2  DG G B . n 
B 1 3  DC 3  3  3  DC C B . n 
B 1 4  DG 4  4  4  DG G B . n 
B 1 5  DA 5  5  5  DA A B . n 
B 1 6  DA 6  6  6  DA A B . n 
B 1 7  DT 7  7  7  DT T B . n 
B 1 8  DT 8  8  8  DT T B . n 
B 1 9  DC 9  9  9  DC C B . n 
B 1 10 DG 10 10 10 DG G B . n 
B 1 11 DC 11 11 11 DC C B . n 
B 1 12 DG 12 12 12 DG G B . n 
# 
loop_
_pdbx_nonpoly_scheme.asym_id 
_pdbx_nonpoly_scheme.entity_id 
_pdbx_nonpoly_scheme.mon_id 
_pdbx_nonpoly_scheme.ndb_seq_num 
_pdbx_nonpoly_scheme.pdb_seq_num 
_pdbx_nonpoly_scheme.auth_seq_num 
_pdbx_nonpoly_scheme.pdb_mon_id 
_pdbx_nonpoly_scheme.auth_mon_id 
_pdbx_nonpoly_scheme.pdb_strand_id 
_pdbx_nonpoly_scheme.pdb_ins_code 
C 2 MG  1  1025 1025 MG  MO6 A . 
D 3 SPM 1  1026 1026 SPM SPM B . 
E 4 HOH 1  1026 1    HOH HOH A . 
E 4 HOH 2  1027 2    HOH HOH A . 
E 4 HOH 3  1028 3    HOH HOH A . 
E 4 HOH 4  1029 4    HOH HOH A . 
E 4 HOH 5  1030 5    HOH HOH A . 
E 4 HOH 6  1031 6    HOH HOH A . 
E 4 HOH 7  1032 7    HOH HOH A . 
E 4 HOH 8  1033 10   HOH HOH A . 
E 4 HOH 9  1034 11   HOH HOH A . 
E 4 HOH 10 1035 12   HOH HOH A . 
E 4 HOH 11 1036 14   HOH HOH A . 
E 4 HOH 12 1037 15   HOH HOH A . 
E 4 HOH 13 1038 17   HOH HOH A . 
E 4 HOH 14 1039 19   HOH HOH A . 
E 4 HOH 15 1040 20   HOH HOH A . 
E 4 HOH 16 1041 21   HOH HOH A . 
E 4 HOH 17 1042 23   HOH HOH A . 
E 4 HOH 18 1043 24   HOH HOH A . 
E 4 HOH 19 1044 27   HOH HOH A . 
E 4 HOH 20 1045 29   HOH HOH A . 
E 4 HOH 21 1046 32   HOH HOH A . 
E 4 HOH 22 1047 33   HOH HOH A . 
E 4 HOH 23 1048 38   HOH HOH A . 
E 4 HOH 24 1049 39   HOH HOH A . 
E 4 HOH 25 1050 40   HOH HOH A . 
E 4 HOH 26 1051 41   HOH HOH A . 
E 4 HOH 27 1052 42   HOH HOH A . 
E 4 HOH 28 1053 43   HOH HOH A . 
E 4 HOH 29 1054 46   HOH HOH A . 
E 4 HOH 30 1055 49   HOH HOH A . 
E 4 HOH 31 1056 50   HOH HOH A . 
E 4 HOH 32 1057 51   HOH HOH A . 
E 4 HOH 33 1058 52   HOH HOH A . 
E 4 HOH 34 1059 55   HOH HOH A . 
E 4 HOH 35 1060 56   HOH HOH A . 
E 4 HOH 36 1061 58   HOH HOH A . 
E 4 HOH 37 1062 59   HOH HOH A . 
E 4 HOH 38 1063 62   HOH HOH A . 
E 4 HOH 39 1064 63   HOH HOH A . 
E 4 HOH 40 1065 64   HOH HOH A . 
E 4 HOH 41 1066 65   HOH HOH A . 
E 4 HOH 42 1067 67   HOH HOH A . 
E 4 HOH 43 1068 68   HOH HOH A . 
E 4 HOH 44 1069 69   HOH HOH A . 
E 4 HOH 45 1070 70   HOH HOH A . 
E 4 HOH 46 1071 71   HOH HOH A . 
E 4 HOH 47 1072 75   HOH HOH A . 
E 4 HOH 48 1073 77   HOH HOH A . 
E 4 HOH 49 1074 80   HOH HOH A . 
E 4 HOH 50 1075 82   HOH HOH A . 
E 4 HOH 51 1076 98   HOH HOH A . 
E 4 HOH 52 1077 101  HOH HOH A . 
E 4 HOH 53 1078 103  HOH HOH A . 
E 4 HOH 54 1079 104  HOH HOH A . 
E 4 HOH 55 1080 105  HOH HOH A . 
E 4 HOH 56 1081 107  HOH HOH A . 
E 4 HOH 57 1082 108  HOH HOH A . 
E 4 HOH 58 1083 109  HOH HOH A . 
E 4 HOH 59 1084 110  HOH HOH A . 
E 4 HOH 60 1085 113  HOH HOH A . 
E 4 HOH 61 1086 114  HOH HOH A . 
E 4 HOH 62 1087 115  HOH HOH A . 
E 4 HOH 63 1088 118  HOH HOH A . 
E 4 HOH 64 1089 121  HOH HOH A . 
E 4 HOH 65 1090 125  HOH HOH A . 
E 4 HOH 66 1091 126  HOH HOH A . 
E 4 HOH 67 1092 127  HOH HOH A . 
E 4 HOH 68 1093 128  HOH HOH A . 
E 4 HOH 69 1094 129  HOH HOH A . 
E 4 HOH 70 1095 137  HOH HOH A . 
E 4 HOH 71 1096 139  HOH HOH A . 
E 4 HOH 72 1097 141  HOH HOH A . 
E 4 HOH 73 1098 143  HOH HOH A . 
E 4 HOH 74 1099 144  HOH HOH A . 
E 4 HOH 75 1100 145  HOH HOH A . 
E 4 HOH 76 1101 147  HOH HOH A . 
E 4 HOH 77 1102 148  HOH HOH A . 
E 4 HOH 78 1103 149  HOH HOH A . 
E 4 HOH 79 1104 155  HOH HOH A . 
E 4 HOH 80 1105 156  HOH HOH A . 
E 4 HOH 81 1106 158  HOH HOH A . 
E 4 HOH 82 1107 160  HOH HOH A . 
E 4 HOH 83 1108 163  HOH HOH A . 
E 4 HOH 84 1109 166  HOH HOH A . 
E 4 HOH 85 1110 167  HOH HOH A . 
E 4 HOH 86 1111 168  HOH HOH A . 
E 4 HOH 87 1112 170  HOH HOH A . 
E 4 HOH 88 1113 171  HOH HOH A . 
E 4 HOH 89 1114 172  HOH HOH A . 
E 4 HOH 90 1115 173  HOH HOH A . 
E 4 HOH 91 1116 175  HOH HOH A . 
E 4 HOH 92 1117 176  HOH HOH A . 
E 4 HOH 93 1118 178  HOH HOH A . 
E 4 HOH 94 1119 181  HOH HOH A . 
E 4 HOH 95 1120 1025 HOH MO6 A . 
E 4 HOH 96 1121 1025 HOH MO6 A . 
E 4 HOH 97 1122 1025 HOH MO6 A . 
F 4 HOH 1  1027 8    HOH HOH B . 
F 4 HOH 2  1028 9    HOH HOH B . 
F 4 HOH 3  1029 13   HOH HOH B . 
F 4 HOH 4  1030 16   HOH HOH B . 
F 4 HOH 5  1031 18   HOH HOH B . 
F 4 HOH 6  1032 22   HOH HOH B . 
F 4 HOH 7  1033 25   HOH HOH B . 
F 4 HOH 8  1034 26   HOH HOH B . 
F 4 HOH 9  1035 28   HOH HOH B . 
F 4 HOH 10 1036 30   HOH HOH B . 
F 4 HOH 11 1037 31   HOH HOH B . 
F 4 HOH 12 1038 34   HOH HOH B . 
F 4 HOH 13 1039 35   HOH HOH B . 
F 4 HOH 14 1040 36   HOH HOH B . 
F 4 HOH 15 1041 37   HOH HOH B . 
F 4 HOH 16 1042 44   HOH HOH B . 
F 4 HOH 17 1043 45   HOH HOH B . 
F 4 HOH 18 1044 47   HOH HOH B . 
F 4 HOH 19 1045 48   HOH HOH B . 
F 4 HOH 20 1046 53   HOH HOH B . 
F 4 HOH 21 1047 54   HOH HOH B . 
F 4 HOH 22 1048 57   HOH HOH B . 
F 4 HOH 23 1049 60   HOH HOH B . 
F 4 HOH 24 1050 61   HOH HOH B . 
F 4 HOH 25 1051 66   HOH HOH B . 
F 4 HOH 26 1052 72   HOH HOH B . 
F 4 HOH 27 1053 73   HOH HOH B . 
F 4 HOH 28 1054 74   HOH HOH B . 
F 4 HOH 29 1055 76   HOH HOH B . 
F 4 HOH 30 1056 78   HOH HOH B . 
F 4 HOH 31 1057 79   HOH HOH B . 
F 4 HOH 32 1058 81   HOH HOH B . 
F 4 HOH 33 1059 83   HOH HOH B . 
F 4 HOH 34 1060 84   HOH HOH B . 
F 4 HOH 35 1061 85   HOH HOH B . 
F 4 HOH 36 1062 86   HOH HOH B . 
F 4 HOH 37 1063 87   HOH HOH B . 
F 4 HOH 38 1064 88   HOH HOH B . 
F 4 HOH 39 1065 89   HOH HOH B . 
F 4 HOH 40 1066 90   HOH HOH B . 
F 4 HOH 41 1067 91   HOH HOH B . 
F 4 HOH 42 1068 92   HOH HOH B . 
F 4 HOH 43 1069 93   HOH HOH B . 
F 4 HOH 44 1070 94   HOH HOH B . 
F 4 HOH 45 1071 95   HOH HOH B . 
F 4 HOH 46 1072 96   HOH HOH B . 
F 4 HOH 47 1073 97   HOH HOH B . 
F 4 HOH 48 1074 99   HOH HOH B . 
F 4 HOH 49 1075 100  HOH HOH B . 
F 4 HOH 50 1076 102  HOH HOH B . 
F 4 HOH 51 1077 106  HOH HOH B . 
F 4 HOH 52 1078 111  HOH HOH B . 
F 4 HOH 53 1079 112  HOH HOH B . 
F 4 HOH 54 1080 116  HOH HOH B . 
F 4 HOH 55 1081 117  HOH HOH B . 
F 4 HOH 56 1082 119  HOH HOH B . 
F 4 HOH 57 1083 120  HOH HOH B . 
F 4 HOH 58 1084 122  HOH HOH B . 
F 4 HOH 59 1085 123  HOH HOH B . 
F 4 HOH 60 1086 124  HOH HOH B . 
F 4 HOH 61 1087 130  HOH HOH B . 
F 4 HOH 62 1088 131  HOH HOH B . 
F 4 HOH 63 1089 132  HOH HOH B . 
F 4 HOH 64 1090 133  HOH HOH B . 
F 4 HOH 65 1091 134  HOH HOH B . 
F 4 HOH 66 1092 135  HOH HOH B . 
F 4 HOH 67 1093 136  HOH HOH B . 
F 4 HOH 68 1094 138  HOH HOH B . 
F 4 HOH 69 1095 140  HOH HOH B . 
F 4 HOH 70 1096 142  HOH HOH B . 
F 4 HOH 71 1097 146  HOH HOH B . 
F 4 HOH 72 1098 150  HOH HOH B . 
F 4 HOH 73 1099 151  HOH HOH B . 
F 4 HOH 74 1100 152  HOH HOH B . 
F 4 HOH 75 1101 153  HOH HOH B . 
F 4 HOH 76 1102 154  HOH HOH B . 
F 4 HOH 77 1103 157  HOH HOH B . 
F 4 HOH 78 1104 159  HOH HOH B . 
F 4 HOH 79 1105 161  HOH HOH B . 
F 4 HOH 80 1106 162  HOH HOH B . 
F 4 HOH 81 1107 164  HOH HOH B . 
F 4 HOH 82 1108 165  HOH HOH B . 
F 4 HOH 83 1109 169  HOH HOH B . 
F 4 HOH 84 1110 174  HOH HOH B . 
F 4 HOH 85 1111 177  HOH HOH B . 
F 4 HOH 86 1112 179  HOH HOH B . 
F 4 HOH 87 1113 180  HOH HOH B . 
F 4 HOH 88 1114 1025 HOH MO6 B . 
F 4 HOH 89 1115 1025 HOH MO6 B . 
F 4 HOH 90 1116 1025 HOH MO6 B . 
# 
loop_
_pdbx_unobs_or_zero_occ_atoms.id 
_pdbx_unobs_or_zero_occ_atoms.PDB_model_num 
_pdbx_unobs_or_zero_occ_atoms.polymer_flag 
_pdbx_unobs_or_zero_occ_atoms.occupancy_flag 
_pdbx_unobs_or_zero_occ_atoms.auth_asym_id 
_pdbx_unobs_or_zero_occ_atoms.auth_comp_id 
_pdbx_unobs_or_zero_occ_atoms.auth_seq_id 
_pdbx_unobs_or_zero_occ_atoms.PDB_ins_code 
_pdbx_unobs_or_zero_occ_atoms.auth_atom_id 
_pdbx_unobs_or_zero_occ_atoms.label_alt_id 
_pdbx_unobs_or_zero_occ_atoms.label_asym_id 
_pdbx_unobs_or_zero_occ_atoms.label_comp_id 
_pdbx_unobs_or_zero_occ_atoms.label_seq_id 
_pdbx_unobs_or_zero_occ_atoms.label_atom_id 
1 1 N 1 B SPM 1026 ? C8  ? D SPM 1 C8  
2 1 N 1 B SPM 1026 ? C9  ? D SPM 1 C9  
3 1 N 1 B SPM 1026 ? N10 ? D SPM 1 N10 
4 1 N 1 B SPM 1026 ? C11 ? D SPM 1 C11 
5 1 N 1 B SPM 1026 ? C12 ? D SPM 1 C12 
6 1 N 1 B SPM 1026 ? C13 ? D SPM 1 C13 
7 1 N 1 B SPM 1026 ? N14 ? D SPM 1 N14 
# 
loop_
_software.name 
_software.classification 
_software.version 
_software.citation_id 
_software.pdbx_ordinal 
SHELXS    phasing          . ? 1 
SHELXL-97 refinement       . ? 2 
DENZO     'data reduction' . ? 3 
SCALEPACK 'data scaling'   . ? 4 
# 
_cell.entry_id           1FQ2 
_cell.length_a           25.588 
_cell.length_b           40.818 
_cell.length_c           66.673 
_cell.angle_alpha        90.00 
_cell.angle_beta         90.00 
_cell.angle_gamma        90.00 
_cell.Z_PDB              8 
_cell.pdbx_unique_axis   ? 
# 
_symmetry.entry_id                         1FQ2 
_symmetry.space_group_name_H-M             'P 21 21 21' 
_symmetry.pdbx_full_space_group_name_H-M   ? 
_symmetry.cell_setting                     orthorhombic 
_symmetry.Int_Tables_number                19 
# 
_exptl.entry_id          1FQ2 
_exptl.method            'X-RAY DIFFRACTION' 
_exptl.crystals_number   1 
# 
_exptl_crystal.id                    1 
_exptl_crystal.density_meas          ? 
_exptl_crystal.density_Matthews      2.28 
_exptl_crystal.density_percent_sol   45.97 
_exptl_crystal.description           ? 
# 
_exptl_crystal_grow.crystal_id      1 
_exptl_crystal_grow.method          'VAPOR DIFFUSION, SITTING DROP' 
_exptl_crystal_grow.pH              6.5 
_exptl_crystal_grow.temp            295 
_exptl_crystal_grow.temp_details    ? 
_exptl_crystal_grow.pdbx_details    
;MgCl2, Potassium Cacodylate, Spermine, MPD, DNA. pH 6.5, VAPOR DIFFUSION, 
SITTING DROP at 295K, VAPOR DIFFUSION, SITTING DROP
;
_exptl_crystal_grow.pdbx_pH_range   ? 
# 
loop_
_exptl_crystal_grow_comp.crystal_id 
_exptl_crystal_grow_comp.id 
_exptl_crystal_grow_comp.sol_id 
_exptl_crystal_grow_comp.name 
_exptl_crystal_grow_comp.conc 
_exptl_crystal_grow_comp.volume 
_exptl_crystal_grow_comp.details 
1 1 1 'Potassium Cacodylate' ? ? ? 
1 2 1 Spermine               ? ? ? 
1 3 1 MgCl2                  ? ? ? 
1 4 1 MPD                    ? ? ? 
1 5 2 MPD                    ? ? ? 
# 
_diffrn.id                     1 
_diffrn.ambient_temp           100 
_diffrn.ambient_temp_details   ? 
_diffrn.crystal_id             1 
# 
_diffrn_detector.diffrn_id              1 
_diffrn_detector.detector               'AREA DETECTOR' 
_diffrn_detector.type                   ? 
_diffrn_detector.pdbx_collection_date   ? 
_diffrn_detector.details                ? 
# 
_diffrn_radiation.diffrn_id                        1 
_diffrn_radiation.wavelength_id                    1 
_diffrn_radiation.pdbx_monochromatic_or_laue_m_l   M 
_diffrn_radiation.monochromator                    ? 
_diffrn_radiation.pdbx_diffrn_protocol             'SINGLE WAVELENGTH' 
_diffrn_radiation.pdbx_scattering_type             x-ray 
# 
_diffrn_radiation_wavelength.id           1 
_diffrn_radiation_wavelength.wavelength   1.1 
_diffrn_radiation_wavelength.wt           1.0 
# 
_diffrn_source.diffrn_id                   1 
_diffrn_source.source                      SYNCHROTRON 
_diffrn_source.type                        'NSLS BEAMLINE X26C' 
_diffrn_source.pdbx_synchrotron_site       NSLS 
_diffrn_source.pdbx_synchrotron_beamline   X26C 
_diffrn_source.pdbx_wavelength             1.1 
_diffrn_source.pdbx_wavelength_list        ? 
# 
_reflns.entry_id                     1FQ2 
_reflns.observed_criterion_sigma_I   0.0 
_reflns.observed_criterion_sigma_F   0.0 
_reflns.d_resolution_low             10 
_reflns.d_resolution_high            1.20 
_reflns.number_obs                   19368 
_reflns.number_all                   ? 
_reflns.percent_possible_obs         ? 
_reflns.pdbx_Rmerge_I_obs            ? 
_reflns.pdbx_Rsym_value              ? 
_reflns.pdbx_netI_over_sigmaI        ? 
_reflns.B_iso_Wilson_estimate        ? 
_reflns.pdbx_redundancy              ? 
_reflns.R_free_details               ? 
_reflns.pdbx_diffrn_id               1 
_reflns.pdbx_ordinal                 1 
# 
_refine.entry_id                                 1FQ2 
_refine.ls_number_reflns_obs                     19368 
_refine.ls_number_reflns_all                     19368 
_refine.pdbx_ls_sigma_I                          0.0 
_refine.pdbx_ls_sigma_F                          0.0 
_refine.pdbx_data_cutoff_high_absF               ? 
_refine.pdbx_data_cutoff_low_absF                ? 
_refine.ls_d_res_low                             10.00 
_refine.ls_d_res_high                            1.20 
_refine.ls_percent_reflns_obs                    86.0 
_refine.ls_R_factor_obs                          0.1410000 
_refine.ls_R_factor_all                          0.1392000 
_refine.ls_R_factor_R_work                       ? 
_refine.ls_R_factor_R_free                       0.2150000 
_refine.ls_R_factor_R_free_error                 ? 
_refine.ls_R_factor_R_free_error_details         ? 
_refine.ls_percent_reflns_R_free                 10. 
_refine.ls_number_reflns_R_free                  1933 
_refine.ls_number_parameters                     6153 
_refine.ls_number_restraints                     1872 
_refine.occupancy_min                            ? 
_refine.occupancy_max                            ? 
_refine.B_iso_mean                               ? 
_refine.aniso_B[1][1]                            ? 
_refine.aniso_B[2][2]                            ? 
_refine.aniso_B[3][3]                            ? 
_refine.aniso_B[1][2]                            ? 
_refine.aniso_B[1][3]                            ? 
_refine.aniso_B[2][3]                            ? 
_refine.solvent_model_details                    'MOEWS & KRETSINGER, J.MOL.BIOL.91(1973)201-22' 
_refine.solvent_model_param_ksol                 ? 
_refine.solvent_model_param_bsol                 ? 
_refine.pdbx_ls_cross_valid_method               'FREE R' 
_refine.details                                  ? 
_refine.pdbx_starting_model                      ? 
_refine.pdbx_method_to_determine_struct          'AB INITIO' 
_refine.pdbx_isotropic_thermal_model             ? 
_refine.pdbx_stereochemistry_target_values       ? 
_refine.pdbx_stereochem_target_val_spec_case     ? 
_refine.pdbx_R_Free_selection_details            RANDOM 
_refine.pdbx_overall_ESU_R_Free                  ? 
_refine.overall_SU_B                             ? 
_refine.ls_redundancy_reflns_obs                 ? 
_refine.overall_SU_ML                            ? 
_refine.pdbx_overall_ESU_R                       ? 
_refine.pdbx_data_cutoff_high_rms_absF           ? 
_refine.correlation_coeff_Fo_to_Fc               ? 
_refine.correlation_coeff_Fo_to_Fc_free          ? 
_refine.overall_SU_R_Cruickshank_DPI             ? 
_refine.overall_SU_R_free                        ? 
_refine.pdbx_refine_id                           'X-RAY DIFFRACTION' 
_refine.pdbx_diffrn_id                           1 
_refine.pdbx_TLS_residual_ADP_flag               ? 
_refine.pdbx_solvent_vdw_probe_radii             ? 
_refine.pdbx_solvent_ion_probe_radii             ? 
_refine.pdbx_solvent_shrinkage_radii             ? 
_refine.pdbx_overall_phase_error                 ? 
_refine.pdbx_overall_SU_R_free_Cruickshank_DPI   ? 
_refine.pdbx_overall_SU_R_Blow_DPI               ? 
_refine.pdbx_overall_SU_R_free_Blow_DPI          ? 
# 
_refine_analyze.entry_id                        1FQ2 
_refine_analyze.Luzzati_coordinate_error_obs    ? 
_refine_analyze.Luzzati_sigma_a_obs             ? 
_refine_analyze.Luzzati_d_res_low_obs           ? 
_refine_analyze.Luzzati_coordinate_error_free   ? 
_refine_analyze.Luzzati_sigma_a_free            ? 
_refine_analyze.Luzzati_d_res_low_free          ? 
_refine_analyze.number_disordered_residues      0 
_refine_analyze.occupancy_sum_hydrogen          272. 
_refine_analyze.occupancy_sum_non_hydrogen      678. 
_refine_analyze.pdbx_refine_id                  'X-RAY DIFFRACTION' 
# 
_refine_hist.pdbx_refine_id                   'X-RAY DIFFRACTION' 
_refine_hist.cycle_id                         LAST 
_refine_hist.pdbx_number_atoms_protein        0 
_refine_hist.pdbx_number_atoms_nucleic_acid   486 
_refine_hist.pdbx_number_atoms_ligand         14 
_refine_hist.number_atoms_solvent             181 
_refine_hist.number_atoms_total               681 
_refine_hist.d_res_high                       1.20 
_refine_hist.d_res_low                        10.00 
# 
loop_
_refine_ls_restr.type 
_refine_ls_restr.dev_ideal 
_refine_ls_restr.dev_ideal_target 
_refine_ls_restr.weight 
_refine_ls_restr.number 
_refine_ls_restr.pdbx_refine_id 
_refine_ls_restr.pdbx_restraint_function 
s_bond_d               0.016  ? ? ? 'X-RAY DIFFRACTION' ? 
s_angle_d              0.037  ? ? ? 'X-RAY DIFFRACTION' ? 
s_similar_dist         0.00   ? ? ? 'X-RAY DIFFRACTION' ? 
s_from_restr_planes    0.0232 ? ? ? 'X-RAY DIFFRACTION' ? 
s_zero_chiral_vol      0.00   ? ? ? 'X-RAY DIFFRACTION' ? 
s_non_zero_chiral_vol  0.015  ? ? ? 'X-RAY DIFFRACTION' ? 
s_anti_bump_dis_restr  0.00   ? ? ? 'X-RAY DIFFRACTION' ? 
s_rigid_bond_adp_cmpnt 0.00   ? ? ? 'X-RAY DIFFRACTION' ? 
s_similar_adp_cmpnt    0.00   ? ? ? 'X-RAY DIFFRACTION' ? 
s_approx_iso_adps      0.00   ? ? ? 'X-RAY DIFFRACTION' ? 
# 
_pdbx_refine.entry_id                                    1FQ2 
_pdbx_refine.R_factor_all_no_cutoff                      0.1390000 
_pdbx_refine.R_factor_obs_no_cutoff                      0.1410000 
_pdbx_refine.free_R_factor_no_cutoff                     0.2150000 
_pdbx_refine.free_R_val_test_set_size_perc_no_cutoff     10. 
_pdbx_refine.free_R_val_test_set_ct_no_cutoff            1933 
_pdbx_refine.R_factor_all_4sig_cutoff                    0.1380000 
_pdbx_refine.R_factor_obs_4sig_cutoff                    0.1399000 
_pdbx_refine.free_R_factor_4sig_cutoff                   0.2130000 
_pdbx_refine.free_R_val_test_set_size_perc_4sig_cutoff   10. 
_pdbx_refine.free_R_val_test_set_ct_4sig_cutoff          1900 
_pdbx_refine.number_reflns_obs_4sig_cutoff               19040 
_pdbx_refine.number_reflns_obs_no_cutoff                 19368 
_pdbx_refine.pdbx_refine_id                              'X-RAY DIFFRACTION' 
_pdbx_refine.free_R_error_no_cutoff                      ? 
# 
_struct.entry_id                  1FQ2 
_struct.title                     'CRYSTAL STRUCTURE ANALYSIS OF THE POTASSIUM FORM OF B-DNA DODECAMER CGCGAATTCGCG' 
_struct.pdbx_model_details        ? 
_struct.pdbx_CASP_flag            ? 
_struct.pdbx_model_type_details   ? 
# 
_struct_keywords.entry_id        1FQ2 
_struct_keywords.pdbx_keywords   DNA 
_struct_keywords.text            'cations, Dickerson Dodecamer, Dickerson-Drew Dodecamer, minor groove, DNA' 
# 
loop_
_struct_asym.id 
_struct_asym.pdbx_blank_PDB_chainid_flag 
_struct_asym.pdbx_modified 
_struct_asym.entity_id 
_struct_asym.details 
A N N 1 ? 
B N N 1 ? 
C N N 2 ? 
D N N 3 ? 
E N N 4 ? 
F N N 4 ? 
# 
_struct_ref.id                         1 
_struct_ref.entity_id                  1 
_struct_ref.db_name                    PDB 
_struct_ref.db_code                    1FQ2 
_struct_ref.pdbx_db_accession          1FQ2 
_struct_ref.pdbx_db_isoform            ? 
_struct_ref.pdbx_seq_one_letter_code   ? 
_struct_ref.pdbx_align_begin           ? 
# 
loop_
_struct_ref_seq.align_id 
_struct_ref_seq.ref_id 
_struct_ref_seq.pdbx_PDB_id_code 
_struct_ref_seq.pdbx_strand_id 
_struct_ref_seq.seq_align_beg 
_struct_ref_seq.pdbx_seq_align_beg_ins_code 
_struct_ref_seq.seq_align_end 
_struct_ref_seq.pdbx_seq_align_end_ins_code 
_struct_ref_seq.pdbx_db_accession 
_struct_ref_seq.db_align_beg 
_struct_ref_seq.pdbx_db_align_beg_ins_code 
_struct_ref_seq.db_align_end 
_struct_ref_seq.pdbx_db_align_end_ins_code 
_struct_ref_seq.pdbx_auth_seq_align_beg 
_struct_ref_seq.pdbx_auth_seq_align_end 
1 1 1FQ2 A 1 ? 12 ? 1FQ2 1 ? 12 ? 1 12 
2 1 1FQ2 B 1 ? 12 ? 1FQ2 1 ? 12 ? 1 12 
# 
_pdbx_struct_assembly.id                   1 
_pdbx_struct_assembly.details              author_defined_assembly 
_pdbx_struct_assembly.method_details       ? 
_pdbx_struct_assembly.oligomeric_details   dimeric 
_pdbx_struct_assembly.oligomeric_count     2 
# 
_pdbx_struct_assembly_gen.assembly_id       1 
_pdbx_struct_assembly_gen.oper_expression   1 
_pdbx_struct_assembly_gen.asym_id_list      A,B,C,D,E,F 
# 
_pdbx_struct_oper_list.id                   1 
_pdbx_struct_oper_list.type                 'identity operation' 
_pdbx_struct_oper_list.name                 1_555 
_pdbx_struct_oper_list.symmetry_operation   x,y,z 
_pdbx_struct_oper_list.matrix[1][1]         1.0000000000 
_pdbx_struct_oper_list.matrix[1][2]         0.0000000000 
_pdbx_struct_oper_list.matrix[1][3]         0.0000000000 
_pdbx_struct_oper_list.vector[1]            0.0000000000 
_pdbx_struct_oper_list.matrix[2][1]         0.0000000000 
_pdbx_struct_oper_list.matrix[2][2]         1.0000000000 
_pdbx_struct_oper_list.matrix[2][3]         0.0000000000 
_pdbx_struct_oper_list.vector[2]            0.0000000000 
_pdbx_struct_oper_list.matrix[3][1]         0.0000000000 
_pdbx_struct_oper_list.matrix[3][2]         0.0000000000 
_pdbx_struct_oper_list.matrix[3][3]         1.0000000000 
_pdbx_struct_oper_list.vector[3]            0.0000000000 
# 
_struct_biol.id                    1 
_struct_biol.pdbx_parent_biol_id   ? 
_struct_biol.details               ? 
# 
loop_
_struct_conn.id 
_struct_conn.conn_type_id 
_struct_conn.pdbx_leaving_atom_flag 
_struct_conn.pdbx_PDB_id 
_struct_conn.ptnr1_label_asym_id 
_struct_conn.ptnr1_label_comp_id 
_struct_conn.ptnr1_label_seq_id 
_struct_conn.ptnr1_label_atom_id 
_struct_conn.pdbx_ptnr1_label_alt_id 
_struct_conn.pdbx_ptnr1_PDB_ins_code 
_struct_conn.pdbx_ptnr1_standard_comp_id 
_struct_conn.ptnr1_symmetry 
_struct_conn.ptnr2_label_asym_id 
_struct_conn.ptnr2_label_comp_id 
_struct_conn.ptnr2_label_seq_id 
_struct_conn.ptnr2_label_atom_id 
_struct_conn.pdbx_ptnr2_label_alt_id 
_struct_conn.pdbx_ptnr2_PDB_ins_code 
_struct_conn.ptnr1_auth_asym_id 
_struct_conn.ptnr1_auth_comp_id 
_struct_conn.ptnr1_auth_seq_id 
_struct_conn.ptnr2_auth_asym_id 
_struct_conn.ptnr2_auth_comp_id 
_struct_conn.ptnr2_auth_seq_id 
_struct_conn.ptnr2_symmetry 
_struct_conn.pdbx_ptnr3_label_atom_id 
_struct_conn.pdbx_ptnr3_label_seq_id 
_struct_conn.pdbx_ptnr3_label_comp_id 
_struct_conn.pdbx_ptnr3_label_asym_id 
_struct_conn.pdbx_ptnr3_label_alt_id 
_struct_conn.pdbx_ptnr3_PDB_ins_code 
_struct_conn.details 
_struct_conn.pdbx_dist_value 
_struct_conn.pdbx_value_order 
_struct_conn.pdbx_role 
metalc1  metalc ? ? C MG .  MG ? ? ? 1_555 E HOH .  O  ? ? A MG 1025 A HOH 1120 1_555 ? ? ? ? ? ? ?            2.115 ? ? 
metalc2  metalc ? ? C MG .  MG ? ? ? 1_555 E HOH .  O  ? ? A MG 1025 A HOH 1121 1_555 ? ? ? ? ? ? ?            2.083 ? ? 
metalc3  metalc ? ? C MG .  MG ? ? ? 1_555 E HOH .  O  ? ? A MG 1025 A HOH 1122 1_555 ? ? ? ? ? ? ?            2.103 ? ? 
metalc4  metalc ? ? C MG .  MG ? ? ? 1_555 F HOH .  O  ? ? A MG 1025 B HOH 1114 1_555 ? ? ? ? ? ? ?            2.124 ? ? 
metalc5  metalc ? ? C MG .  MG ? ? ? 1_555 F HOH .  O  ? ? A MG 1025 B HOH 1115 1_555 ? ? ? ? ? ? ?            2.111 ? ? 
metalc6  metalc ? ? C MG .  MG ? ? ? 1_555 F HOH .  O  ? ? A MG 1025 B HOH 1116 1_555 ? ? ? ? ? ? ?            2.128 ? ? 
hydrog1  hydrog ? ? A DC 1  N3 ? ? ? 1_555 B DG  12 N1 ? ? A DC 1    B DG  12   1_555 ? ? ? ? ? ? WATSON-CRICK ?     ? ? 
hydrog2  hydrog ? ? A DC 1  N4 ? ? ? 1_555 B DG  12 O6 ? ? A DC 1    B DG  12   1_555 ? ? ? ? ? ? WATSON-CRICK ?     ? ? 
hydrog3  hydrog ? ? A DC 1  O2 ? ? ? 1_555 B DG  12 N2 ? ? A DC 1    B DG  12   1_555 ? ? ? ? ? ? WATSON-CRICK ?     ? ? 
hydrog4  hydrog ? ? A DG 2  N1 ? ? ? 1_555 B DC  11 N3 ? ? A DG 2    B DC  11   1_555 ? ? ? ? ? ? WATSON-CRICK ?     ? ? 
hydrog5  hydrog ? ? A DG 2  N2 ? ? ? 1_555 B DC  11 O2 ? ? A DG 2    B DC  11   1_555 ? ? ? ? ? ? WATSON-CRICK ?     ? ? 
hydrog6  hydrog ? ? A DG 2  O6 ? ? ? 1_555 B DC  11 N4 ? ? A DG 2    B DC  11   1_555 ? ? ? ? ? ? WATSON-CRICK ?     ? ? 
hydrog7  hydrog ? ? A DC 3  N3 ? ? ? 1_555 B DG  10 N1 ? ? A DC 3    B DG  10   1_555 ? ? ? ? ? ? WATSON-CRICK ?     ? ? 
hydrog8  hydrog ? ? A DC 3  N4 ? ? ? 1_555 B DG  10 O6 ? ? A DC 3    B DG  10   1_555 ? ? ? ? ? ? WATSON-CRICK ?     ? ? 
hydrog9  hydrog ? ? A DC 3  O2 ? ? ? 1_555 B DG  10 N2 ? ? A DC 3    B DG  10   1_555 ? ? ? ? ? ? WATSON-CRICK ?     ? ? 
hydrog10 hydrog ? ? A DG 4  N1 ? ? ? 1_555 B DC  9  N3 ? ? A DG 4    B DC  9    1_555 ? ? ? ? ? ? WATSON-CRICK ?     ? ? 
hydrog11 hydrog ? ? A DG 4  N2 ? ? ? 1_555 B DC  9  O2 ? ? A DG 4    B DC  9    1_555 ? ? ? ? ? ? WATSON-CRICK ?     ? ? 
hydrog12 hydrog ? ? A DG 4  O6 ? ? ? 1_555 B DC  9  N4 ? ? A DG 4    B DC  9    1_555 ? ? ? ? ? ? WATSON-CRICK ?     ? ? 
hydrog13 hydrog ? ? A DA 5  N1 ? ? ? 1_555 B DT  8  N3 ? ? A DA 5    B DT  8    1_555 ? ? ? ? ? ? WATSON-CRICK ?     ? ? 
hydrog14 hydrog ? ? A DA 5  N6 ? ? ? 1_555 B DT  8  O4 ? ? A DA 5    B DT  8    1_555 ? ? ? ? ? ? WATSON-CRICK ?     ? ? 
hydrog15 hydrog ? ? A DA 6  N1 ? ? ? 1_555 B DT  7  N3 ? ? A DA 6    B DT  7    1_555 ? ? ? ? ? ? WATSON-CRICK ?     ? ? 
hydrog16 hydrog ? ? A DA 6  N6 ? ? ? 1_555 B DT  7  O4 ? ? A DA 6    B DT  7    1_555 ? ? ? ? ? ? WATSON-CRICK ?     ? ? 
hydrog17 hydrog ? ? A DT 7  N3 ? ? ? 1_555 B DA  6  N1 ? ? A DT 7    B DA  6    1_555 ? ? ? ? ? ? WATSON-CRICK ?     ? ? 
hydrog18 hydrog ? ? A DT 7  O4 ? ? ? 1_555 B DA  6  N6 ? ? A DT 7    B DA  6    1_555 ? ? ? ? ? ? WATSON-CRICK ?     ? ? 
hydrog19 hydrog ? ? A DT 8  N3 ? ? ? 1_555 B DA  5  N1 ? ? A DT 8    B DA  5    1_555 ? ? ? ? ? ? WATSON-CRICK ?     ? ? 
hydrog20 hydrog ? ? A DT 8  O4 ? ? ? 1_555 B DA  5  N6 ? ? A DT 8    B DA  5    1_555 ? ? ? ? ? ? WATSON-CRICK ?     ? ? 
hydrog21 hydrog ? ? A DC 9  N3 ? ? ? 1_555 B DG  4  N1 ? ? A DC 9    B DG  4    1_555 ? ? ? ? ? ? WATSON-CRICK ?     ? ? 
hydrog22 hydrog ? ? A DC 9  N4 ? ? ? 1_555 B DG  4  O6 ? ? A DC 9    B DG  4    1_555 ? ? ? ? ? ? WATSON-CRICK ?     ? ? 
hydrog23 hydrog ? ? A DC 9  O2 ? ? ? 1_555 B DG  4  N2 ? ? A DC 9    B DG  4    1_555 ? ? ? ? ? ? WATSON-CRICK ?     ? ? 
hydrog24 hydrog ? ? A DG 10 N1 ? ? ? 1_555 B DC  3  N3 ? ? A DG 10   B DC  3    1_555 ? ? ? ? ? ? WATSON-CRICK ?     ? ? 
hydrog25 hydrog ? ? A DG 10 N2 ? ? ? 1_555 B DC  3  O2 ? ? A DG 10   B DC  3    1_555 ? ? ? ? ? ? WATSON-CRICK ?     ? ? 
hydrog26 hydrog ? ? A DG 10 O6 ? ? ? 1_555 B DC  3  N4 ? ? A DG 10   B DC  3    1_555 ? ? ? ? ? ? WATSON-CRICK ?     ? ? 
hydrog27 hydrog ? ? A DC 11 N3 ? ? ? 1_555 B DG  2  N1 ? ? A DC 11   B DG  2    1_555 ? ? ? ? ? ? WATSON-CRICK ?     ? ? 
hydrog28 hydrog ? ? A DC 11 N4 ? ? ? 1_555 B DG  2  O6 ? ? A DC 11   B DG  2    1_555 ? ? ? ? ? ? WATSON-CRICK ?     ? ? 
hydrog29 hydrog ? ? A DC 11 O2 ? ? ? 1_555 B DG  2  N2 ? ? A DC 11   B DG  2    1_555 ? ? ? ? ? ? WATSON-CRICK ?     ? ? 
hydrog30 hydrog ? ? A DG 12 N1 ? ? ? 1_555 B DC  1  N3 ? ? A DG 12   B DC  1    1_555 ? ? ? ? ? ? WATSON-CRICK ?     ? ? 
hydrog31 hydrog ? ? A DG 12 N2 ? ? ? 1_555 B DC  1  O2 ? ? A DG 12   B DC  1    1_555 ? ? ? ? ? ? WATSON-CRICK ?     ? ? 
hydrog32 hydrog ? ? A DG 12 O6 ? ? ? 1_555 B DC  1  N4 ? ? A DG 12   B DC  1    1_555 ? ? ? ? ? ? WATSON-CRICK ?     ? ? 
# 
loop_
_struct_conn_type.id 
_struct_conn_type.criteria 
_struct_conn_type.reference 
metalc ? ? 
hydrog ? ? 
# 
loop_
_pdbx_struct_conn_angle.id 
_pdbx_struct_conn_angle.ptnr1_label_atom_id 
_pdbx_struct_conn_angle.ptnr1_label_alt_id 
_pdbx_struct_conn_angle.ptnr1_label_asym_id 
_pdbx_struct_conn_angle.ptnr1_label_comp_id 
_pdbx_struct_conn_angle.ptnr1_label_seq_id 
_pdbx_struct_conn_angle.ptnr1_auth_atom_id 
_pdbx_struct_conn_angle.ptnr1_auth_asym_id 
_pdbx_struct_conn_angle.ptnr1_auth_comp_id 
_pdbx_struct_conn_angle.ptnr1_auth_seq_id 
_pdbx_struct_conn_angle.ptnr1_PDB_ins_code 
_pdbx_struct_conn_angle.ptnr1_symmetry 
_pdbx_struct_conn_angle.ptnr2_label_atom_id 
_pdbx_struct_conn_angle.ptnr2_label_alt_id 
_pdbx_struct_conn_angle.ptnr2_label_asym_id 
_pdbx_struct_conn_angle.ptnr2_label_comp_id 
_pdbx_struct_conn_angle.ptnr2_label_seq_id 
_pdbx_struct_conn_angle.ptnr2_auth_atom_id 
_pdbx_struct_conn_angle.ptnr2_auth_asym_id 
_pdbx_struct_conn_angle.ptnr2_auth_comp_id 
_pdbx_struct_conn_angle.ptnr2_auth_seq_id 
_pdbx_struct_conn_angle.ptnr2_PDB_ins_code 
_pdbx_struct_conn_angle.ptnr2_symmetry 
_pdbx_struct_conn_angle.ptnr3_label_atom_id 
_pdbx_struct_conn_angle.ptnr3_label_alt_id 
_pdbx_struct_conn_angle.ptnr3_label_asym_id 
_pdbx_struct_conn_angle.ptnr3_label_comp_id 
_pdbx_struct_conn_angle.ptnr3_label_seq_id 
_pdbx_struct_conn_angle.ptnr3_auth_atom_id 
_pdbx_struct_conn_angle.ptnr3_auth_asym_id 
_pdbx_struct_conn_angle.ptnr3_auth_comp_id 
_pdbx_struct_conn_angle.ptnr3_auth_seq_id 
_pdbx_struct_conn_angle.ptnr3_PDB_ins_code 
_pdbx_struct_conn_angle.ptnr3_symmetry 
_pdbx_struct_conn_angle.value 
_pdbx_struct_conn_angle.value_esd 
1  O ? E HOH . ? A HOH 1120 ? 1_555 MG ? C MG . ? A MG 1025 ? 1_555 O ? E HOH . ? A HOH 1121 ? 1_555 93.3  ? 
2  O ? E HOH . ? A HOH 1120 ? 1_555 MG ? C MG . ? A MG 1025 ? 1_555 O ? E HOH . ? A HOH 1122 ? 1_555 89.4  ? 
3  O ? E HOH . ? A HOH 1121 ? 1_555 MG ? C MG . ? A MG 1025 ? 1_555 O ? E HOH . ? A HOH 1122 ? 1_555 92.7  ? 
4  O ? E HOH . ? A HOH 1120 ? 1_555 MG ? C MG . ? A MG 1025 ? 1_555 O ? F HOH . ? B HOH 1114 ? 1_555 92.3  ? 
5  O ? E HOH . ? A HOH 1121 ? 1_555 MG ? C MG . ? A MG 1025 ? 1_555 O ? F HOH . ? B HOH 1114 ? 1_555 173.7 ? 
6  O ? E HOH . ? A HOH 1122 ? 1_555 MG ? C MG . ? A MG 1025 ? 1_555 O ? F HOH . ? B HOH 1114 ? 1_555 90.2  ? 
7  O ? E HOH . ? A HOH 1120 ? 1_555 MG ? C MG . ? A MG 1025 ? 1_555 O ? F HOH . ? B HOH 1115 ? 1_555 177.6 ? 
8  O ? E HOH . ? A HOH 1121 ? 1_555 MG ? C MG . ? A MG 1025 ? 1_555 O ? F HOH . ? B HOH 1115 ? 1_555 86.6  ? 
9  O ? E HOH . ? A HOH 1122 ? 1_555 MG ? C MG . ? A MG 1025 ? 1_555 O ? F HOH . ? B HOH 1115 ? 1_555 93.1  ? 
10 O ? F HOH . ? B HOH 1114 ? 1_555 MG ? C MG . ? A MG 1025 ? 1_555 O ? F HOH . ? B HOH 1115 ? 1_555 87.7  ? 
11 O ? E HOH . ? A HOH 1120 ? 1_555 MG ? C MG . ? A MG 1025 ? 1_555 O ? F HOH . ? B HOH 1116 ? 1_555 88.0  ? 
12 O ? E HOH . ? A HOH 1121 ? 1_555 MG ? C MG . ? A MG 1025 ? 1_555 O ? F HOH . ? B HOH 1116 ? 1_555 87.3  ? 
13 O ? E HOH . ? A HOH 1122 ? 1_555 MG ? C MG . ? A MG 1025 ? 1_555 O ? F HOH . ? B HOH 1116 ? 1_555 177.4 ? 
14 O ? F HOH . ? B HOH 1114 ? 1_555 MG ? C MG . ? A MG 1025 ? 1_555 O ? F HOH . ? B HOH 1116 ? 1_555 90.0  ? 
15 O ? F HOH . ? B HOH 1115 ? 1_555 MG ? C MG . ? A MG 1025 ? 1_555 O ? F HOH . ? B HOH 1116 ? 1_555 89.6  ? 
# 
loop_
_struct_site.id 
_struct_site.pdbx_evidence_code 
_struct_site.pdbx_auth_asym_id 
_struct_site.pdbx_auth_comp_id 
_struct_site.pdbx_auth_seq_id 
_struct_site.pdbx_auth_ins_code 
_struct_site.pdbx_num_residues 
_struct_site.details 
AC1 Software B SPM 1026 ? 9 'BINDING SITE FOR RESIDUE SPM B 1026' 
AC2 Software A MG  1025 ? 6 'BINDING SITE FOR RESIDUE MG A 1025'  
# 
loop_
_struct_site_gen.id 
_struct_site_gen.site_id 
_struct_site_gen.pdbx_num_res 
_struct_site_gen.label_comp_id 
_struct_site_gen.label_asym_id 
_struct_site_gen.label_seq_id 
_struct_site_gen.pdbx_auth_ins_code 
_struct_site_gen.auth_comp_id 
_struct_site_gen.auth_asym_id 
_struct_site_gen.auth_seq_id 
_struct_site_gen.label_atom_id 
_struct_site_gen.label_alt_id 
_struct_site_gen.symmetry 
_struct_site_gen.details 
1  AC1 9 DG  A 10 ? DG  A 10   . ? 1_555 ? 
2  AC1 9 HOH E .  ? HOH A 1061 . ? 1_555 ? 
3  AC1 9 DC  B 1  ? DC  B 1    . ? 1_555 ? 
4  AC1 9 DG  B 2  ? DG  B 2    . ? 1_555 ? 
5  AC1 9 HOH F .  ? HOH B 1042 . ? 1_555 ? 
6  AC1 9 HOH F .  ? HOH B 1054 . ? 1_555 ? 
7  AC1 9 HOH F .  ? HOH B 1061 . ? 2_564 ? 
8  AC1 9 HOH F .  ? HOH B 1070 . ? 2_564 ? 
9  AC1 9 HOH F .  ? HOH B 1071 . ? 2_564 ? 
10 AC2 6 HOH E .  ? HOH A 1120 . ? 1_555 ? 
11 AC2 6 HOH E .  ? HOH A 1121 . ? 1_555 ? 
12 AC2 6 HOH E .  ? HOH A 1122 . ? 1_555 ? 
13 AC2 6 HOH F .  ? HOH B 1114 . ? 1_555 ? 
14 AC2 6 HOH F .  ? HOH B 1115 . ? 1_555 ? 
15 AC2 6 HOH F .  ? HOH B 1116 . ? 1_555 ? 
# 
_pdbx_validate_rmsd_bond.id                        1 
_pdbx_validate_rmsd_bond.PDB_model_num             1 
_pdbx_validate_rmsd_bond.auth_atom_id_1            "O4'" 
_pdbx_validate_rmsd_bond.auth_asym_id_1            B 
_pdbx_validate_rmsd_bond.auth_comp_id_1            DT 
_pdbx_validate_rmsd_bond.auth_seq_id_1             8 
_pdbx_validate_rmsd_bond.PDB_ins_code_1            ? 
_pdbx_validate_rmsd_bond.label_alt_id_1            ? 
_pdbx_validate_rmsd_bond.auth_atom_id_2            "C1'" 
_pdbx_validate_rmsd_bond.auth_asym_id_2            B 
_pdbx_validate_rmsd_bond.auth_comp_id_2            DT 
_pdbx_validate_rmsd_bond.auth_seq_id_2             8 
_pdbx_validate_rmsd_bond.PDB_ins_code_2            ? 
_pdbx_validate_rmsd_bond.label_alt_id_2            ? 
_pdbx_validate_rmsd_bond.bond_value                1.499 
_pdbx_validate_rmsd_bond.bond_target_value         1.420 
_pdbx_validate_rmsd_bond.bond_deviation            0.079 
_pdbx_validate_rmsd_bond.bond_standard_deviation   0.011 
_pdbx_validate_rmsd_bond.linker_flag               N 
# 
loop_
_pdbx_validate_rmsd_angle.id 
_pdbx_validate_rmsd_angle.PDB_model_num 
_pdbx_validate_rmsd_angle.auth_atom_id_1 
_pdbx_validate_rmsd_angle.auth_asym_id_1 
_pdbx_validate_rmsd_angle.auth_comp_id_1 
_pdbx_validate_rmsd_angle.auth_seq_id_1 
_pdbx_validate_rmsd_angle.PDB_ins_code_1 
_pdbx_validate_rmsd_angle.label_alt_id_1 
_pdbx_validate_rmsd_angle.auth_atom_id_2 
_pdbx_validate_rmsd_angle.auth_asym_id_2 
_pdbx_validate_rmsd_angle.auth_comp_id_2 
_pdbx_validate_rmsd_angle.auth_seq_id_2 
_pdbx_validate_rmsd_angle.PDB_ins_code_2 
_pdbx_validate_rmsd_angle.label_alt_id_2 
_pdbx_validate_rmsd_angle.auth_atom_id_3 
_pdbx_validate_rmsd_angle.auth_asym_id_3 
_pdbx_validate_rmsd_angle.auth_comp_id_3 
_pdbx_validate_rmsd_angle.auth_seq_id_3 
_pdbx_validate_rmsd_angle.PDB_ins_code_3 
_pdbx_validate_rmsd_angle.label_alt_id_3 
_pdbx_validate_rmsd_angle.angle_value 
_pdbx_validate_rmsd_angle.angle_target_value 
_pdbx_validate_rmsd_angle.angle_deviation 
_pdbx_validate_rmsd_angle.angle_standard_deviation 
_pdbx_validate_rmsd_angle.linker_flag 
1  1 C2    A DC 1  ? ? N3    A DC 1  ? ? C4    A DC 1  ? ? 116.53 119.90 -3.37 0.50 N 
2  1 N3    A DC 1  ? ? C2    A DC 1  ? ? O2    A DC 1  ? ? 117.61 121.90 -4.29 0.70 N 
3  1 "O4'" A DG 2  ? ? "C1'" A DG 2  ? ? "C2'" A DG 2  ? ? 101.07 105.90 -4.83 0.80 N 
4  1 "C3'" A DG 2  ? ? "O3'" A DG 2  ? ? P     A DC 3  ? ? 131.18 119.70 11.48 1.20 Y 
5  1 "C3'" A DG 4  ? ? "O3'" A DG 4  ? ? P     A DA 5  ? ? 134.12 119.70 14.42 1.20 Y 
6  1 "O4'" A DA 5  ? ? "C1'" A DA 5  ? ? N9    A DA 5  ? ? 103.33 108.00 -4.67 0.70 N 
7  1 "C3'" A DA 6  ? ? "O3'" A DA 6  ? ? P     A DT 7  ? ? 127.13 119.70 7.43  1.20 Y 
8  1 C6    A DT 7  ? ? N1    A DT 7  ? ? C2    A DT 7  ? ? 117.31 121.30 -3.99 0.50 N 
9  1 N3    A DT 8  ? ? C2    A DT 8  ? ? O2    A DT 8  ? ? 118.59 122.30 -3.71 0.60 N 
10 1 "O4'" A DC 9  ? ? "C1'" A DC 9  ? ? N1    A DC 9  ? ? 102.97 108.00 -5.03 0.70 N 
11 1 "C3'" A DG 10 ? ? "C2'" A DG 10 ? ? "C1'" A DG 10 ? ? 96.27  102.40 -6.13 0.80 N 
12 1 "O4'" A DG 10 ? ? "C1'" A DG 10 ? ? N9    A DG 10 ? ? 111.29 108.30 2.99  0.30 N 
13 1 "C3'" A DG 10 ? ? "O3'" A DG 10 ? ? P     A DC 11 ? ? 126.90 119.70 7.20  1.20 Y 
14 1 N1    A DC 11 ? ? "C1'" A DC 11 ? ? "C2'" A DC 11 ? ? 123.96 114.30 9.66  1.40 N 
15 1 "O4'" A DC 11 ? ? "C1'" A DC 11 ? ? N1    A DC 11 ? ? 100.90 108.00 -7.10 0.70 N 
16 1 "C1'" A DG 12 ? ? "O4'" A DG 12 ? ? "C4'" A DG 12 ? ? 116.42 110.30 6.12  0.70 N 
17 1 C5    A DG 12 ? ? C6    A DG 12 ? ? N1    A DG 12 ? ? 115.34 111.50 3.84  0.50 N 
18 1 "O4'" B DC 1  ? ? "C1'" B DC 1  ? ? N1    B DC 1  ? ? 102.66 108.00 -5.34 0.70 N 
19 1 C2    B DC 1  ? ? N3    B DC 1  ? ? C4    B DC 1  ? ? 116.80 119.90 -3.10 0.50 N 
20 1 N1    B DC 1  ? ? C2    B DC 1  ? ? O2    B DC 1  ? ? 123.56 118.90 4.66  0.60 N 
21 1 N3    B DC 1  ? ? C2    B DC 1  ? ? O2    B DC 1  ? ? 115.00 121.90 -6.90 0.70 N 
22 1 "O4'" B DC 3  ? ? "C1'" B DC 3  ? ? N1    B DC 3  ? ? 103.21 108.00 -4.79 0.70 N 
23 1 "O4'" B DG 4  ? ? "C1'" B DG 4  ? ? N9    B DG 4  ? ? 114.20 108.30 5.90  0.30 N 
24 1 C8    B DG 4  ? ? N9    B DG 4  ? ? C4    B DG 4  ? ? 103.45 106.40 -2.95 0.40 N 
25 1 N9    B DG 4  ? ? C4    B DG 4  ? ? C5    B DG 4  ? ? 107.98 105.40 2.58  0.40 N 
26 1 "C3'" B DG 4  ? ? "O3'" B DG 4  ? ? P     B DA 5  ? ? 130.17 119.70 10.47 1.20 Y 
27 1 "O4'" B DA 5  ? ? "C1'" B DA 5  ? ? N9    B DA 5  ? ? 103.06 108.00 -4.94 0.70 N 
28 1 "C3'" B DA 6  ? ? "O3'" B DA 6  ? ? P     B DT 7  ? ? 127.17 119.70 7.47  1.20 Y 
29 1 C6    B DT 7  ? ? C5    B DT 7  ? ? C7    B DT 7  ? ? 119.09 122.90 -3.81 0.60 N 
30 1 N1    B DT 8  ? ? "C1'" B DT 8  ? ? "C2'" B DT 8  ? ? 124.52 114.30 10.22 1.40 N 
31 1 "O4'" B DT 8  ? ? "C1'" B DT 8  ? ? N1    B DT 8  ? ? 100.61 108.00 -7.39 0.70 N 
32 1 C6    B DT 8  ? ? C5    B DT 8  ? ? C7    B DT 8  ? ? 118.84 122.90 -4.06 0.60 N 
33 1 "C3'" B DT 8  ? ? "O3'" B DT 8  ? ? P     B DC 9  ? ? 129.94 119.70 10.24 1.20 Y 
34 1 "O4'" B DC 9  ? ? "C1'" B DC 9  ? ? N1    B DC 9  ? ? 102.61 108.00 -5.39 0.70 N 
35 1 N3    B DC 9  ? ? C4    B DC 9  ? ? C5    B DC 9  ? ? 119.43 121.90 -2.47 0.40 N 
36 1 C4    B DC 11 ? ? C5    B DC 11 ? ? C6    B DC 11 ? ? 120.48 117.40 3.08  0.50 N 
37 1 C2    B DG 12 ? ? N3    B DG 12 ? ? C4    B DG 12 ? ? 115.41 111.90 3.51  0.50 N 
38 1 N3    B DG 12 ? ? C4    B DG 12 ? ? C5    B DG 12 ? ? 125.11 128.60 -3.49 0.50 N 
# 
loop_
_chem_comp_atom.comp_id 
_chem_comp_atom.atom_id 
_chem_comp_atom.type_symbol 
_chem_comp_atom.pdbx_aromatic_flag 
_chem_comp_atom.pdbx_stereo_config 
_chem_comp_atom.pdbx_ordinal 
DA  OP3    O  N N 1   
DA  P      P  N N 2   
DA  OP1    O  N N 3   
DA  OP2    O  N N 4   
DA  "O5'"  O  N N 5   
DA  "C5'"  C  N N 6   
DA  "C4'"  C  N R 7   
DA  "O4'"  O  N N 8   
DA  "C3'"  C  N S 9   
DA  "O3'"  O  N N 10  
DA  "C2'"  C  N N 11  
DA  "C1'"  C  N R 12  
DA  N9     N  Y N 13  
DA  C8     C  Y N 14  
DA  N7     N  Y N 15  
DA  C5     C  Y N 16  
DA  C6     C  Y N 17  
DA  N6     N  N N 18  
DA  N1     N  Y N 19  
DA  C2     C  Y N 20  
DA  N3     N  Y N 21  
DA  C4     C  Y N 22  
DA  HOP3   H  N N 23  
DA  HOP2   H  N N 24  
DA  "H5'"  H  N N 25  
DA  "H5''" H  N N 26  
DA  "H4'"  H  N N 27  
DA  "H3'"  H  N N 28  
DA  "HO3'" H  N N 29  
DA  "H2'"  H  N N 30  
DA  "H2''" H  N N 31  
DA  "H1'"  H  N N 32  
DA  H8     H  N N 33  
DA  H61    H  N N 34  
DA  H62    H  N N 35  
DA  H2     H  N N 36  
DC  OP3    O  N N 37  
DC  P      P  N N 38  
DC  OP1    O  N N 39  
DC  OP2    O  N N 40  
DC  "O5'"  O  N N 41  
DC  "C5'"  C  N N 42  
DC  "C4'"  C  N R 43  
DC  "O4'"  O  N N 44  
DC  "C3'"  C  N S 45  
DC  "O3'"  O  N N 46  
DC  "C2'"  C  N N 47  
DC  "C1'"  C  N R 48  
DC  N1     N  N N 49  
DC  C2     C  N N 50  
DC  O2     O  N N 51  
DC  N3     N  N N 52  
DC  C4     C  N N 53  
DC  N4     N  N N 54  
DC  C5     C  N N 55  
DC  C6     C  N N 56  
DC  HOP3   H  N N 57  
DC  HOP2   H  N N 58  
DC  "H5'"  H  N N 59  
DC  "H5''" H  N N 60  
DC  "H4'"  H  N N 61  
DC  "H3'"  H  N N 62  
DC  "HO3'" H  N N 63  
DC  "H2'"  H  N N 64  
DC  "H2''" H  N N 65  
DC  "H1'"  H  N N 66  
DC  H41    H  N N 67  
DC  H42    H  N N 68  
DC  H5     H  N N 69  
DC  H6     H  N N 70  
DG  OP3    O  N N 71  
DG  P      P  N N 72  
DG  OP1    O  N N 73  
DG  OP2    O  N N 74  
DG  "O5'"  O  N N 75  
DG  "C5'"  C  N N 76  
DG  "C4'"  C  N R 77  
DG  "O4'"  O  N N 78  
DG  "C3'"  C  N S 79  
DG  "O3'"  O  N N 80  
DG  "C2'"  C  N N 81  
DG  "C1'"  C  N R 82  
DG  N9     N  Y N 83  
DG  C8     C  Y N 84  
DG  N7     N  Y N 85  
DG  C5     C  Y N 86  
DG  C6     C  N N 87  
DG  O6     O  N N 88  
DG  N1     N  N N 89  
DG  C2     C  N N 90  
DG  N2     N  N N 91  
DG  N3     N  N N 92  
DG  C4     C  Y N 93  
DG  HOP3   H  N N 94  
DG  HOP2   H  N N 95  
DG  "H5'"  H  N N 96  
DG  "H5''" H  N N 97  
DG  "H4'"  H  N N 98  
DG  "H3'"  H  N N 99  
DG  "HO3'" H  N N 100 
DG  "H2'"  H  N N 101 
DG  "H2''" H  N N 102 
DG  "H1'"  H  N N 103 
DG  H8     H  N N 104 
DG  H1     H  N N 105 
DG  H21    H  N N 106 
DG  H22    H  N N 107 
DT  OP3    O  N N 108 
DT  P      P  N N 109 
DT  OP1    O  N N 110 
DT  OP2    O  N N 111 
DT  "O5'"  O  N N 112 
DT  "C5'"  C  N N 113 
DT  "C4'"  C  N R 114 
DT  "O4'"  O  N N 115 
DT  "C3'"  C  N S 116 
DT  "O3'"  O  N N 117 
DT  "C2'"  C  N N 118 
DT  "C1'"  C  N R 119 
DT  N1     N  N N 120 
DT  C2     C  N N 121 
DT  O2     O  N N 122 
DT  N3     N  N N 123 
DT  C4     C  N N 124 
DT  O4     O  N N 125 
DT  C5     C  N N 126 
DT  C7     C  N N 127 
DT  C6     C  N N 128 
DT  HOP3   H  N N 129 
DT  HOP2   H  N N 130 
DT  "H5'"  H  N N 131 
DT  "H5''" H  N N 132 
DT  "H4'"  H  N N 133 
DT  "H3'"  H  N N 134 
DT  "HO3'" H  N N 135 
DT  "H2'"  H  N N 136 
DT  "H2''" H  N N 137 
DT  "H1'"  H  N N 138 
DT  H3     H  N N 139 
DT  H71    H  N N 140 
DT  H72    H  N N 141 
DT  H73    H  N N 142 
DT  H6     H  N N 143 
HOH O      O  N N 144 
HOH H1     H  N N 145 
HOH H2     H  N N 146 
MG  MG     MG N N 147 
SPM N1     N  N N 148 
SPM C2     C  N N 149 
SPM C3     C  N N 150 
SPM C4     C  N N 151 
SPM N5     N  N N 152 
SPM C6     C  N N 153 
SPM C7     C  N N 154 
SPM C8     C  N N 155 
SPM C9     C  N N 156 
SPM N10    N  N N 157 
SPM C11    C  N N 158 
SPM C12    C  N N 159 
SPM C13    C  N N 160 
SPM N14    N  N N 161 
SPM HN11   H  N N 162 
SPM HN12   H  N N 163 
SPM H21    H  N N 164 
SPM H22    H  N N 165 
SPM H31    H  N N 166 
SPM H32    H  N N 167 
SPM H41    H  N N 168 
SPM H42    H  N N 169 
SPM HN5    H  N N 170 
SPM H61    H  N N 171 
SPM H62    H  N N 172 
SPM H71    H  N N 173 
SPM H72    H  N N 174 
SPM H81    H  N N 175 
SPM H82    H  N N 176 
SPM H91    H  N N 177 
SPM H92    H  N N 178 
SPM HN0    H  N N 179 
SPM H111   H  N N 180 
SPM H112   H  N N 181 
SPM H121   H  N N 182 
SPM H122   H  N N 183 
SPM H131   H  N N 184 
SPM H132   H  N N 185 
SPM HN41   H  N N 186 
SPM HN42   H  N N 187 
# 
loop_
_chem_comp_bond.comp_id 
_chem_comp_bond.atom_id_1 
_chem_comp_bond.atom_id_2 
_chem_comp_bond.value_order 
_chem_comp_bond.pdbx_aromatic_flag 
_chem_comp_bond.pdbx_stereo_config 
_chem_comp_bond.pdbx_ordinal 
DA  OP3   P      sing N N 1   
DA  OP3   HOP3   sing N N 2   
DA  P     OP1    doub N N 3   
DA  P     OP2    sing N N 4   
DA  P     "O5'"  sing N N 5   
DA  OP2   HOP2   sing N N 6   
DA  "O5'" "C5'"  sing N N 7   
DA  "C5'" "C4'"  sing N N 8   
DA  "C5'" "H5'"  sing N N 9   
DA  "C5'" "H5''" sing N N 10  
DA  "C4'" "O4'"  sing N N 11  
DA  "C4'" "C3'"  sing N N 12  
DA  "C4'" "H4'"  sing N N 13  
DA  "O4'" "C1'"  sing N N 14  
DA  "C3'" "O3'"  sing N N 15  
DA  "C3'" "C2'"  sing N N 16  
DA  "C3'" "H3'"  sing N N 17  
DA  "O3'" "HO3'" sing N N 18  
DA  "C2'" "C1'"  sing N N 19  
DA  "C2'" "H2'"  sing N N 20  
DA  "C2'" "H2''" sing N N 21  
DA  "C1'" N9     sing N N 22  
DA  "C1'" "H1'"  sing N N 23  
DA  N9    C8     sing Y N 24  
DA  N9    C4     sing Y N 25  
DA  C8    N7     doub Y N 26  
DA  C8    H8     sing N N 27  
DA  N7    C5     sing Y N 28  
DA  C5    C6     sing Y N 29  
DA  C5    C4     doub Y N 30  
DA  C6    N6     sing N N 31  
DA  C6    N1     doub Y N 32  
DA  N6    H61    sing N N 33  
DA  N6    H62    sing N N 34  
DA  N1    C2     sing Y N 35  
DA  C2    N3     doub Y N 36  
DA  C2    H2     sing N N 37  
DA  N3    C4     sing Y N 38  
DC  OP3   P      sing N N 39  
DC  OP3   HOP3   sing N N 40  
DC  P     OP1    doub N N 41  
DC  P     OP2    sing N N 42  
DC  P     "O5'"  sing N N 43  
DC  OP2   HOP2   sing N N 44  
DC  "O5'" "C5'"  sing N N 45  
DC  "C5'" "C4'"  sing N N 46  
DC  "C5'" "H5'"  sing N N 47  
DC  "C5'" "H5''" sing N N 48  
DC  "C4'" "O4'"  sing N N 49  
DC  "C4'" "C3'"  sing N N 50  
DC  "C4'" "H4'"  sing N N 51  
DC  "O4'" "C1'"  sing N N 52  
DC  "C3'" "O3'"  sing N N 53  
DC  "C3'" "C2'"  sing N N 54  
DC  "C3'" "H3'"  sing N N 55  
DC  "O3'" "HO3'" sing N N 56  
DC  "C2'" "C1'"  sing N N 57  
DC  "C2'" "H2'"  sing N N 58  
DC  "C2'" "H2''" sing N N 59  
DC  "C1'" N1     sing N N 60  
DC  "C1'" "H1'"  sing N N 61  
DC  N1    C2     sing N N 62  
DC  N1    C6     sing N N 63  
DC  C2    O2     doub N N 64  
DC  C2    N3     sing N N 65  
DC  N3    C4     doub N N 66  
DC  C4    N4     sing N N 67  
DC  C4    C5     sing N N 68  
DC  N4    H41    sing N N 69  
DC  N4    H42    sing N N 70  
DC  C5    C6     doub N N 71  
DC  C5    H5     sing N N 72  
DC  C6    H6     sing N N 73  
DG  OP3   P      sing N N 74  
DG  OP3   HOP3   sing N N 75  
DG  P     OP1    doub N N 76  
DG  P     OP2    sing N N 77  
DG  P     "O5'"  sing N N 78  
DG  OP2   HOP2   sing N N 79  
DG  "O5'" "C5'"  sing N N 80  
DG  "C5'" "C4'"  sing N N 81  
DG  "C5'" "H5'"  sing N N 82  
DG  "C5'" "H5''" sing N N 83  
DG  "C4'" "O4'"  sing N N 84  
DG  "C4'" "C3'"  sing N N 85  
DG  "C4'" "H4'"  sing N N 86  
DG  "O4'" "C1'"  sing N N 87  
DG  "C3'" "O3'"  sing N N 88  
DG  "C3'" "C2'"  sing N N 89  
DG  "C3'" "H3'"  sing N N 90  
DG  "O3'" "HO3'" sing N N 91  
DG  "C2'" "C1'"  sing N N 92  
DG  "C2'" "H2'"  sing N N 93  
DG  "C2'" "H2''" sing N N 94  
DG  "C1'" N9     sing N N 95  
DG  "C1'" "H1'"  sing N N 96  
DG  N9    C8     sing Y N 97  
DG  N9    C4     sing Y N 98  
DG  C8    N7     doub Y N 99  
DG  C8    H8     sing N N 100 
DG  N7    C5     sing Y N 101 
DG  C5    C6     sing N N 102 
DG  C5    C4     doub Y N 103 
DG  C6    O6     doub N N 104 
DG  C6    N1     sing N N 105 
DG  N1    C2     sing N N 106 
DG  N1    H1     sing N N 107 
DG  C2    N2     sing N N 108 
DG  C2    N3     doub N N 109 
DG  N2    H21    sing N N 110 
DG  N2    H22    sing N N 111 
DG  N3    C4     sing N N 112 
DT  OP3   P      sing N N 113 
DT  OP3   HOP3   sing N N 114 
DT  P     OP1    doub N N 115 
DT  P     OP2    sing N N 116 
DT  P     "O5'"  sing N N 117 
DT  OP2   HOP2   sing N N 118 
DT  "O5'" "C5'"  sing N N 119 
DT  "C5'" "C4'"  sing N N 120 
DT  "C5'" "H5'"  sing N N 121 
DT  "C5'" "H5''" sing N N 122 
DT  "C4'" "O4'"  sing N N 123 
DT  "C4'" "C3'"  sing N N 124 
DT  "C4'" "H4'"  sing N N 125 
DT  "O4'" "C1'"  sing N N 126 
DT  "C3'" "O3'"  sing N N 127 
DT  "C3'" "C2'"  sing N N 128 
DT  "C3'" "H3'"  sing N N 129 
DT  "O3'" "HO3'" sing N N 130 
DT  "C2'" "C1'"  sing N N 131 
DT  "C2'" "H2'"  sing N N 132 
DT  "C2'" "H2''" sing N N 133 
DT  "C1'" N1     sing N N 134 
DT  "C1'" "H1'"  sing N N 135 
DT  N1    C2     sing N N 136 
DT  N1    C6     sing N N 137 
DT  C2    O2     doub N N 138 
DT  C2    N3     sing N N 139 
DT  N3    C4     sing N N 140 
DT  N3    H3     sing N N 141 
DT  C4    O4     doub N N 142 
DT  C4    C5     sing N N 143 
DT  C5    C7     sing N N 144 
DT  C5    C6     doub N N 145 
DT  C7    H71    sing N N 146 
DT  C7    H72    sing N N 147 
DT  C7    H73    sing N N 148 
DT  C6    H6     sing N N 149 
HOH O     H1     sing N N 150 
HOH O     H2     sing N N 151 
SPM N1    C2     sing N N 152 
SPM N1    HN11   sing N N 153 
SPM N1    HN12   sing N N 154 
SPM C2    C3     sing N N 155 
SPM C2    H21    sing N N 156 
SPM C2    H22    sing N N 157 
SPM C3    C4     sing N N 158 
SPM C3    H31    sing N N 159 
SPM C3    H32    sing N N 160 
SPM C4    N5     sing N N 161 
SPM C4    H41    sing N N 162 
SPM C4    H42    sing N N 163 
SPM N5    C6     sing N N 164 
SPM N5    HN5    sing N N 165 
SPM C6    C7     sing N N 166 
SPM C6    H61    sing N N 167 
SPM C6    H62    sing N N 168 
SPM C7    C8     sing N N 169 
SPM C7    H71    sing N N 170 
SPM C7    H72    sing N N 171 
SPM C8    C9     sing N N 172 
SPM C8    H81    sing N N 173 
SPM C8    H82    sing N N 174 
SPM C9    N10    sing N N 175 
SPM C9    H91    sing N N 176 
SPM C9    H92    sing N N 177 
SPM N10   C11    sing N N 178 
SPM N10   HN0    sing N N 179 
SPM C11   C12    sing N N 180 
SPM C11   H111   sing N N 181 
SPM C11   H112   sing N N 182 
SPM C12   C13    sing N N 183 
SPM C12   H121   sing N N 184 
SPM C12   H122   sing N N 185 
SPM C13   N14    sing N N 186 
SPM C13   H131   sing N N 187 
SPM C13   H132   sing N N 188 
SPM N14   HN41   sing N N 189 
SPM N14   HN42   sing N N 190 
# 
_ndb_struct_conf_na.entry_id   1FQ2 
_ndb_struct_conf_na.feature    'b-form double helix' 
# 
loop_
_ndb_struct_na_base_pair.model_number 
_ndb_struct_na_base_pair.i_label_asym_id 
_ndb_struct_na_base_pair.i_label_comp_id 
_ndb_struct_na_base_pair.i_label_seq_id 
_ndb_struct_na_base_pair.i_symmetry 
_ndb_struct_na_base_pair.j_label_asym_id 
_ndb_struct_na_base_pair.j_label_comp_id 
_ndb_struct_na_base_pair.j_label_seq_id 
_ndb_struct_na_base_pair.j_symmetry 
_ndb_struct_na_base_pair.shear 
_ndb_struct_na_base_pair.stretch 
_ndb_struct_na_base_pair.stagger 
_ndb_struct_na_base_pair.buckle 
_ndb_struct_na_base_pair.propeller 
_ndb_struct_na_base_pair.opening 
_ndb_struct_na_base_pair.pair_number 
_ndb_struct_na_base_pair.pair_name 
_ndb_struct_na_base_pair.i_auth_asym_id 
_ndb_struct_na_base_pair.i_auth_seq_id 
_ndb_struct_na_base_pair.i_PDB_ins_code 
_ndb_struct_na_base_pair.j_auth_asym_id 
_ndb_struct_na_base_pair.j_auth_seq_id 
_ndb_struct_na_base_pair.j_PDB_ins_code 
_ndb_struct_na_base_pair.hbond_type_28 
_ndb_struct_na_base_pair.hbond_type_12 
1 A DC 1  1_555 B DG 12 1_555 0.260  0.004  0.040  8.282   -15.433 -0.155 1  A_DC1:DG12_B A 1  ? B 12 ? 19 1 
1 A DG 2  1_555 B DC 11 1_555 -0.271 -0.089 0.538  9.176   -14.039 -3.064 2  A_DG2:DC11_B A 2  ? B 11 ? 19 1 
1 A DC 3  1_555 B DG 10 1_555 0.119  -0.030 0.102  -0.975  -6.730  -1.279 3  A_DC3:DG10_B A 3  ? B 10 ? 19 1 
1 A DG 4  1_555 B DC 9  1_555 -0.265 0.089  -0.015 12.742  -7.955  1.004  4  A_DG4:DC9_B  A 4  ? B 9  ? 19 1 
1 A DA 5  1_555 B DT 8  1_555 -0.027 0.036  -0.017 6.188   -14.589 3.189  5  A_DA5:DT8_B  A 5  ? B 8  ? 20 1 
1 A DA 6  1_555 B DT 7  1_555 0.075  0.057  0.000  0.787   -14.955 4.907  6  A_DA6:DT7_B  A 6  ? B 7  ? 20 1 
1 A DT 7  1_555 B DA 6  1_555 -0.035 0.004  0.069  -0.253  -14.925 2.630  7  A_DT7:DA6_B  A 7  ? B 6  ? 20 1 
1 A DT 8  1_555 B DA 5  1_555 -0.075 -0.033 -0.087 -1.607  -13.507 3.710  8  A_DT8:DA5_B  A 8  ? B 5  ? 20 1 
1 A DC 9  1_555 B DG 4  1_555 0.139  -0.012 0.027  -11.738 -8.776  -2.013 9  A_DC9:DG4_B  A 9  ? B 4  ? 19 1 
1 A DG 10 1_555 B DC 3  1_555 -0.104 0.028  0.306  4.791   -10.045 2.288  10 A_DG10:DC3_B A 10 ? B 3  ? 19 1 
1 A DC 11 1_555 B DG 2  1_555 0.088  -0.054 0.152  0.721   -17.276 -3.066 11 A_DC11:DG2_B A 11 ? B 2  ? 19 1 
1 A DG 12 1_555 B DC 1  1_555 -0.197 0.052  0.230  4.871   -1.936  -1.636 12 A_DG12:DC1_B A 12 ? B 1  ? 19 1 
# 
loop_
_ndb_struct_na_base_pair_step.model_number 
_ndb_struct_na_base_pair_step.i_label_asym_id_1 
_ndb_struct_na_base_pair_step.i_label_comp_id_1 
_ndb_struct_na_base_pair_step.i_label_seq_id_1 
_ndb_struct_na_base_pair_step.i_symmetry_1 
_ndb_struct_na_base_pair_step.j_label_asym_id_1 
_ndb_struct_na_base_pair_step.j_label_comp_id_1 
_ndb_struct_na_base_pair_step.j_label_seq_id_1 
_ndb_struct_na_base_pair_step.j_symmetry_1 
_ndb_struct_na_base_pair_step.i_label_asym_id_2 
_ndb_struct_na_base_pair_step.i_label_comp_id_2 
_ndb_struct_na_base_pair_step.i_label_seq_id_2 
_ndb_struct_na_base_pair_step.i_symmetry_2 
_ndb_struct_na_base_pair_step.j_label_asym_id_2 
_ndb_struct_na_base_pair_step.j_label_comp_id_2 
_ndb_struct_na_base_pair_step.j_label_seq_id_2 
_ndb_struct_na_base_pair_step.j_symmetry_2 
_ndb_struct_na_base_pair_step.shift 
_ndb_struct_na_base_pair_step.slide 
_ndb_struct_na_base_pair_step.rise 
_ndb_struct_na_base_pair_step.tilt 
_ndb_struct_na_base_pair_step.roll 
_ndb_struct_na_base_pair_step.twist 
_ndb_struct_na_base_pair_step.x_displacement 
_ndb_struct_na_base_pair_step.y_displacement 
_ndb_struct_na_base_pair_step.helical_rise 
_ndb_struct_na_base_pair_step.inclination 
_ndb_struct_na_base_pair_step.tip 
_ndb_struct_na_base_pair_step.helical_twist 
_ndb_struct_na_base_pair_step.step_number 
_ndb_struct_na_base_pair_step.step_name 
_ndb_struct_na_base_pair_step.i_auth_asym_id_1 
_ndb_struct_na_base_pair_step.i_auth_seq_id_1 
_ndb_struct_na_base_pair_step.i_PDB_ins_code_1 
_ndb_struct_na_base_pair_step.j_auth_asym_id_1 
_ndb_struct_na_base_pair_step.j_auth_seq_id_1 
_ndb_struct_na_base_pair_step.j_PDB_ins_code_1 
_ndb_struct_na_base_pair_step.i_auth_asym_id_2 
_ndb_struct_na_base_pair_step.i_auth_seq_id_2 
_ndb_struct_na_base_pair_step.i_PDB_ins_code_2 
_ndb_struct_na_base_pair_step.j_auth_asym_id_2 
_ndb_struct_na_base_pair_step.j_auth_seq_id_2 
_ndb_struct_na_base_pair_step.j_PDB_ins_code_2 
1 A DC 1  1_555 B DG 12 1_555 A DG 2  1_555 B DC 11 1_555 0.032  0.010  3.315 -3.345 7.524  32.941 -1.208 -0.600 3.221 13.017  
5.787  33.927 1  AA_DC1DG2:DC11DG12_BB A 1  ? B 12 ? A 2  ? B 11 ? 
1 A DG 2  1_555 B DC 11 1_555 A DC 3  1_555 B DG 10 1_555 0.510  0.663  3.624 3.608  -8.938 43.878 1.757  -0.310 3.461 -11.792 
-4.760 44.873 2  AA_DG2DC3:DG10DC11_BB A 2  ? B 11 ? A 3  ? B 10 ? 
1 A DC 3  1_555 B DG 10 1_555 A DG 4  1_555 B DC 9  1_555 -0.141 0.550  3.135 1.133  10.439 25.563 -1.372 0.570  3.106 22.423  
-2.433 27.602 3  AA_DC3DG4:DC9DG10_BB  A 3  ? B 10 ? A 4  ? B 9  ? 
1 A DG 4  1_555 B DC 9  1_555 A DA 5  1_555 B DT 8  1_555 -0.243 -0.137 3.410 -0.424 2.595  37.832 -0.556 0.317  3.396 3.997   
0.653  37.920 4  AA_DG4DA5:DT8DC9_BB   A 4  ? B 9  ? A 5  ? B 8  ? 
1 A DA 5  1_555 B DT 8  1_555 A DA 6  1_555 B DT 7  1_555 0.127  -0.356 3.409 -0.321 -0.002 36.787 -0.563 -0.246 3.408 -0.004  
0.509  36.788 5  AA_DA5DA6:DT7DT8_BB   A 5  ? B 8  ? A 6  ? B 7  ? 
1 A DA 6  1_555 B DT 7  1_555 A DT 7  1_555 B DA 6  1_555 -0.019 -0.626 3.259 -0.229 -0.956 32.391 -0.953 -0.006 3.276 -1.712  
0.411  32.405 6  AA_DA6DT7:DA6DT7_BB   A 6  ? B 7  ? A 7  ? B 6  ? 
1 A DT 7  1_555 B DA 6  1_555 A DT 8  1_555 B DA 5  1_555 -0.088 -0.439 3.256 1.680  -2.073 33.706 -0.420 0.422  3.268 -3.568  
-2.892 33.808 7  AA_DT7DT8:DA5DA6_BB   A 7  ? B 6  ? A 8  ? B 5  ? 
1 A DT 8  1_555 B DA 5  1_555 A DC 9  1_555 B DG 4  1_555 -0.233 -0.301 3.499 0.404  -1.305 42.461 -0.273 0.365  3.504 -1.802  
-0.557 42.482 8  AA_DT8DC9:DG4DA5_BB   A 8  ? B 5  ? A 9  ? B 4  ? 
1 A DC 9  1_555 B DG 4  1_555 A DG 10 1_555 B DC 3  1_555 0.697  0.725  3.085 -4.003 4.369  26.512 0.505  -2.438 3.027 9.379   
8.592  27.154 9  AA_DC9DG10:DC3DG4_BB  A 9  ? B 4  ? A 10 ? B 3  ? 
1 A DG 10 1_555 B DC 3  1_555 A DC 11 1_555 B DG 2  1_555 -1.358 0.393  3.425 -2.604 -9.395 41.480 1.537  1.594  3.339 -13.048 
3.617  42.561 10 AA_DG10DC11:DG2DC3_BB A 10 ? B 3  ? A 11 ? B 2  ? 
1 A DC 11 1_555 B DG 2  1_555 A DG 12 1_555 B DC 1  1_555 -0.298 0.172  3.220 -1.023 4.863  33.205 -0.491 0.349  3.220 8.450   
1.777  33.564 11 AA_DC11DG12:DC1DG2_BB A 11 ? B 2  ? A 12 ? B 1  ? 
# 
_atom_sites.entry_id                    1FQ2 
_atom_sites.fract_transf_matrix[1][1]   0.01091724 
_atom_sites.fract_transf_matrix[1][2]   0.00878579 
_atom_sites.fract_transf_matrix[1][3]   0.03648216 
_atom_sites.fract_transf_matrix[2][1]   0.01068698 
_atom_sites.fract_transf_matrix[2][2]   0.02049024 
_atom_sites.fract_transf_matrix[2][3]   -0.00813261 
_atom_sites.fract_transf_matrix[3][1]   -0.01282985 
_atom_sites.fract_transf_matrix[3][2]   0.00749867 
_atom_sites.fract_transf_matrix[3][3]   0.00203345 
_atom_sites.fract_transf_vector[1]      0.572047 
_atom_sites.fract_transf_vector[2]      0.519693 
_atom_sites.fract_transf_vector[3]      0.137606 
# 
loop_
_atom_type.symbol 
C  
MG 
N  
O  
P  
# 
loop_
_atom_site.group_PDB 
_atom_site.id 
_atom_site.type_symbol 
_atom_site.label_atom_id 
_atom_site.label_alt_id 
_atom_site.label_comp_id 
_atom_site.label_asym_id 
_atom_site.label_entity_id 
_atom_site.label_seq_id 
_atom_site.pdbx_PDB_ins_code 
_atom_site.Cartn_x 
_atom_site.Cartn_y 
_atom_site.Cartn_z 
_atom_site.occupancy 
_atom_site.B_iso_or_equiv 
_atom_site.pdbx_formal_charge 
_atom_site.auth_seq_id 
_atom_site.auth_comp_id 
_atom_site.auth_asym_id 
_atom_site.auth_atom_id 
_atom_site.pdbx_PDB_model_num 
ATOM   1   O  "O5'" . DC  A 1 1  ? -4.624  20.582  3.006   1.00 18.52 ? 1    DC  A "O5'" 1 
ATOM   2   C  "C5'" . DC  A 1 1  ? -5.628  19.573  2.806   1.00 15.98 ? 1    DC  A "C5'" 1 
ATOM   3   C  "C4'" . DC  A 1 1  ? -5.862  18.803  4.088   1.00 14.53 ? 1    DC  A "C4'" 1 
ATOM   4   O  "O4'" . DC  A 1 1  ? -7.053  18.013  3.966   1.00 13.02 ? 1    DC  A "O4'" 1 
ATOM   5   C  "C3'" . DC  A 1 1  ? -4.760  17.819  4.443   1.00 14.99 ? 1    DC  A "C3'" 1 
ATOM   6   O  "O3'" . DC  A 1 1  ? -4.552  17.832  5.858   1.00 16.15 ? 1    DC  A "O3'" 1 
ATOM   7   C  "C2'" . DC  A 1 1  ? -5.267  16.493  3.893   1.00 13.70 ? 1    DC  A "C2'" 1 
ATOM   8   C  "C1'" . DC  A 1 1  ? -6.760  16.587  4.092   1.00 14.26 ? 1    DC  A "C1'" 1 
ATOM   9   N  N1    . DC  A 1 1  ? -7.644  15.883  3.156   1.00 11.45 ? 1    DC  A N1    1 
ATOM   10  C  C2    . DC  A 1 1  ? -8.775  15.234  3.663   1.00 11.92 ? 1    DC  A C2    1 
ATOM   11  O  O2    . DC  A 1 1  ? -9.017  15.255  4.900   1.00 13.82 ? 1    DC  A O2    1 
ATOM   12  N  N3    . DC  A 1 1  ? -9.686  14.653  2.859   1.00 12.03 ? 1    DC  A N3    1 
ATOM   13  C  C4    . DC  A 1 1  ? -9.424  14.683  1.517   1.00 12.33 ? 1    DC  A C4    1 
ATOM   14  N  N4    . DC  A 1 1  ? -10.316 14.074  0.713   1.00 13.23 ? 1    DC  A N4    1 
ATOM   15  C  C5    . DC  A 1 1  ? -8.284  15.304  0.949   1.00 12.04 ? 1    DC  A C5    1 
ATOM   16  C  C6    . DC  A 1 1  ? -7.460  15.906  1.797   1.00 12.01 ? 1    DC  A C6    1 
ATOM   17  P  P     . DG  A 1 2  ? -3.430  17.031  6.627   1.00 17.66 ? 2    DG  A P     1 
ATOM   18  O  OP1   . DG  A 1 2  ? -3.089  17.708  7.918   1.00 20.07 ? 2    DG  A OP1   1 
ATOM   19  O  OP2   . DG  A 1 2  ? -2.318  16.749  5.658   1.00 18.85 ? 2    DG  A OP2   1 
ATOM   20  O  "O5'" . DG  A 1 2  ? -4.072  15.597  6.999   1.00 16.17 ? 2    DG  A "O5'" 1 
ATOM   21  C  "C5'" . DG  A 1 2  ? -5.086  15.507  7.995   1.00 18.78 ? 2    DG  A "C5'" 1 
ATOM   22  C  "C4'" . DG  A 1 2  ? -5.400  14.048  8.263   1.00 14.53 ? 2    DG  A "C4'" 1 
ATOM   23  O  "O4'" . DG  A 1 2  ? -6.186  13.508  7.198   1.00 15.41 ? 2    DG  A "O4'" 1 
ATOM   24  C  "C3'" . DG  A 1 2  ? -4.195  13.131  8.322   1.00 15.40 ? 2    DG  A "C3'" 1 
ATOM   25  O  "O3'" . DG  A 1 2  ? -4.408  12.197  9.364   1.00 19.94 ? 2    DG  A "O3'" 1 
ATOM   26  C  "C2'" . DG  A 1 2  ? -4.164  12.470  6.989   1.00 17.40 ? 2    DG  A "C2'" 1 
ATOM   27  C  "C1'" . DG  A 1 2  ? -5.657  12.314  6.651   1.00 13.83 ? 2    DG  A "C1'" 1 
ATOM   28  N  N9    . DG  A 1 2  ? -6.067  12.259  5.247   1.00 13.27 ? 2    DG  A N9    1 
ATOM   29  C  C8    . DG  A 1 2  ? -5.475  12.756  4.106   1.00 13.16 ? 2    DG  A C8    1 
ATOM   30  N  N7    . DG  A 1 2  ? -6.168  12.517  2.994   1.00 12.43 ? 2    DG  A N7    1 
ATOM   31  C  C5    . DG  A 1 2  ? -7.275  11.812  3.462   1.00 11.26 ? 2    DG  A C5    1 
ATOM   32  C  C6    . DG  A 1 2  ? -8.376  11.264  2.740   1.00 10.93 ? 2    DG  A C6    1 
ATOM   33  O  O6    . DG  A 1 2  ? -8.593  11.322  1.489   1.00 11.90 ? 2    DG  A O6    1 
ATOM   34  N  N1    . DG  A 1 2  ? -9.314  10.608  3.550   1.00 12.35 ? 2    DG  A N1    1 
ATOM   35  C  C2    . DG  A 1 2  ? -9.152  10.520  4.937   1.00 11.18 ? 2    DG  A C2    1 
ATOM   36  N  N2    . DG  A 1 2  ? -10.153 9.863   5.546   1.00 11.24 ? 2    DG  A N2    1 
ATOM   37  N  N3    . DG  A 1 2  ? -8.129  11.026  5.623   1.00 11.72 ? 2    DG  A N3    1 
ATOM   38  C  C4    . DG  A 1 2  ? -7.238  11.644  4.811   1.00 11.86 ? 2    DG  A C4    1 
ATOM   39  P  P     . DC  A 1 3  ? -3.404  11.391  10.237  1.00 17.93 ? 3    DC  A P     1 
ATOM   40  O  OP1   . DC  A 1 3  ? -3.098  12.094  11.508  1.00 32.51 ? 3    DC  A OP1   1 
ATOM   41  O  OP2   . DC  A 1 3  ? -2.212  11.025  9.425   1.00 31.79 ? 3    DC  A OP2   1 
ATOM   42  O  "O5'" . DC  A 1 3  ? -4.168  10.024  10.627  1.00 19.12 ? 3    DC  A "O5'" 1 
ATOM   43  C  "C5'" . DC  A 1 3  ? -5.573  9.984   10.901  1.00 17.68 ? 3    DC  A "C5'" 1 
ATOM   44  C  "C4'" . DC  A 1 3  ? -6.246  8.873   10.105  1.00 14.24 ? 3    DC  A "C4'" 1 
ATOM   45  O  "O4'" . DC  A 1 3  ? -6.270  9.227   8.718   1.00 17.14 ? 3    DC  A "O4'" 1 
ATOM   46  C  "C3'" . DC  A 1 3  ? -5.568  7.495   10.186  1.00 15.98 ? 3    DC  A "C3'" 1 
ATOM   47  O  "O3'" . DC  A 1 3  ? -6.221  6.705   11.179  1.00 20.95 ? 3    DC  A "O3'" 1 
ATOM   48  C  "C2'" . DC  A 1 3  ? -5.673  6.948   8.790   1.00 21.06 ? 3    DC  A "C2'" 1 
ATOM   49  C  "C1'" . DC  A 1 3  ? -6.416  7.982   7.982   1.00 17.08 ? 3    DC  A "C1'" 1 
ATOM   50  N  N1    . DC  A 1 3  ? -5.937  8.300   6.632   1.00 15.24 ? 3    DC  A N1    1 
ATOM   51  C  C2    . DC  A 1 3  ? -6.711  8.005   5.514   1.00 12.04 ? 3    DC  A C2    1 
ATOM   52  O  O2    . DC  A 1 3  ? -7.805  7.393   5.654   1.00 14.52 ? 3    DC  A O2    1 
ATOM   53  N  N3    . DC  A 1 3  ? -6.290  8.355   4.275   1.00 14.13 ? 3    DC  A N3    1 
ATOM   54  C  C4    . DC  A 1 3  ? -5.091  8.952   4.114   1.00 16.08 ? 3    DC  A C4    1 
ATOM   55  N  N4    . DC  A 1 3  ? -4.726  9.284   2.890   1.00 15.45 ? 3    DC  A N4    1 
ATOM   56  C  C5    . DC  A 1 3  ? -4.237  9.215   5.239   1.00 16.50 ? 3    DC  A C5    1 
ATOM   57  C  C6    . DC  A 1 3  ? -4.707  8.872   6.439   1.00 18.34 ? 3    DC  A C6    1 
ATOM   58  P  P     . DG  A 1 4  ? -5.655  5.322   11.741  1.00 26.43 ? 4    DG  A P     1 
ATOM   59  O  OP1   . DG  A 1 4  ? -6.308  5.099   13.052  1.00 67.80 ? 4    DG  A OP1   1 
ATOM   60  O  OP2   . DG  A 1 4  ? -4.172  5.356   11.708  1.00 26.72 ? 4    DG  A OP2   1 
ATOM   61  O  "O5'" . DG  A 1 4  ? -6.151  4.226   10.697  1.00 19.71 ? 4    DG  A "O5'" 1 
ATOM   62  C  "C5'" . DG  A 1 4  ? -7.546  3.901   10.585  1.00 19.95 ? 4    DG  A "C5'" 1 
ATOM   63  C  "C4'" . DG  A 1 4  ? -7.725  2.926   9.442   1.00 19.87 ? 4    DG  A "C4'" 1 
ATOM   64  O  "O4'" . DG  A 1 4  ? -7.383  3.625   8.216   1.00 23.72 ? 4    DG  A "O4'" 1 
ATOM   65  C  "C3'" . DG  A 1 4  ? -6.867  1.687   9.498   1.00 20.49 ? 4    DG  A "C3'" 1 
ATOM   66  O  "O3'" . DG  A 1 4  ? -7.560  0.495   9.172   1.00 40.81 ? 4    DG  A "O3'" 1 
ATOM   67  C  "C2'" . DG  A 1 4  ? -5.800  1.932   8.444   1.00 28.24 ? 4    DG  A "C2'" 1 
ATOM   68  C  "C1'" . DG  A 1 4  ? -6.558  2.807   7.432   1.00 21.68 ? 4    DG  A "C1'" 1 
ATOM   69  N  N9    . DG  A 1 4  ? -5.709  3.669   6.577   1.00 18.73 ? 4    DG  A N9    1 
ATOM   70  C  C8    . DG  A 1 4  ? -4.542  4.329   6.943   1.00 27.20 ? 4    DG  A C8    1 
ATOM   71  N  N7    . DG  A 1 4  ? -4.026  5.043   5.964   1.00 24.64 ? 4    DG  A N7    1 
ATOM   72  C  C5    . DG  A 1 4  ? -4.930  4.862   4.907   1.00 22.59 ? 4    DG  A C5    1 
ATOM   73  C  C6    . DG  A 1 4  ? -4.912  5.364   3.566   1.00 19.58 ? 4    DG  A C6    1 
ATOM   74  O  O6    . DG  A 1 4  ? -4.103  6.106   2.985   1.00 20.70 ? 4    DG  A O6    1 
ATOM   75  N  N1    . DG  A 1 4  ? -5.989  4.909   2.814   1.00 17.33 ? 4    DG  A N1    1 
ATOM   76  C  C2    . DG  A 1 4  ? -6.970  4.082   3.285   1.00 21.86 ? 4    DG  A C2    1 
ATOM   77  N  N2    . DG  A 1 4  ? -7.924  3.782   2.364   1.00 17.67 ? 4    DG  A N2    1 
ATOM   78  N  N3    . DG  A 1 4  ? -7.007  3.617   4.518   1.00 20.67 ? 4    DG  A N3    1 
ATOM   79  C  C4    . DG  A 1 4  ? -5.971  4.036   5.283   1.00 21.08 ? 4    DG  A C4    1 
ATOM   80  P  P     . DA  A 1 5  ? -7.130  -1.026  9.011   1.00 26.00 ? 5    DA  A P     1 
ATOM   81  O  OP1   . DA  A 1 5  ? -8.024  -1.839  9.904   1.00 49.29 ? 5    DA  A OP1   1 
ATOM   82  O  OP2   . DA  A 1 5  ? -5.668  -1.213  9.164   1.00 40.31 ? 5    DA  A OP2   1 
ATOM   83  O  "O5'" . DA  A 1 5  ? -7.553  -1.329  7.532   1.00 21.53 ? 5    DA  A "O5'" 1 
ATOM   84  C  "C5'" . DA  A 1 5  ? -8.891  -1.148  7.079   1.00 17.87 ? 5    DA  A "C5'" 1 
ATOM   85  C  "C4'" . DA  A 1 5  ? -8.960  -1.258  5.594   1.00 20.89 ? 5    DA  A "C4'" 1 
ATOM   86  O  "O4'" . DA  A 1 5  ? -8.112  -0.246  4.969   1.00 20.33 ? 5    DA  A "O4'" 1 
ATOM   87  C  "C3'" . DA  A 1 5  ? -8.500  -2.629  5.067   1.00 19.93 ? 5    DA  A "C3'" 1 
ATOM   88  O  "O3'" . DA  A 1 5  ? -9.480  -3.177  4.175   1.00 16.15 ? 5    DA  A "O3'" 1 
ATOM   89  C  "C2'" . DA  A 1 5  ? -7.169  -2.316  4.437   1.00 17.52 ? 5    DA  A "C2'" 1 
ATOM   90  C  "C1'" . DA  A 1 5  ? -7.265  -0.877  3.984   1.00 17.06 ? 5    DA  A "C1'" 1 
ATOM   91  N  N9    . DA  A 1 5  ? -6.063  -0.039  3.986   1.00 16.62 ? 5    DA  A N9    1 
ATOM   92  C  C8    . DA  A 1 5  ? -5.238  0.201   5.051   1.00 17.97 ? 5    DA  A C8    1 
ATOM   93  N  N7    . DA  A 1 5  ? -4.232  1.019   4.803   1.00 16.82 ? 5    DA  A N7    1 
ATOM   94  C  C5    . DA  A 1 5  ? -4.437  1.340   3.471   1.00 13.17 ? 5    DA  A C5    1 
ATOM   95  C  C6    . DA  A 1 5  ? -3.734  2.221   2.610   1.00 17.96 ? 5    DA  A C6    1 
ATOM   96  N  N6    . DA  A 1 5  ? -2.624  2.902   2.931   1.00 17.10 ? 5    DA  A N6    1 
ATOM   97  N  N1    . DA  A 1 5  ? -4.185  2.341   1.332   1.00 15.95 ? 5    DA  A N1    1 
ATOM   98  C  C2    . DA  A 1 5  ? -5.276  1.661   0.995   1.00 17.21 ? 5    DA  A C2    1 
ATOM   99  N  N3    . DA  A 1 5  ? -6.054  0.866   1.735   1.00 17.30 ? 5    DA  A N3    1 
ATOM   100 C  C4    . DA  A 1 5  ? -5.553  0.715   2.963   1.00 17.01 ? 5    DA  A C4    1 
ATOM   101 P  P     . DA  A 1 6  ? -9.322  -4.512  3.323   1.00 16.99 ? 6    DA  A P     1 
ATOM   102 O  OP1   . DA  A 1 6  ? -10.690 -4.929  2.928   1.00 17.75 ? 6    DA  A OP1   1 
ATOM   103 O  OP2   . DA  A 1 6  ? -8.492  -5.517  4.033   1.00 18.10 ? 6    DA  A OP2   1 
ATOM   104 O  "O5'" . DA  A 1 6  ? -8.498  -4.103  1.994   1.00 16.46 ? 6    DA  A "O5'" 1 
ATOM   105 C  "C5'" . DA  A 1 6  ? -9.129  -3.286  1.004   1.00 18.33 ? 6    DA  A "C5'" 1 
ATOM   106 C  "C4'" . DA  A 1 6  ? -8.188  -3.136  -0.166  1.00 13.60 ? 6    DA  A "C4'" 1 
ATOM   107 O  "O4'" . DA  A 1 6  ? -7.060  -2.305  0.193   1.00 14.70 ? 6    DA  A "O4'" 1 
ATOM   108 C  "C3'" . DA  A 1 6  ? -7.610  -4.458  -0.676  1.00 12.00 ? 6    DA  A "C3'" 1 
ATOM   109 O  "O3'" . DA  A 1 6  ? -7.951  -4.581  -2.053  1.00 13.39 ? 6    DA  A "O3'" 1 
ATOM   110 C  "C2'" . DA  A 1 6  ? -6.129  -4.344  -0.393  1.00 13.23 ? 6    DA  A "C2'" 1 
ATOM   111 C  "C1'" . DA  A 1 6  ? -5.831  -2.853  -0.324  1.00 13.13 ? 6    DA  A "C1'" 1 
ATOM   112 N  N9    . DA  A 1 6  ? -4.746  -2.357  0.553   1.00 11.70 ? 6    DA  A N9    1 
ATOM   113 C  C8    . DA  A 1 6  ? -4.560  -2.695  1.858   1.00 12.88 ? 6    DA  A C8    1 
ATOM   114 N  N7    . DA  A 1 6  ? -3.496  -2.118  2.421   1.00 12.84 ? 6    DA  A N7    1 
ATOM   115 C  C5    . DA  A 1 6  ? -3.014  -1.295  1.399   1.00 12.62 ? 6    DA  A C5    1 
ATOM   116 C  C6    . DA  A 1 6  ? -1.922  -0.405  1.349   1.00 11.62 ? 6    DA  A C6    1 
ATOM   117 N  N6    . DA  A 1 6  ? -1.107  -0.131  2.384   1.00 12.87 ? 6    DA  A N6    1 
ATOM   118 N  N1    . DA  A 1 6  ? -1.661  0.226   0.178   1.00 12.64 ? 6    DA  A N1    1 
ATOM   119 C  C2    . DA  A 1 6  ? -2.483  -0.002  -0.836  1.00 12.62 ? 6    DA  A C2    1 
ATOM   120 N  N3    . DA  A 1 6  ? -3.530  -0.830  -0.926  1.00 13.32 ? 6    DA  A N3    1 
ATOM   121 C  C4    . DA  A 1 6  ? -3.800  -1.426  0.258   1.00 11.08 ? 6    DA  A C4    1 
ATOM   122 P  P     . DT  A 1 7  ? -7.486  -5.736  -3.068  1.00 13.42 ? 7    DT  A P     1 
ATOM   123 O  OP1   . DT  A 1 7  ? -8.542  -5.817  -4.096  1.00 14.75 ? 7    DT  A OP1   1 
ATOM   124 O  OP2   . DT  A 1 7  ? -7.107  -6.973  -2.333  1.00 13.22 ? 7    DT  A OP2   1 
ATOM   125 O  "O5'" . DT  A 1 7  ? -6.158  -5.113  -3.702  1.00 13.16 ? 7    DT  A "O5'" 1 
ATOM   126 C  "C5'" . DT  A 1 7  ? -6.189  -3.842  -4.380  1.00 13.83 ? 7    DT  A "C5'" 1 
ATOM   127 C  "C4'" . DT  A 1 7  ? -4.754  -3.449  -4.720  1.00 13.26 ? 7    DT  A "C4'" 1 
ATOM   128 O  "O4'" . DT  A 1 7  ? -4.014  -3.160  -3.494  1.00 13.91 ? 7    DT  A "O4'" 1 
ATOM   129 C  "C3'" . DT  A 1 7  ? -3.945  -4.496  -5.497  1.00 15.75 ? 7    DT  A "C3'" 1 
ATOM   130 O  "O3'" . DT  A 1 7  ? -3.791  -4.002  -6.834  1.00 15.74 ? 7    DT  A "O3'" 1 
ATOM   131 C  "C2'" . DT  A 1 7  ? -2.664  -4.647  -4.727  1.00 13.79 ? 7    DT  A "C2'" 1 
ATOM   132 C  "C1'" . DT  A 1 7  ? -2.595  -3.453  -3.809  1.00 13.69 ? 7    DT  A "C1'" 1 
ATOM   133 N  N1    . DT  A 1 7  ? -1.939  -3.519  -2.496  1.00 12.01 ? 7    DT  A N1    1 
ATOM   134 C  C2    . DT  A 1 7  ? -0.871  -2.695  -2.221  1.00 13.03 ? 7    DT  A C2    1 
ATOM   135 O  O2    . DT  A 1 7  ? -0.394  -1.897  -3.032  1.00 13.56 ? 7    DT  A O2    1 
ATOM   136 N  N3    . DT  A 1 7  ? -0.313  -2.777  -0.958  1.00 12.70 ? 7    DT  A N3    1 
ATOM   137 C  C4    . DT  A 1 7  ? -0.753  -3.577  0.099   1.00 12.05 ? 7    DT  A C4    1 
ATOM   138 O  O4    . DT  A 1 7  ? -0.153  -3.531  1.186   1.00 12.50 ? 7    DT  A O4    1 
ATOM   139 C  C5    . DT  A 1 7  ? -1.866  -4.462  -0.238  1.00 12.02 ? 7    DT  A C5    1 
ATOM   140 C  C7    . DT  A 1 7  ? -2.398  -5.387  0.816   1.00 14.52 ? 7    DT  A C7    1 
ATOM   141 C  C6    . DT  A 1 7  ? -2.360  -4.374  -1.486  1.00 14.28 ? 7    DT  A C6    1 
ATOM   142 P  P     . DT  A 1 8  ? -2.976  -4.754  -7.993  1.00 16.65 ? 8    DT  A P     1 
ATOM   143 O  OP1   . DT  A 1 8  ? -3.482  -4.259  -9.298  1.00 20.10 ? 8    DT  A OP1   1 
ATOM   144 O  OP2   . DT  A 1 8  ? -2.939  -6.220  -7.698  1.00 20.48 ? 8    DT  A OP2   1 
ATOM   145 O  "O5'" . DT  A 1 8  ? -1.463  -4.284  -7.776  1.00 16.32 ? 8    DT  A "O5'" 1 
ATOM   146 C  "C5'" . DT  A 1 8  ? -1.110  -2.921  -7.945  1.00 15.57 ? 8    DT  A "C5'" 1 
ATOM   147 C  "C4'" . DT  A 1 8  ? 0.336   -2.676  -7.585  1.00 14.95 ? 8    DT  A "C4'" 1 
ATOM   148 O  "O4'" . DT  A 1 8  ? 0.490   -2.912  -6.149  1.00 13.31 ? 8    DT  A "O4'" 1 
ATOM   149 C  "C3'" . DT  A 1 8  ? 1.365   -3.543  -8.309  1.00 15.51 ? 8    DT  A "C3'" 1 
ATOM   150 O  "O3'" . DT  A 1 8  ? 2.149   -2.702  -9.151  1.00 16.87 ? 8    DT  A "O3'" 1 
ATOM   151 C  "C2'" . DT  A 1 8  ? 2.135   -4.187  -7.208  1.00 13.50 ? 8    DT  A "C2'" 1 
ATOM   152 C  "C1'" . DT  A 1 8  ? 1.868   -3.357  -5.983  1.00 15.67 ? 8    DT  A "C1'" 1 
ATOM   153 N  N1    . DT  A 1 8  ? 1.889   -3.972  -4.632  1.00 12.13 ? 8    DT  A N1    1 
ATOM   154 C  C2    . DT  A 1 8  ? 2.761   -3.480  -3.687  1.00 12.99 ? 8    DT  A C2    1 
ATOM   155 O  O2    . DT  A 1 8  ? 3.558   -2.555  -3.856  1.00 11.95 ? 8    DT  A O2    1 
ATOM   156 N  N3    . DT  A 1 8  ? 2.688   -4.072  -2.434  1.00 11.24 ? 8    DT  A N3    1 
ATOM   157 C  C4    . DT  A 1 8  ? 1.848   -5.111  -2.082  1.00 11.74 ? 8    DT  A C4    1 
ATOM   158 O  O4    . DT  A 1 8  ? 1.884   -5.562  -0.937  1.00 10.92 ? 8    DT  A O4    1 
ATOM   159 C  C5    . DT  A 1 8  ? 0.991   -5.657  -3.146  1.00 11.32 ? 8    DT  A C5    1 
ATOM   160 C  C7    . DT  A 1 8  ? 0.056   -6.788  -2.795  1.00 14.07 ? 8    DT  A C7    1 
ATOM   161 C  C6    . DT  A 1 8  ? 1.019   -5.033  -4.336  1.00 12.18 ? 8    DT  A C6    1 
ATOM   162 P  P     . DC  A 1 9  ? 3.519   -3.080  -9.849  1.00 16.10 ? 9    DC  A P     1 
ATOM   163 O  OP1   . DC  A 1 9  ? 3.709   -2.225  -11.075 1.00 19.33 ? 9    DC  A OP1   1 
ATOM   164 O  OP2   . DC  A 1 9  ? 3.585   -4.548  -10.075 1.00 19.23 ? 9    DC  A OP2   1 
ATOM   165 O  "O5'" . DC  A 1 9  ? 4.643   -2.669  -8.785  1.00 15.25 ? 9    DC  A "O5'" 1 
ATOM   166 C  "C5'" . DC  A 1 9  ? 4.765   -1.342  -8.250  1.00 14.29 ? 9    DC  A "C5'" 1 
ATOM   167 C  "C4'" . DC  A 1 9  ? 5.984   -1.216  -7.361  1.00 14.18 ? 9    DC  A "C4'" 1 
ATOM   168 O  "O4'" . DC  A 1 9  ? 5.833   -2.036  -6.159  1.00 13.80 ? 9    DC  A "O4'" 1 
ATOM   169 C  "C3'" . DC  A 1 9  ? 7.309   -1.651  -7.998  1.00 12.56 ? 9    DC  A "C3'" 1 
ATOM   170 O  "O3'" . DC  A 1 9  ? 8.271   -0.627  -7.787  1.00 15.56 ? 9    DC  A "O3'" 1 
ATOM   171 C  "C2'" . DC  A 1 9  ? 7.611   -2.939  -7.293  1.00 14.52 ? 9    DC  A "C2'" 1 
ATOM   172 C  "C1'" . DC  A 1 9  ? 7.037   -2.840  -5.919  1.00 11.95 ? 9    DC  A "C1'" 1 
ATOM   173 N  N1    . DC  A 1 9  ? 6.514   -4.010  -5.204  1.00 10.76 ? 9    DC  A N1    1 
ATOM   174 C  C2    . DC  A 1 9  ? 6.886   -4.197  -3.861  1.00 10.91 ? 9    DC  A C2    1 
ATOM   175 O  O2    . DC  A 1 9  ? 7.786   -3.479  -3.334  1.00 11.15 ? 9    DC  A O2    1 
ATOM   176 N  N3    . DC  A 1 9  ? 6.330   -5.209  -3.119  1.00 10.23 ? 9    DC  A N3    1 
ATOM   177 C  C4    . DC  A 1 9  ? 5.405   -5.969  -3.698  1.00 9.83  ? 9    DC  A C4    1 
ATOM   178 N  N4    . DC  A 1 9  ? 4.837   -6.958  -2.973  1.00 10.85 ? 9    DC  A N4    1 
ATOM   179 C  C5    . DC  A 1 9  ? 4.985   -5.816  -5.063  1.00 11.87 ? 9    DC  A C5    1 
ATOM   180 C  C6    . DC  A 1 9  ? 5.572   -4.809  -5.780  1.00 11.81 ? 9    DC  A C6    1 
ATOM   181 P  P     . DG  A 1 10 ? 9.643   -0.463  -8.601  1.00 16.69 ? 10   DG  A P     1 
ATOM   182 O  OP1   . DG  A 1 10 ? 10.020  0.982   -8.449  1.00 21.93 ? 10   DG  A OP1   1 
ATOM   183 O  OP2   . DG  A 1 10 ? 9.481   -1.019  -9.981  1.00 19.21 ? 10   DG  A OP2   1 
ATOM   184 O  "O5'" . DG  A 1 10 ? 10.677  -1.397  -7.841  1.00 15.07 ? 10   DG  A "O5'" 1 
ATOM   185 C  "C5'" . DG  A 1 10 ? 11.143  -1.073  -6.527  1.00 17.81 ? 10   DG  A "C5'" 1 
ATOM   186 C  "C4'" . DG  A 1 10 ? 11.794  -2.304  -5.897  1.00 13.94 ? 10   DG  A "C4'" 1 
ATOM   187 O  "O4'" . DG  A 1 10 ? 10.751  -3.232  -5.564  1.00 13.90 ? 10   DG  A "O4'" 1 
ATOM   188 C  "C3'" . DG  A 1 10 ? 12.751  -3.099  -6.756  1.00 16.41 ? 10   DG  A "C3'" 1 
ATOM   189 O  "O3'" . DG  A 1 10 ? 13.944  -3.428  -6.044  1.00 16.96 ? 10   DG  A "O3'" 1 
ATOM   190 C  "C2'" . DG  A 1 10 ? 12.039  -4.381  -7.124  1.00 17.62 ? 10   DG  A "C2'" 1 
ATOM   191 C  "C1'" . DG  A 1 10 ? 11.267  -4.536  -5.788  1.00 14.58 ? 10   DG  A "C1'" 1 
ATOM   192 N  N9    . DG  A 1 10 ? 10.193  -5.545  -5.786  1.00 12.34 ? 10   DG  A N9    1 
ATOM   193 C  C8    . DG  A 1 10 ? 9.391   -6.028  -6.794  1.00 14.80 ? 10   DG  A C8    1 
ATOM   194 N  N7    . DG  A 1 10 ? 8.542   -6.950  -6.340  1.00 13.47 ? 10   DG  A N7    1 
ATOM   195 C  C5    . DG  A 1 10 ? 8.815   -7.088  -4.967  1.00 11.05 ? 10   DG  A C5    1 
ATOM   196 C  C6    . DG  A 1 10 ? 8.248   -7.944  -4.003  1.00 10.81 ? 10   DG  A C6    1 
ATOM   197 O  O6    . DG  A 1 10 ? 7.328   -8.782  -4.104  1.00 12.23 ? 10   DG  A O6    1 
ATOM   198 N  N1    . DG  A 1 10 ? 8.838   -7.776  -2.748  1.00 11.43 ? 10   DG  A N1    1 
ATOM   199 C  C2    . DG  A 1 10 ? 9.830   -6.866  -2.482  1.00 11.22 ? 10   DG  A C2    1 
ATOM   200 N  N2    . DG  A 1 10 ? 10.328  -6.807  -1.239  1.00 12.21 ? 10   DG  A N2    1 
ATOM   201 N  N3    . DG  A 1 10 ? 10.378  -6.057  -3.391  1.00 11.36 ? 10   DG  A N3    1 
ATOM   202 C  C4    . DG  A 1 10 ? 9.823   -6.240  -4.621  1.00 11.52 ? 10   DG  A C4    1 
ATOM   203 P  P     . DC  A 1 11 ? 15.341  -2.591  -6.038  1.00 18.75 ? 11   DC  A P     1 
ATOM   204 O  OP1   . DC  A 1 11 ? 15.015  -1.203  -6.362  1.00 20.77 ? 11   DC  A OP1   1 
ATOM   205 O  OP2   . DC  A 1 11 ? 16.338  -3.286  -6.882  1.00 23.97 ? 11   DC  A OP2   1 
ATOM   206 O  "O5'" . DC  A 1 11 ? 15.828  -2.733  -4.530  1.00 18.25 ? 11   DC  A "O5'" 1 
ATOM   207 C  "C5'" . DC  A 1 11 ? 15.173  -2.151  -3.401  1.00 18.24 ? 11   DC  A "C5'" 1 
ATOM   208 C  "C4'" . DC  A 1 11 ? 15.187  -3.034  -2.175  1.00 17.09 ? 11   DC  A "C4'" 1 
ATOM   209 O  "O4'" . DC  A 1 11 ? 14.335  -4.183  -2.430  1.00 16.43 ? 11   DC  A "O4'" 1 
ATOM   210 C  "C3'" . DC  A 1 11 ? 16.514  -3.637  -1.774  1.00 16.08 ? 11   DC  A "C3'" 1 
ATOM   211 O  "O3'" . DC  A 1 11 ? 16.647  -3.603  -0.351  1.00 19.60 ? 11   DC  A "O3'" 1 
ATOM   212 C  "C2'" . DC  A 1 11 ? 16.473  -5.045  -2.318  1.00 17.85 ? 11   DC  A "C2'" 1 
ATOM   213 C  "C1'" . DC  A 1 11 ? 15.056  -5.433  -2.086  1.00 16.28 ? 11   DC  A "C1'" 1 
ATOM   214 N  N1    . DC  A 1 11 ? 14.326  -6.410  -2.907  1.00 12.85 ? 11   DC  A N1    1 
ATOM   215 C  C2    . DC  A 1 11 ? 13.582  -7.406  -2.276  1.00 12.01 ? 11   DC  A C2    1 
ATOM   216 O  O2    . DC  A 1 11 ? 13.576  -7.500  -1.025  1.00 13.41 ? 11   DC  A O2    1 
ATOM   217 N  N3    . DC  A 1 11 ? 12.832  -8.256  -3.039  1.00 13.46 ? 11   DC  A N3    1 
ATOM   218 C  C4    . DC  A 1 11 ? 12.847  -8.134  -4.359  1.00 12.48 ? 11   DC  A C4    1 
ATOM   219 N  N4    . DC  A 1 11 ? 12.102  -8.971  -5.113  1.00 13.39 ? 11   DC  A N4    1 
ATOM   220 C  C5    . DC  A 1 11 ? 13.621  -7.151  -5.051  1.00 15.90 ? 11   DC  A C5    1 
ATOM   221 C  C6    . DC  A 1 11 ? 14.317  -6.310  -4.269  1.00 15.94 ? 11   DC  A C6    1 
ATOM   222 P  P     . DG  A 1 12 ? 18.013  -3.815  0.439   1.00 26.81 ? 12   DG  A P     1 
ATOM   223 O  OP1   . DG  A 1 12 ? 17.921  -2.945  1.634   1.00 28.17 ? 12   DG  A OP1   1 
ATOM   224 O  OP2   . DG  A 1 12 ? 19.171  -3.532  -0.494  1.00 65.18 ? 12   DG  A OP2   1 
ATOM   225 O  "O5'" . DG  A 1 12 ? 18.196  -5.324  0.825   1.00 42.78 ? 12   DG  A "O5'" 1 
ATOM   226 C  "C5'" . DG  A 1 12 ? 17.244  -6.026  1.581   1.00 34.69 ? 12   DG  A "C5'" 1 
ATOM   227 C  "C4'" . DG  A 1 12 ? 17.708  -7.387  2.020   1.00 13.93 ? 12   DG  A "C4'" 1 
ATOM   228 O  "O4'" . DG  A 1 12 ? 17.044  -8.422  1.286   1.00 28.51 ? 12   DG  A "O4'" 1 
ATOM   229 C  "C3'" . DG  A 1 12 ? 19.198  -7.702  1.779   1.00 14.79 ? 12   DG  A "C3'" 1 
ATOM   230 O  "O3'" . DG  A 1 12 ? 19.759  -8.049  3.055   1.00 16.35 ? 12   DG  A "O3'" 1 
ATOM   231 C  "C2'" . DG  A 1 12 ? 19.261  -8.791  0.758   1.00 14.83 ? 12   DG  A "C2'" 1 
ATOM   232 C  "C1'" . DG  A 1 12 ? 17.874  -9.360  0.631   1.00 16.17 ? 12   DG  A "C1'" 1 
ATOM   233 N  N9    . DG  A 1 12 ? 17.302  -9.461  -0.718  1.00 14.74 ? 12   DG  A N9    1 
ATOM   234 C  C8    . DG  A 1 12 ? 17.520  -8.720  -1.857  1.00 15.82 ? 12   DG  A C8    1 
ATOM   235 N  N7    . DG  A 1 12 ? 16.806  -9.115  -2.887  1.00 15.30 ? 12   DG  A N7    1 
ATOM   236 C  C5    . DG  A 1 12 ? 15.993  -10.119 -2.398  1.00 13.49 ? 12   DG  A C5    1 
ATOM   237 C  C6    . DG  A 1 12 ? 15.037  -10.949 -3.023  1.00 12.55 ? 12   DG  A C6    1 
ATOM   238 O  O6    . DG  A 1 12 ? 14.628  -10.903 -4.215  1.00 14.56 ? 12   DG  A O6    1 
ATOM   239 N  N1    . DG  A 1 12 ? 14.454  -11.896 -2.207  1.00 13.42 ? 12   DG  A N1    1 
ATOM   240 C  C2    . DG  A 1 12 ? 14.824  -12.053 -0.882  1.00 13.35 ? 12   DG  A C2    1 
ATOM   241 N  N2    . DG  A 1 12 ? 14.180  -13.023 -0.222  1.00 13.58 ? 12   DG  A N2    1 
ATOM   242 N  N3    . DG  A 1 12 ? 15.738  -11.325 -0.241  1.00 12.83 ? 12   DG  A N3    1 
ATOM   243 C  C4    . DG  A 1 12 ? 16.297  -10.388 -1.058  1.00 13.06 ? 12   DG  A C4    1 
ATOM   244 O  "O5'" . DC  B 1 1  ? 9.630   -18.697 -5.319  1.00 72.12 ? 1    DC  B "O5'" 1 
ATOM   245 C  "C5'" . DC  B 1 1  ? 10.199  -19.633 -4.405  1.00 23.91 ? 1    DC  B "C5'" 1 
ATOM   246 C  "C4'" . DC  B 1 1  ? 10.239  -19.043 -3.014  1.00 24.70 ? 1    DC  B "C4'" 1 
ATOM   247 O  "O4'" . DC  B 1 1  ? 11.087  -17.859 -3.098  1.00 18.31 ? 1    DC  B "O4'" 1 
ATOM   248 C  "C3'" . DC  B 1 1  ? 8.906   -18.628 -2.421  1.00 18.99 ? 1    DC  B "C3'" 1 
ATOM   249 O  "O3'" . DC  B 1 1  ? 8.743   -19.155 -1.102  1.00 17.98 ? 1    DC  B "O3'" 1 
ATOM   250 C  "C2'" . DC  B 1 1  ? 8.939   -17.112 -2.424  1.00 16.61 ? 1    DC  B "C2'" 1 
ATOM   251 C  "C1'" . DC  B 1 1  ? 10.412  -16.747 -2.443  1.00 19.44 ? 1    DC  B "C1'" 1 
ATOM   252 N  N1    . DC  B 1 1  ? 10.866  -15.594 -3.219  1.00 14.77 ? 1    DC  B N1    1 
ATOM   253 C  C2    . DC  B 1 1  ? 11.823  -14.718 -2.682  1.00 16.19 ? 1    DC  B C2    1 
ATOM   254 O  O2    . DC  B 1 1  ? 12.189  -14.744 -1.493  1.00 15.27 ? 1    DC  B O2    1 
ATOM   255 N  N3    . DC  B 1 1  ? 12.313  -13.658 -3.420  1.00 13.02 ? 1    DC  B N3    1 
ATOM   256 C  C4    . DC  B 1 1  ? 11.917  -13.577 -4.694  1.00 13.38 ? 1    DC  B C4    1 
ATOM   257 N  N4    . DC  B 1 1  ? 12.406  -12.538 -5.404  1.00 15.98 ? 1    DC  B N4    1 
ATOM   258 C  C5    . DC  B 1 1  ? 10.996  -14.485 -5.299  1.00 15.09 ? 1    DC  B C5    1 
ATOM   259 C  C6    . DC  B 1 1  ? 10.534  -15.508 -4.542  1.00 15.30 ? 1    DC  B C6    1 
ATOM   260 P  P     . DG  B 1 2  ? 7.433   -19.059 -0.192  1.00 18.69 ? 2    DG  B P     1 
ATOM   261 O  OP1   . DG  B 1 2  ? 7.529   -20.271 0.687   1.00 24.53 ? 2    DG  B OP1   1 
ATOM   262 O  OP2   . DG  B 1 2  ? 6.221   -18.816 -1.013  1.00 23.08 ? 2    DG  B OP2   1 
ATOM   263 O  "O5'" . DG  B 1 2  ? 7.672   -17.761 0.722   1.00 15.43 ? 2    DG  B "O5'" 1 
ATOM   264 C  "C5'" . DG  B 1 2  ? 8.835   -17.711 1.562   1.00 15.45 ? 2    DG  B "C5'" 1 
ATOM   265 C  "C4'" . DG  B 1 2  ? 9.098   -16.294 2.047   1.00 13.71 ? 2    DG  B "C4'" 1 
ATOM   266 O  "O4'" . DG  B 1 2  ? 9.582   -15.497 0.942   1.00 14.19 ? 2    DG  B "O4'" 1 
ATOM   267 C  "C3'" . DG  B 1 2  ? 7.890   -15.521 2.628   1.00 13.73 ? 2    DG  B "C3'" 1 
ATOM   268 O  "O3'" . DG  B 1 2  ? 8.054   -15.452 4.051   1.00 14.11 ? 2    DG  B "O3'" 1 
ATOM   269 C  "C2'" . DG  B 1 2  ? 7.866   -14.202 1.912   1.00 13.53 ? 2    DG  B "C2'" 1 
ATOM   270 C  "C1'" . DG  B 1 2  ? 9.193   -14.125 1.192   1.00 13.33 ? 2    DG  B "C1'" 1 
ATOM   271 N  N9    . DG  B 1 2  ? 9.210   -13.413 -0.117  1.00 12.04 ? 2    DG  B N9    1 
ATOM   272 C  C8    . DG  B 1 2  ? 8.401   -13.723 -1.190  1.00 13.41 ? 2    DG  B C8    1 
ATOM   273 N  N7    . DG  B 1 2  ? 8.610   -12.958 -2.229  1.00 12.74 ? 2    DG  B N7    1 
ATOM   274 C  C5    . DG  B 1 2  ? 9.637   -12.095 -1.838  1.00 11.45 ? 2    DG  B C5    1 
ATOM   275 C  C6    . DG  B 1 2  ? 10.310  -11.052 -2.528  1.00 11.41 ? 2    DG  B C6    1 
ATOM   276 O  O6    . DG  B 1 2  ? 10.117  -10.642 -3.700  1.00 11.85 ? 2    DG  B O6    1 
ATOM   277 N  N1    . DG  B 1 2  ? 11.254  -10.418 -1.730  1.00 10.84 ? 2    DG  B N1    1 
ATOM   278 C  C2    . DG  B 1 2  ? 11.573  -10.766 -0.438  1.00 11.24 ? 2    DG  B C2    1 
ATOM   279 N  N2    . DG  B 1 2  ? 12.532  -10.019 0.119   1.00 11.92 ? 2    DG  B N2    1 
ATOM   280 N  N3    . DG  B 1 2  ? 10.950  -11.772 0.223   1.00 11.93 ? 2    DG  B N3    1 
ATOM   281 C  C4    . DG  B 1 2  ? 9.988   -12.380 -0.535  1.00 10.66 ? 2    DG  B C4    1 
ATOM   282 P  P     . DC  B 1 3  ? 7.012   -14.678 4.996   1.00 14.24 ? 3    DC  B P     1 
ATOM   283 O  OP1   . DC  B 1 3  ? 7.193   -15.275 6.372   1.00 15.80 ? 3    DC  B OP1   1 
ATOM   284 O  OP2   . DC  B 1 3  ? 5.648   -14.668 4.358   1.00 18.01 ? 3    DC  B OP2   1 
ATOM   285 O  "O5'" . DC  B 1 3  ? 7.505   -13.163 4.990   1.00 13.66 ? 3    DC  B "O5'" 1 
ATOM   286 C  "C5'" . DC  B 1 3  ? 8.856   -12.842 5.381   1.00 15.56 ? 3    DC  B "C5'" 1 
ATOM   287 C  "C4'" . DC  B 1 3  ? 9.237   -11.455 4.908   1.00 12.59 ? 3    DC  B "C4'" 1 
ATOM   288 O  "O4'" . DC  B 1 3  ? 9.223   -11.462 3.442   1.00 12.46 ? 3    DC  B "O4'" 1 
ATOM   289 C  "C3'" . DC  B 1 3  ? 8.346   -10.273 5.294   1.00 12.72 ? 3    DC  B "C3'" 1 
ATOM   290 O  "O3'" . DC  B 1 3  ? 8.627   -9.823  6.615   1.00 14.37 ? 3    DC  B "O3'" 1 
ATOM   291 C  "C2'" . DC  B 1 3  ? 8.667   -9.238  4.247   1.00 14.30 ? 3    DC  B "C2'" 1 
ATOM   292 C  "C1'" . DC  B 1 3  ? 9.107   -10.052 3.032   1.00 14.32 ? 3    DC  B "C1'" 1 
ATOM   293 N  N1    . DC  B 1 3  ? 8.243   -10.119 1.827   1.00 11.94 ? 3    DC  B N1    1 
ATOM   294 C  C2    . DC  B 1 3  ? 8.598   -9.308  0.745   1.00 11.55 ? 3    DC  B C2    1 
ATOM   295 O  O2    . DC  B 1 3  ? 9.573   -8.508  0.874   1.00 11.13 ? 3    DC  B O2    1 
ATOM   296 N  N3    . DC  B 1 3  ? 7.862   -9.352  -0.396  1.00 11.73 ? 3    DC  B N3    1 
ATOM   297 C  C4    . DC  B 1 3  ? 6.789   -10.122 -0.459  1.00 12.17 ? 3    DC  B C4    1 
ATOM   298 N  N4    . DC  B 1 3  ? 6.140   -10.137 -1.622  1.00 13.73 ? 3    DC  B N4    1 
ATOM   299 C  C5    . DC  B 1 3  ? 6.353   -10.946 0.633   1.00 14.58 ? 3    DC  B C5    1 
ATOM   300 C  C6    . DC  B 1 3  ? 7.137   -10.934 1.711   1.00 13.95 ? 3    DC  B C6    1 
ATOM   301 P  P     . DG  B 1 4  ? 7.699   -8.747  7.352   1.00 15.55 ? 4    DG  B P     1 
ATOM   302 O  OP1   . DG  B 1 4  ? 7.941   -8.897  8.801   1.00 19.37 ? 4    DG  B OP1   1 
ATOM   303 O  OP2   . DG  B 1 4  ? 6.276   -8.832  6.910   1.00 16.42 ? 4    DG  B OP2   1 
ATOM   304 O  "O5'" . DG  B 1 4  ? 8.309   -7.328  6.841   1.00 14.59 ? 4    DG  B "O5'" 1 
ATOM   305 C  "C5'" . DG  B 1 4  ? 9.629   -6.901  7.146   1.00 15.31 ? 4    DG  B "C5'" 1 
ATOM   306 C  "C4'" . DG  B 1 4  ? 9.933   -5.587  6.452   1.00 13.57 ? 4    DG  B "C4'" 1 
ATOM   307 O  "O4'" . DG  B 1 4  ? 9.714   -5.698  5.018   1.00 12.77 ? 4    DG  B "O4'" 1 
ATOM   308 C  "C3'" . DG  B 1 4  ? 9.074   -4.411  6.890   1.00 14.73 ? 4    DG  B "C3'" 1 
ATOM   309 O  "O3'" . DG  B 1 4  ? 9.873   -3.226  6.892   1.00 16.66 ? 4    DG  B "O3'" 1 
ATOM   310 C  "C2'" . DG  B 1 4  ? 7.941   -4.454  5.880   1.00 14.74 ? 4    DG  B "C2'" 1 
ATOM   311 C  "C1'" . DG  B 1 4  ? 8.660   -4.910  4.585   1.00 13.35 ? 4    DG  B "C1'" 1 
ATOM   312 N  N9    . DG  B 1 4  ? 7.697   -5.613  3.696   1.00 11.07 ? 4    DG  B N9    1 
ATOM   313 C  C8    . DG  B 1 4  ? 6.651   -6.479  4.008   1.00 12.81 ? 4    DG  B C8    1 
ATOM   314 N  N7    . DG  B 1 4  ? 5.978   -6.923  2.956   1.00 12.62 ? 4    DG  B N7    1 
ATOM   315 C  C5    . DG  B 1 4  ? 6.591   -6.311  1.871   1.00 10.48 ? 4    DG  B C5    1 
ATOM   316 C  C6    . DG  B 1 4  ? 6.293   -6.361  0.477   1.00 9.98  ? 4    DG  B C6    1 
ATOM   317 O  O6    . DG  B 1 4  ? 5.372   -7.016  -0.077  1.00 10.91 ? 4    DG  B O6    1 
ATOM   318 N  N1    . DG  B 1 4  ? 7.109   -5.538  -0.281  1.00 10.21 ? 4    DG  B N1    1 
ATOM   319 C  C2    . DG  B 1 4  ? 8.125   -4.780  0.277   1.00 10.81 ? 4    DG  B C2    1 
ATOM   320 N  N2    . DG  B 1 4  ? 8.858   -4.029  -0.589  1.00 11.08 ? 4    DG  B N2    1 
ATOM   321 N  N3    . DG  B 1 4  ? 8.458   -4.747  1.568   1.00 11.26 ? 4    DG  B N3    1 
ATOM   322 C  C4    . DG  B 1 4  ? 7.645   -5.528  2.307   1.00 11.43 ? 4    DG  B C4    1 
ATOM   323 P  P     . DA  B 1 5  ? 9.449   -1.677  6.663   1.00 18.74 ? 5    DA  B P     1 
ATOM   324 O  OP1   . DA  B 1 5  ? 10.498  -0.872  7.358   1.00 20.13 ? 5    DA  B OP1   1 
ATOM   325 O  OP2   . DA  B 1 5  ? 8.048   -1.519  7.091   1.00 19.83 ? 5    DA  B OP2   1 
ATOM   326 O  "O5'" . DA  B 1 5  ? 9.501   -1.447  5.083   1.00 15.96 ? 5    DA  B "O5'" 1 
ATOM   327 C  "C5'" . DA  B 1 5  ? 10.705  -1.635  4.334   1.00 17.48 ? 5    DA  B "C5'" 1 
ATOM   328 C  "C4'" . DA  B 1 5  ? 10.630  -0.965  2.999   1.00 14.31 ? 5    DA  B "C4'" 1 
ATOM   329 O  "O4'" . DA  B 1 5  ? 9.577   -1.603  2.199   1.00 14.97 ? 5    DA  B "O4'" 1 
ATOM   330 C  "C3'" . DA  B 1 5  ? 10.254  0.507   2.988   1.00 17.58 ? 5    DA  B "C3'" 1 
ATOM   331 O  "O3'" . DA  B 1 5  ? 10.968  1.180   1.958   1.00 18.36 ? 5    DA  B "O3'" 1 
ATOM   332 C  "C2'" . DA  B 1 5  ? 8.748   0.486   2.779   1.00 13.87 ? 5    DA  B "C2'" 1 
ATOM   333 C  "C1'" . DA  B 1 5  ? 8.491   -0.651  1.876   1.00 12.89 ? 5    DA  B "C1'" 1 
ATOM   334 N  N9    . DA  B 1 5  ? 7.273   -1.470  2.027   1.00 12.79 ? 5    DA  B N9    1 
ATOM   335 C  C8    . DA  B 1 5  ? 6.796   -2.049  3.181   1.00 12.17 ? 5    DA  B C8    1 
ATOM   336 N  N7    . DA  B 1 5  ? 5.726   -2.822  3.028   1.00 12.86 ? 5    DA  B N7    1 
ATOM   337 C  C5    . DA  B 1 5  ? 5.506   -2.798  1.630   1.00 11.95 ? 5    DA  B C5    1 
ATOM   338 C  C6    . DA  B 1 5  ? 4.553   -3.431  0.842   1.00 11.09 ? 5    DA  B C6    1 
ATOM   339 N  N6    . DA  B 1 5  ? 3.576   -4.231  1.349   1.00 11.89 ? 5    DA  B N6    1 
ATOM   340 N  N1    . DA  B 1 5  ? 4.570   -3.220  -0.507  1.00 11.10 ? 5    DA  B N1    1 
ATOM   341 C  C2    . DA  B 1 5  ? 5.549   -2.383  -0.956  1.00 10.41 ? 5    DA  B C2    1 
ATOM   342 N  N3    . DA  B 1 5  ? 6.510   -1.736  -0.302  1.00 12.20 ? 5    DA  B N3    1 
ATOM   343 C  C4    . DA  B 1 5  ? 6.480   -1.999  1.025   1.00 11.35 ? 5    DA  B C4    1 
ATOM   344 P  P     . DA  B 1 6  ? 10.862  2.759   1.618   1.00 18.11 ? 6    DA  B P     1 
ATOM   345 O  OP1   . DA  B 1 6  ? 12.112  3.171   0.938   1.00 26.16 ? 6    DA  B OP1   1 
ATOM   346 O  OP2   . DA  B 1 6  ? 10.358  3.445   2.846   1.00 22.88 ? 6    DA  B OP2   1 
ATOM   347 O  "O5'" . DA  B 1 6  ? 9.631   2.892   0.585   1.00 16.68 ? 6    DA  B "O5'" 1 
ATOM   348 C  "C5'" . DA  B 1 6  ? 9.678   2.359   -0.717  1.00 16.44 ? 6    DA  B "C5'" 1 
ATOM   349 C  "C4'" . DA  B 1 6  ? 8.327   2.479   -1.369  1.00 16.48 ? 6    DA  B "C4'" 1 
ATOM   350 O  "O4'" . DA  B 1 6  ? 7.380   1.573   -0.790  1.00 15.55 ? 6    DA  B "O4'" 1 
ATOM   351 C  "C3'" . DA  B 1 6  ? 7.688   3.880   -1.226  1.00 21.41 ? 6    DA  B "C3'" 1 
ATOM   352 O  "O3'" . DA  B 1 6  ? 7.745   4.527   -2.482  1.00 21.25 ? 6    DA  B "O3'" 1 
ATOM   353 C  "C2'" . DA  B 1 6  ? 6.302   3.593   -0.741  1.00 17.30 ? 6    DA  B "C2'" 1 
ATOM   354 C  "C1'" . DA  B 1 6  ? 6.062   2.123   -0.982  1.00 15.19 ? 6    DA  B "C1'" 1 
ATOM   355 N  N9    . DA  B 1 6  ? 5.189   1.408   -0.070  1.00 13.81 ? 6    DA  B N9    1 
ATOM   356 C  C8    . DA  B 1 6  ? 5.232   1.380   1.308   1.00 17.67 ? 6    DA  B C8    1 
ATOM   357 N  N7    . DA  B 1 6  ? 4.339   0.610   1.889   1.00 14.11 ? 6    DA  B N7    1 
ATOM   358 C  C5    . DA  B 1 6  ? 3.622   0.106   0.804   1.00 12.06 ? 6    DA  B C5    1 
ATOM   359 C  C6    . DA  B 1 6  ? 2.506   -0.761  0.763   1.00 12.80 ? 6    DA  B C6    1 
ATOM   360 N  N6    . DA  B 1 6  ? 1.918   -1.271  1.832   1.00 13.73 ? 6    DA  B N6    1 
ATOM   361 N  N1    . DA  B 1 6  ? 1.945   -1.048  -0.443  1.00 12.02 ? 6    DA  B N1    1 
ATOM   362 C  C2    . DA  B 1 6  ? 2.554   -0.504  -1.536  1.00 13.17 ? 6    DA  B C2    1 
ATOM   363 N  N3    . DA  B 1 6  ? 3.621   0.306   -1.614  1.00 12.38 ? 6    DA  B N3    1 
ATOM   364 C  C4    . DA  B 1 6  ? 4.110   0.610   -0.389  1.00 13.08 ? 6    DA  B C4    1 
ATOM   365 P  P     . DT  B 1 7  ? 6.868   5.798   -2.969  1.00 21.44 ? 7    DT  B P     1 
ATOM   366 O  OP1   . DT  B 1 7  ? 7.623   6.406   -4.091  1.00 31.89 ? 7    DT  B OP1   1 
ATOM   367 O  OP2   . DT  B 1 7  ? 6.512   6.635   -1.799  1.00 25.85 ? 7    DT  B OP2   1 
ATOM   368 O  "O5'" . DT  B 1 7  ? 5.494   5.227   -3.539  1.00 20.36 ? 7    DT  B "O5'" 1 
ATOM   369 C  "C5'" . DT  B 1 7  ? 5.474   4.132   -4.476  1.00 21.59 ? 7    DT  B "C5'" 1 
ATOM   370 C  "C4'" . DT  B 1 7  ? 4.046   3.769   -4.777  1.00 17.41 ? 7    DT  B "C4'" 1 
ATOM   371 O  "O4'" . DT  B 1 7  ? 3.505   3.124   -3.595  1.00 16.08 ? 7    DT  B "O4'" 1 
ATOM   372 C  "C3'" . DT  B 1 7  ? 3.087   4.932   -5.129  1.00 16.49 ? 7    DT  B "C3'" 1 
ATOM   373 O  "O3'" . DT  B 1 7  ? 2.550   4.731   -6.427  1.00 22.61 ? 7    DT  B "O3'" 1 
ATOM   374 C  "C2'" . DT  B 1 7  ? 2.069   4.894   -4.021  1.00 15.12 ? 7    DT  B "C2'" 1 
ATOM   375 C  "C1'" . DT  B 1 7  ? 2.114   3.473   -3.480  1.00 14.55 ? 7    DT  B "C1'" 1 
ATOM   376 N  N1    . DT  B 1 7  ? 1.773   3.217   -2.075  1.00 12.77 ? 7    DT  B N1    1 
ATOM   377 C  C2    . DT  B 1 7  ? 0.757   2.312   -1.781  1.00 14.62 ? 7    DT  B C2    1 
ATOM   378 O  O2    . DT  B 1 7  ? 0.075   1.720   -2.627  1.00 14.59 ? 7    DT  B O2    1 
ATOM   379 N  N3    . DT  B 1 7  ? 0.551   2.054   -0.443  1.00 13.54 ? 7    DT  B N3    1 
ATOM   380 C  C4    . DT  B 1 7  ? 1.243   2.583   0.631   1.00 13.59 ? 7    DT  B C4    1 
ATOM   381 O  O4    . DT  B 1 7  ? 0.869   2.283   1.772   1.00 13.85 ? 7    DT  B O4    1 
ATOM   382 C  C5    . DT  B 1 7  ? 2.269   3.546   0.254   1.00 13.88 ? 7    DT  B C5    1 
ATOM   383 C  C7    . DT  B 1 7  ? 3.060   4.263   1.293   1.00 17.44 ? 7    DT  B C7    1 
ATOM   384 C  C6    . DT  B 1 7  ? 2.490   3.825   -1.048  1.00 13.83 ? 7    DT  B C6    1 
ATOM   385 P  P     . DT  B 1 8  ? 1.458   5.671   -7.169  1.00 27.24 ? 8    DT  B P     1 
ATOM   386 O  OP1   . DT  B 1 8  ? 1.601   5.398   -8.615  1.00 35.81 ? 8    DT  B OP1   1 
ATOM   387 O  OP2   . DT  B 1 8  ? 1.628   7.033   -6.616  1.00 34.80 ? 8    DT  B OP2   1 
ATOM   388 O  "O5'" . DT  B 1 8  ? 0.034   5.100   -6.657  1.00 21.70 ? 8    DT  B "O5'" 1 
ATOM   389 C  "C5'" . DT  B 1 8  ? -0.259  3.738   -6.981  1.00 30.08 ? 8    DT  B "C5'" 1 
ATOM   390 C  "C4'" . DT  B 1 8  ? -1.599  3.319   -6.430  1.00 23.02 ? 8    DT  B "C4'" 1 
ATOM   391 O  "O4'" . DT  B 1 8  ? -1.549  3.315   -4.997  1.00 19.89 ? 8    DT  B "O4'" 1 
ATOM   392 C  "C3'" . DT  B 1 8  ? -2.768  4.244   -6.807  1.00 23.98 ? 8    DT  B "C3'" 1 
ATOM   393 O  "O3'" . DT  B 1 8  ? -3.734  3.416   -7.431  1.00 26.96 ? 8    DT  B "O3'" 1 
ATOM   394 C  "C2'" . DT  B 1 8  ? -3.178  4.869   -5.506  1.00 22.88 ? 8    DT  B "C2'" 1 
ATOM   395 C  "C1'" . DT  B 1 8  ? -2.852  3.843   -4.479  1.00 24.36 ? 8    DT  B "C1'" 1 
ATOM   396 N  N1    . DT  B 1 8  ? -2.490  4.142   -3.099  1.00 17.26 ? 8    DT  B N1    1 
ATOM   397 C  C2    . DT  B 1 8  ? -3.116  3.479   -2.069  1.00 15.42 ? 8    DT  B C2    1 
ATOM   398 O  O2    . DT  B 1 8  ? -3.953  2.617   -2.285  1.00 16.33 ? 8    DT  B O2    1 
ATOM   399 N  N3    . DT  B 1 8  ? -2.719  3.756   -0.791  1.00 14.41 ? 8    DT  B N3    1 
ATOM   400 C  C4    . DT  B 1 8  ? -1.725  4.663   -0.445  1.00 15.89 ? 8    DT  B C4    1 
ATOM   401 O  O4    . DT  B 1 8  ? -1.452  4.795   0.729   1.00 17.22 ? 8    DT  B O4    1 
ATOM   402 C  C5    . DT  B 1 8  ? -1.150  5.389   -1.558  1.00 17.82 ? 8    DT  B C5    1 
ATOM   403 C  C7    . DT  B 1 8  ? -0.086  6.408   -1.346  1.00 19.24 ? 8    DT  B C7    1 
ATOM   404 C  C6    . DT  B 1 8  ? -1.500  5.073   -2.809  1.00 17.30 ? 8    DT  B C6    1 
ATOM   405 P  P     . DC  B 1 9  ? -5.042  3.809   -8.249  1.00 23.09 ? 9    DC  B P     1 
ATOM   406 O  OP1   . DC  B 1 9  ? -5.393  2.686   -9.140  1.00 26.77 ? 9    DC  B OP1   1 
ATOM   407 O  OP2   . DC  B 1 9  ? -4.846  5.213   -8.718  1.00 25.06 ? 9    DC  B OP2   1 
ATOM   408 O  "O5'" . DC  B 1 9  ? -6.126  3.954   -7.044  1.00 20.53 ? 9    DC  B "O5'" 1 
ATOM   409 C  "C5'" . DC  B 1 9  ? -6.589  2.724   -6.501  1.00 16.84 ? 9    DC  B "C5'" 1 
ATOM   410 C  "C4'" . DC  B 1 9  ? -7.366  2.982   -5.224  1.00 16.29 ? 9    DC  B "C4'" 1 
ATOM   411 O  "O4'" . DC  B 1 9  ? -6.556  3.540   -4.150  1.00 17.28 ? 9    DC  B "O4'" 1 
ATOM   412 C  "C3'" . DC  B 1 9  ? -8.536  3.988   -5.357  1.00 18.35 ? 9    DC  B "C3'" 1 
ATOM   413 O  "O3'" . DC  B 1 9  ? -9.733  3.234   -5.516  1.00 22.25 ? 9    DC  B "O3'" 1 
ATOM   414 C  "C2'" . DC  B 1 9  ? -8.519  4.838   -4.116  1.00 17.61 ? 9    DC  B "C2'" 1 
ATOM   415 C  "C1'" . DC  B 1 9  ? -7.491  4.148   -3.245  1.00 15.56 ? 9    DC  B "C1'" 1 
ATOM   416 N  N1    . DC  B 1 9  ? -6.621  4.963   -2.385  1.00 16.91 ? 9    DC  B N1    1 
ATOM   417 C  C2    . DC  B 1 9  ? -6.675  4.806   -1.015  1.00 18.83 ? 9    DC  B C2    1 
ATOM   418 O  O2    . DC  B 1 9  ? -7.443  3.973   -0.491  1.00 17.49 ? 9    DC  B O2    1 
ATOM   419 N  N3    . DC  B 1 9  ? -5.781  5.466   -0.239  1.00 16.19 ? 9    DC  B N3    1 
ATOM   420 C  C4    . DC  B 1 9  ? -4.894  6.334   -0.757  1.00 14.91 ? 9    DC  B C4    1 
ATOM   421 N  N4    . DC  B 1 9  ? -4.076  6.978   0.056   1.00 17.79 ? 9    DC  B N4    1 
ATOM   422 C  C5    . DC  B 1 9  ? -4.880  6.568   -2.176  1.00 16.91 ? 9    DC  B C5    1 
ATOM   423 C  C6    . DC  B 1 9  ? -5.702  5.846   -2.959  1.00 20.00 ? 9    DC  B C6    1 
ATOM   424 P  P     . DG  B 1 10 ? -11.152 3.820   -5.882  1.00 22.41 ? 10   DG  B P     1 
ATOM   425 O  OP1   . DG  B 1 10 ? -12.008 2.717   -6.400  1.00 29.01 ? 10   DG  B OP1   1 
ATOM   426 O  OP2   . DG  B 1 10 ? -11.033 5.014   -6.779  1.00 23.84 ? 10   DG  B OP2   1 
ATOM   427 O  "O5'" . DG  B 1 10 ? -11.823 4.411   -4.541  1.00 22.52 ? 10   DG  B "O5'" 1 
ATOM   428 C  "C5'" . DG  B 1 10 ? -12.295 3.576   -3.489  1.00 19.62 ? 10   DG  B "C5'" 1 
ATOM   429 C  "C4'" . DG  B 1 10 ? -12.585 4.437   -2.265  1.00 18.87 ? 10   DG  B "C4'" 1 
ATOM   430 O  "O4'" . DG  B 1 10 ? -11.328 4.966   -1.695  1.00 17.04 ? 10   DG  B "O4'" 1 
ATOM   431 C  "C3'" . DG  B 1 10 ? -13.466 5.627   -2.530  1.00 21.86 ? 10   DG  B "C3'" 1 
ATOM   432 O  "O3'" . DG  B 1 10 ? -14.456 5.742   -1.503  1.00 15.60 ? 10   DG  B "O3'" 1 
ATOM   433 C  "C2'" . DG  B 1 10 ? -12.526 6.805   -2.515  1.00 16.35 ? 10   DG  B "C2'" 1 
ATOM   434 C  "C1'" . DG  B 1 10 ? -11.593 6.336   -1.392  1.00 15.34 ? 10   DG  B "C1'" 1 
ATOM   435 N  N9    . DG  B 1 10 ? -10.315 7.048   -1.259  1.00 14.04 ? 10   DG  B N9    1 
ATOM   436 C  C8    . DG  B 1 10 ? -9.558  7.683   -2.236  1.00 16.43 ? 10   DG  B C8    1 
ATOM   437 N  N7    . DG  B 1 10 ? -8.477  8.238   -1.724  1.00 13.71 ? 10   DG  B N7    1 
ATOM   438 C  C5    . DG  B 1 10 ? -8.508  7.964   -0.378  1.00 13.42 ? 10   DG  B C5    1 
ATOM   439 C  C6    . DG  B 1 10 ? -7.617  8.281   0.687   1.00 12.50 ? 10   DG  B C6    1 
ATOM   440 O  O6    . DG  B 1 10 ? -6.560  8.914   0.595   1.00 14.10 ? 10   DG  B O6    1 
ATOM   441 N  N1    . DG  B 1 10 ? -8.029  7.791   1.927   1.00 12.88 ? 10   DG  B N1    1 
ATOM   442 C  C2    . DG  B 1 10 ? -9.189  7.073   2.126   1.00 13.30 ? 10   DG  B C2    1 
ATOM   443 N  N2    . DG  B 1 10 ? -9.414  6.702   3.401   1.00 13.47 ? 10   DG  B N2    1 
ATOM   444 N  N3    . DG  B 1 10 ? -10.026 6.755   1.140   1.00 12.42 ? 10   DG  B N3    1 
ATOM   445 C  C4    . DG  B 1 10 ? -9.641  7.219   -0.068  1.00 13.74 ? 10   DG  B C4    1 
ATOM   446 P  P     . DC  B 1 11 ? -15.958 6.289   -1.799  1.00 14.91 ? 11   DC  B P     1 
ATOM   447 O  OP1   . DC  B 1 11 ? -16.704 5.223   -2.513  1.00 17.82 ? 11   DC  B OP1   1 
ATOM   448 O  OP2   . DC  B 1 11 ? -15.925 7.625   -2.409  1.00 16.26 ? 11   DC  B OP2   1 
ATOM   449 O  "O5'" . DC  B 1 11 ? -16.520 6.428   -0.294  1.00 14.64 ? 11   DC  B "O5'" 1 
ATOM   450 C  "C5'" . DC  B 1 11 ? -16.583 5.329   0.624   1.00 14.23 ? 11   DC  B "C5'" 1 
ATOM   451 C  "C4'" . DC  B 1 11 ? -15.877 5.615   1.932   1.00 17.07 ? 11   DC  B "C4'" 1 
ATOM   452 O  "O4'" . DC  B 1 11 ? -14.453 5.876   1.731   1.00 14.14 ? 11   DC  B "O4'" 1 
ATOM   453 C  "C3'" . DC  B 1 11 ? -16.370 6.833   2.702   1.00 12.70 ? 11   DC  B "C3'" 1 
ATOM   454 O  "O3'" . DC  B 1 11 ? -17.587 6.558   3.370   1.00 15.38 ? 11   DC  B "O3'" 1 
ATOM   455 C  "C2'" . DC  B 1 11 ? -15.229 7.098   3.661   1.00 13.51 ? 11   DC  B "C2'" 1 
ATOM   456 C  "C1'" . DC  B 1 11 ? -14.040 6.800   2.804   1.00 12.73 ? 11   DC  B "C1'" 1 
ATOM   457 N  N1    . DC  B 1 11 ? -13.391 7.931   2.093   1.00 11.42 ? 11   DC  B N1    1 
ATOM   458 C  C2    . DC  B 1 11 ? -12.386 8.645   2.766   1.00 11.99 ? 11   DC  B C2    1 
ATOM   459 O  O2    . DC  B 1 11 ? -12.214 8.365   3.969   1.00 12.46 ? 11   DC  B O2    1 
ATOM   460 N  N3    . DC  B 1 11 ? -11.670 9.587   2.122   1.00 11.80 ? 11   DC  B N3    1 
ATOM   461 C  C4    . DC  B 1 11 ? -11.945 9.848   0.813   1.00 11.21 ? 11   DC  B C4    1 
ATOM   462 N  N4    . DC  B 1 11 ? -11.245 10.782  0.164   1.00 13.44 ? 11   DC  B N4    1 
ATOM   463 C  C5    . DC  B 1 11 ? -12.997 9.162   0.151   1.00 15.38 ? 11   DC  B C5    1 
ATOM   464 C  C6    . DC  B 1 11 ? -13.691 8.223   0.781   1.00 13.71 ? 11   DC  B C6    1 
ATOM   465 P  P     . DG  B 1 12 ? -18.601 7.727   3.878   1.00 14.49 ? 12   DG  B P     1 
ATOM   466 O  OP1   . DG  B 1 12 ? -19.856 7.078   4.319   1.00 16.74 ? 12   DG  B OP1   1 
ATOM   467 O  OP2   . DG  B 1 12 ? -18.674 8.791   2.824   1.00 14.37 ? 12   DG  B OP2   1 
ATOM   468 O  "O5'" . DG  B 1 12 ? -17.881 8.448   5.088   1.00 13.83 ? 12   DG  B "O5'" 1 
ATOM   469 C  "C5'" . DG  B 1 12 ? -17.750 7.780   6.372   1.00 17.37 ? 12   DG  B "C5'" 1 
ATOM   470 C  "C4'" . DG  B 1 12 ? -16.784 8.567   7.247   1.00 12.86 ? 12   DG  B "C4'" 1 
ATOM   471 O  "O4'" . DG  B 1 12 ? -15.477 8.723   6.644   1.00 12.69 ? 12   DG  B "O4'" 1 
ATOM   472 C  "C3'" . DG  B 1 12 ? -17.249 10.001  7.562   1.00 11.39 ? 12   DG  B "C3'" 1 
ATOM   473 O  "O3'" . DG  B 1 12 ? -18.162 9.984   8.650   1.00 12.37 ? 12   DG  B "O3'" 1 
ATOM   474 C  "C2'" . DG  B 1 12 ? -15.971 10.684  7.864   1.00 13.09 ? 12   DG  B "C2'" 1 
ATOM   475 C  "C1'" . DG  B 1 12 ? -14.968 10.076  6.921   1.00 12.24 ? 12   DG  B "C1'" 1 
ATOM   476 N  N9    . DG  B 1 12 ? -14.736 10.669  5.594   1.00 11.48 ? 12   DG  B N9    1 
ATOM   477 C  C8    . DG  B 1 12 ? -15.437 10.484  4.455   1.00 11.08 ? 12   DG  B C8    1 
ATOM   478 N  N7    . DG  B 1 12 ? -14.984 11.162  3.418   1.00 12.10 ? 12   DG  B N7    1 
ATOM   479 C  C5    . DG  B 1 12 ? -13.821 11.777  3.910   1.00 10.96 ? 12   DG  B C5    1 
ATOM   480 C  C6    . DG  B 1 12 ? -12.893 12.623  3.240   1.00 11.52 ? 12   DG  B C6    1 
ATOM   481 O  O6    . DG  B 1 12 ? -12.865 12.996  2.046   1.00 12.04 ? 12   DG  B O6    1 
ATOM   482 N  N1    . DG  B 1 12 ? -11.893 13.102  4.094   1.00 11.54 ? 12   DG  B N1    1 
ATOM   483 C  C2    . DG  B 1 12 ? -11.818 12.784  5.462   1.00 9.91  ? 12   DG  B C2    1 
ATOM   484 N  N2    . DG  B 1 12 ? -10.808 13.328  6.128   1.00 11.62 ? 12   DG  B N2    1 
ATOM   485 N  N3    . DG  B 1 12 ? -12.698 11.993  6.058   1.00 11.26 ? 12   DG  B N3    1 
ATOM   486 C  C4    . DG  B 1 12 ? -13.688 11.505  5.251   1.00 10.17 ? 12   DG  B C4    1 
HETATM 487 MG MG    . MG  C 2 .  ? -5.454  12.709  -1.325  1.00 13.87 ? 1025 MG  A MG    1 
HETATM 488 N  N1    . SPM D 3 .  ? 7.345   -9.727  -10.039 1.00 28.45 ? 1026 SPM B N1    1 
HETATM 489 C  C2    . SPM D 3 .  ? 8.527   -9.963  -9.153  1.00 26.00 ? 1026 SPM B C2    1 
HETATM 490 C  C3    . SPM D 3 .  ? 8.413   -11.176 -8.283  1.00 47.25 ? 1026 SPM B C3    1 
HETATM 491 C  C4    . SPM D 3 .  ? 8.814   -10.818 -6.842  1.00 27.57 ? 1026 SPM B C4    1 
HETATM 492 N  N5    . SPM D 3 .  ? 8.370   -12.009 -6.022  1.00 31.68 ? 1026 SPM B N5    1 
HETATM 493 C  C6    . SPM D 3 .  ? 7.555   -11.746 -4.828  1.00 24.50 ? 1026 SPM B C6    1 
HETATM 494 C  C7    . SPM D 3 .  ? 6.188   -12.392 -4.925  1.00 96.13 ? 1026 SPM B C7    1 
HETATM 495 O  O     . HOH E 4 .  ? 8.193   -0.901  -2.504  1.00 13.29 ? 1026 HOH A O     1 
HETATM 496 O  O     . HOH E 4 .  ? 4.293   0.180   -4.466  1.00 13.67 ? 1027 HOH A O     1 
HETATM 497 O  O     . HOH E 4 .  ? -10.699 -7.314  -3.213  1.00 15.75 ? 1028 HOH A O     1 
HETATM 498 O  O     . HOH E 4 .  ? 7.082   0.943   -4.383  1.00 15.75 ? 1029 HOH A O     1 
HETATM 499 O  O     . HOH E 4 .  ? -0.386  0.172   -4.976  1.00 13.82 ? 1030 HOH A O     1 
HETATM 500 O  O     . HOH E 4 .  ? 11.602  -3.688  -2.240  1.00 15.24 ? 1031 HOH A O     1 
HETATM 501 O  O     . HOH E 4 .  ? 3.018   -8.872  -4.323  1.00 16.20 ? 1032 HOH A O     1 
HETATM 502 O  O     . HOH E 4 .  ? -12.075 -8.806  -5.145  1.00 17.38 ? 1033 HOH A O     1 
HETATM 503 O  O     . HOH E 4 .  ? -4.209  -7.267  -2.028  1.00 18.49 ? 1034 HOH A O     1 
HETATM 504 O  O     . HOH E 4 .  ? 12.116  -8.338  -8.160  1.00 17.97 ? 1035 HOH A O     1 
HETATM 505 O  O     . HOH E 4 .  ? 12.696  -2.049  0.397   1.00 18.99 ? 1036 HOH A O     1 
HETATM 506 O  O     . HOH E 4 .  ? 2.113   0.627   -6.323  1.00 17.14 ? 1037 HOH A O     1 
HETATM 507 O  O     . HOH E 4 .  ? -12.110 -5.783  -1.417  1.00 20.33 ? 1038 HOH A O     1 
HETATM 508 O  O     . HOH E 4 .  ? -14.040 -7.827  1.890   1.00 21.17 ? 1039 HOH A O     1 
HETATM 509 O  O     . HOH E 4 .  ? -9.288  17.427  -2.230  1.00 21.37 ? 1040 HOH A O     1 
HETATM 510 O  O     . HOH E 4 .  ? -1.913  19.610  2.544   1.00 19.65 ? 1041 HOH A O     1 
HETATM 511 O  O     . HOH E 4 .  ? -9.637  13.217  -2.234  1.00 20.48 ? 1042 HOH A O     1 
HETATM 512 O  O     . HOH E 4 .  ? -2.633  -8.776  -3.814  1.00 20.55 ? 1043 HOH A O     1 
HETATM 513 O  O     . HOH E 4 .  ? 1.430   -7.755  -6.671  1.00 21.18 ? 1044 HOH A O     1 
HETATM 514 O  O     . HOH E 4 .  ? 10.942  -1.034  -2.117  1.00 22.42 ? 1045 HOH A O     1 
HETATM 515 O  O     . HOH E 4 .  ? -6.576  15.629  -5.803  1.00 23.37 ? 1046 HOH A O     1 
HETATM 516 O  O     . HOH E 4 .  ? 22.475  -8.498  2.186   1.00 22.76 ? 1047 HOH A O     1 
HETATM 517 O  O     . HOH E 4 .  ? 8.848   2.261   -5.993  1.00 26.20 ? 1048 HOH A O     1 
HETATM 518 O  O     . HOH E 4 .  ? -0.209  -4.776  3.615   1.00 23.09 ? 1049 HOH A O     1 
HETATM 519 O  O     . HOH E 4 .  ? -7.946  15.722  -3.306  1.00 21.56 ? 1050 HOH A O     1 
HETATM 520 O  O     . HOH E 4 .  ? -0.370  18.340  4.513   1.00 26.66 ? 1051 HOH A O     1 
HETATM 521 O  O     . HOH E 4 .  ? -10.354 -3.609  -4.480  1.00 25.12 ? 1052 HOH A O     1 
HETATM 522 O  O     . HOH E 4 .  ? 17.660  -7.714  -5.340  1.00 25.87 ? 1053 HOH A O     1 
HETATM 523 O  O     . HOH E 4 .  ? 12.683  1.813   -9.088  1.00 31.83 ? 1054 HOH A O     1 
HETATM 524 O  O     . HOH E 4 .  ? 0.944   -7.669  0.682   1.00 25.85 ? 1055 HOH A O     1 
HETATM 525 O  O     . HOH E 4 .  ? 4.018   -6.932  -8.469  1.00 26.72 ? 1056 HOH A O     1 
HETATM 526 O  O     . HOH E 4 .  ? -3.023  -2.834  5.065   1.00 30.48 ? 1057 HOH A O     1 
HETATM 527 O  O     . HOH E 4 .  ? -14.745 -8.809  -4.780  1.00 23.65 ? 1058 HOH A O     1 
HETATM 528 O  O     . HOH E 4 .  ? 22.136  -6.553  0.028   1.00 30.25 ? 1059 HOH A O     1 
HETATM 529 O  O     . HOH E 4 .  ? -14.511 -6.880  -0.527  1.00 25.66 ? 1060 HOH A O     1 
HETATM 530 O  O     . HOH E 4 .  ? 5.145   -9.874  -5.834  1.00 26.13 ? 1061 HOH A O     1 
HETATM 531 O  O     . HOH E 4 .  ? 14.224  1.016   -5.215  1.00 29.22 ? 1062 HOH A O     1 
HETATM 532 O  O     . HOH E 4 .  ? 12.656  0.896   -3.072  1.00 23.44 ? 1063 HOH A O     1 
HETATM 533 O  O     . HOH E 4 .  ? -8.144  0.880   -0.084  1.00 27.82 ? 1064 HOH A O     1 
HETATM 534 O  O     . HOH E 4 .  ? 20.031  -6.308  -1.861  1.00 26.10 ? 1065 HOH A O     1 
HETATM 535 O  O     . HOH E 4 .  ? -12.694 -2.989  2.542   1.00 31.59 ? 1066 HOH A O     1 
HETATM 536 O  O     . HOH E 4 .  ? 16.353  -6.088  -7.520  1.00 40.58 ? 1067 HOH A O     1 
HETATM 537 O  O     . HOH E 4 .  ? -8.517  -6.146  6.707   1.00 30.03 ? 1068 HOH A O     1 
HETATM 538 O  O     . HOH E 4 .  ? 11.072  3.030   -4.122  1.00 29.05 ? 1069 HOH A O     1 
HETATM 539 O  O     . HOH E 4 .  ? -1.046  -3.506  12.545  1.00 24.25 ? 1070 HOH A O     1 
HETATM 540 O  O     . HOH E 4 .  ? -0.557  -1.025  5.248   1.00 27.60 ? 1071 HOH A O     1 
HETATM 541 O  O     . HOH E 4 .  ? -0.712  -10.265 -2.287  1.00 31.86 ? 1072 HOH A O     1 
HETATM 542 O  O     . HOH E 4 .  ? -0.923  -9.157  1.006   1.00 29.72 ? 1073 HOH A O     1 
HETATM 543 O  O     . HOH E 4 .  ? 2.684   1.808   -8.787  1.00 36.10 ? 1074 HOH A O     1 
HETATM 544 O  O     . HOH E 4 .  ? -2.342  -7.975  -9.660  1.00 37.60 ? 1075 HOH A O     1 
HETATM 545 O  O     . HOH E 4 .  ? -1.685  -7.050  3.744   1.00 43.46 ? 1076 HOH A O     1 
HETATM 546 O  O     . HOH E 4 .  ? 0.087   -11.564 -5.369  1.00 55.06 ? 1077 HOH A O     1 
HETATM 547 O  O     . HOH E 4 .  ? 2.515   0.381   -11.157 1.00 45.42 ? 1078 HOH A O     1 
HETATM 548 O  O     . HOH E 4 .  ? -1.690  16.610  9.940   1.00 32.66 ? 1079 HOH A O     1 
HETATM 549 O  O     . HOH E 4 .  ? -1.954  1.491   6.259   1.00 28.43 ? 1080 HOH A O     1 
HETATM 550 O  O     . HOH E 4 .  ? -1.611  6.726   6.101   1.00 33.67 ? 1081 HOH A O     1 
HETATM 551 O  O     . HOH E 4 .  ? -0.047  21.578  2.314   1.00 38.59 ? 1082 HOH A O     1 
HETATM 552 O  O     . HOH E 4 .  ? -1.920  10.475  14.021  1.00 41.31 ? 1083 HOH A O     1 
HETATM 553 O  O     . HOH E 4 .  ? -0.062  9.816   10.778  0.50 42.64 ? 1084 HOH A O     1 
HETATM 554 O  O     . HOH E 4 .  ? 15.940  -13.593 -6.506  1.00 42.43 ? 1085 HOH A O     1 
HETATM 555 O  O     . HOH E 4 .  ? -11.985 -3.003  -1.822  1.00 36.24 ? 1086 HOH A O     1 
HETATM 556 O  O     . HOH E 4 .  ? -1.097  10.427  7.171   0.50 38.31 ? 1087 HOH A O     1 
HETATM 557 O  O     . HOH E 4 .  ? -0.705  3.457   5.389   1.00 43.61 ? 1088 HOH A O     1 
HETATM 558 O  O     . HOH E 4 .  ? 1.439   -10.717 -3.411  1.00 37.02 ? 1089 HOH A O     1 
HETATM 559 O  O     . HOH E 4 .  ? -3.398  14.844  12.069  1.00 44.39 ? 1090 HOH A O     1 
HETATM 560 O  O     . HOH E 4 .  ? -1.598  1.525   9.283   1.00 45.45 ? 1091 HOH A O     1 
HETATM 561 O  O     . HOH E 4 .  ? 23.892  -6.528  4.091   1.00 58.99 ? 1092 HOH A O     1 
HETATM 562 O  O     . HOH E 4 .  ? -2.688  4.970   9.882   1.00 45.07 ? 1093 HOH A O     1 
HETATM 563 O  O     . HOH E 4 .  ? 10.008  -4.762  -10.095 1.00 50.03 ? 1094 HOH A O     1 
HETATM 564 O  O     . HOH E 4 .  ? -8.972  1.464   12.644  1.00 45.72 ? 1095 HOH A O     1 
HETATM 565 O  O     . HOH E 4 .  ? -0.248  -9.825  -8.651  0.50 61.54 ? 1096 HOH A O     1 
HETATM 566 O  O     . HOH E 4 .  ? 6.046   -1.022  -11.972 1.00 40.96 ? 1097 HOH A O     1 
HETATM 567 O  O     . HOH E 4 .  ? -2.249  -1.692  12.055  0.50 45.82 ? 1098 HOH A O     1 
HETATM 568 O  O     . HOH E 4 .  ? -4.807  -4.160  9.755   1.00 52.66 ? 1099 HOH A O     1 
HETATM 569 O  O     . HOH E 4 .  ? -5.536  -1.363  -11.708 1.00 45.37 ? 1100 HOH A O     1 
HETATM 570 O  O     . HOH E 4 .  ? -5.376  -1.318  13.091  0.50 52.13 ? 1101 HOH A O     1 
HETATM 571 O  O     . HOH E 4 .  ? -6.426  3.225   16.706  0.50 48.29 ? 1102 HOH A O     1 
HETATM 572 O  O     . HOH E 4 .  ? -0.133  -1.691  13.382  1.00 45.82 ? 1103 HOH A O     1 
HETATM 573 O  O     . HOH E 4 .  ? -1.673  7.635   3.586   1.00 39.09 ? 1104 HOH A O     1 
HETATM 574 O  O     . HOH E 4 .  ? -5.018  -2.060  -9.180  0.50 38.22 ? 1105 HOH A O     1 
HETATM 575 O  O     . HOH E 4 .  ? -0.511  -5.974  -10.593 1.00 50.21 ? 1106 HOH A O     1 
HETATM 576 O  O     . HOH E 4 .  ? -12.618 -4.077  -5.902  1.00 53.43 ? 1107 HOH A O     1 
HETATM 577 O  O     . HOH E 4 .  ? -0.611  -11.604 1.972   0.50 34.79 ? 1108 HOH A O     1 
HETATM 578 O  O     . HOH E 4 .  ? 15.906  -10.525 -6.769  1.00 49.04 ? 1109 HOH A O     1 
HETATM 579 O  O     . HOH E 4 .  ? -2.102  -3.365  10.032  0.50 42.54 ? 1110 HOH A O     1 
HETATM 580 O  O     . HOH E 4 .  ? 2.715   21.534  3.993   0.50 39.71 ? 1111 HOH A O     1 
HETATM 581 O  O     . HOH E 4 .  ? -6.911  2.028   13.884  1.00 51.49 ? 1112 HOH A O     1 
HETATM 582 O  O     . HOH E 4 .  ? 3.067   -12.905 -6.265  0.50 39.01 ? 1113 HOH A O     1 
HETATM 583 O  O     . HOH E 4 .  ? 2.241   -1.562  -13.357 0.50 49.38 ? 1114 HOH A O     1 
HETATM 584 O  O     . HOH E 4 .  ? -1.802  10.081  2.593   1.00 36.56 ? 1115 HOH A O     1 
HETATM 585 O  O     . HOH E 4 .  ? -1.444  -7.917  -5.768  0.50 33.80 ? 1116 HOH A O     1 
HETATM 586 O  O     . HOH E 4 .  ? 19.541  -6.323  -4.503  1.00 46.19 ? 1117 HOH A O     1 
HETATM 587 O  O     . HOH E 4 .  ? 19.032  -3.461  -5.411  1.00 50.56 ? 1118 HOH A O     1 
HETATM 588 O  O     . HOH E 4 .  ? 5.897   2.692   -7.993  0.50 32.78 ? 1119 HOH A O     1 
HETATM 589 O  O     . HOH E 4 .  ? -5.846  14.751  -1.715  1.00 15.57 ? 1120 HOH A O     1 
HETATM 590 O  O     . HOH E 4 .  ? -7.420  12.315  -0.759  1.00 13.77 ? 1121 HOH A O     1 
HETATM 591 O  O     . HOH E 4 .  ? -4.885  13.217  0.635   1.00 14.82 ? 1122 HOH A O     1 
HETATM 592 O  O     . HOH F 4 .  ? -16.886 10.530  1.374   1.00 17.49 ? 1027 HOH B O     1 
HETATM 593 O  O     . HOH F 4 .  ? -16.292 10.184  -1.318  1.00 17.57 ? 1028 HOH B O     1 
HETATM 594 O  O     . HOH F 4 .  ? -4.887  0.200   -3.355  1.00 17.68 ? 1029 HOH B O     1 
HETATM 595 O  O     . HOH F 4 .  ? -6.961  9.675   -3.666  1.00 17.97 ? 1030 HOH B O     1 
HETATM 596 O  O     . HOH F 4 .  ? -11.744 10.952  -2.857  1.00 21.46 ? 1031 HOH B O     1 
HETATM 597 O  O     . HOH F 4 .  ? -11.512 4.258   1.562   1.00 20.36 ? 1032 HOH B O     1 
HETATM 598 O  O     . HOH F 4 .  ? -15.449 6.539   -6.727  1.00 23.62 ? 1033 HOH B O     1 
HETATM 599 O  O     . HOH F 4 .  ? -3.179  -0.113  -5.671  1.00 21.27 ? 1034 HOH B O     1 
HETATM 600 O  O     . HOH F 4 .  ? -7.646  -0.460  -2.847  1.00 21.75 ? 1035 HOH B O     1 
HETATM 601 O  O     . HOH F 4 .  ? 10.233  -15.359 9.088   1.00 20.41 ? 1036 HOH B O     1 
HETATM 602 O  O     . HOH F 4 .  ? 9.313   -16.826 6.839   1.00 22.99 ? 1037 HOH B O     1 
HETATM 603 O  O     . HOH F 4 .  ? -16.555 4.674   -5.282  1.00 21.16 ? 1038 HOH B O     1 
HETATM 604 O  O     . HOH F 4 .  ? 3.666   6.960   -1.262  1.00 25.26 ? 1039 HOH B O     1 
HETATM 605 O  O     . HOH F 4 .  ? -13.448 3.362   4.024   1.00 21.16 ? 1040 HOH B O     1 
HETATM 606 O  O     . HOH F 4 .  ? -15.082 8.704   -4.804  1.00 21.74 ? 1041 HOH B O     1 
HETATM 607 O  O     . HOH F 4 .  ? 6.538   -7.568  -8.321  1.00 27.59 ? 1042 HOH B O     1 
HETATM 608 O  O     . HOH F 4 .  ? 2.555   -5.446  4.025   1.00 26.43 ? 1043 HOH B O     1 
HETATM 609 O  O     . HOH F 4 .  ? 3.772   -12.014 -1.946  1.00 29.48 ? 1044 HOH B O     1 
HETATM 610 O  O     . HOH F 4 .  ? -12.385 9.408   -4.977  1.00 23.32 ? 1045 HOH B O     1 
HETATM 611 O  O     . HOH F 4 .  ? -14.419 12.135  -2.213  1.00 25.85 ? 1046 HOH B O     1 
HETATM 612 O  O     . HOH F 4 .  ? -21.265 6.002   6.406   1.00 30.22 ? 1047 HOH B O     1 
HETATM 613 O  O     . HOH F 4 .  ? -10.353 7.598   -5.510  1.00 29.45 ? 1048 HOH B O     1 
HETATM 614 O  O     . HOH F 4 .  ? 4.503   -12.190 3.605   1.00 35.77 ? 1049 HOH B O     1 
HETATM 615 O  O     . HOH F 4 .  ? 4.095   -3.333  5.195   1.00 27.72 ? 1050 HOH B O     1 
HETATM 616 O  O     . HOH F 4 .  ? 4.155   0.839   4.703   1.00 24.93 ? 1051 HOH B O     1 
HETATM 617 O  O     . HOH F 4 .  ? -21.134 9.657   1.571   1.00 31.34 ? 1052 HOH B O     1 
HETATM 618 O  O     . HOH F 4 .  ? 1.795   2.963   4.377   1.00 38.36 ? 1053 HOH B O     1 
HETATM 619 O  O     . HOH F 4 .  ? 7.026   -13.684 -4.457  0.50 37.04 ? 1054 HOH B O     1 
HETATM 620 O  O     . HOH F 4 .  ? 0.464   6.338   2.260   1.00 31.67 ? 1055 HOH B O     1 
HETATM 621 O  O     . HOH F 4 .  ? -1.488  0.689   -9.598  1.00 38.10 ? 1056 HOH B O     1 
HETATM 622 O  O     . HOH F 4 .  ? -19.236 4.206   -1.859  1.00 27.91 ? 1057 HOH B O     1 
HETATM 623 O  O     . HOH F 4 .  ? 4.664   -9.715  4.763   1.00 39.83 ? 1058 HOH B O     1 
HETATM 624 O  O     . HOH F 4 .  ? -9.783  2.719   -0.728  1.00 30.04 ? 1059 HOH B O     1 
HETATM 625 O  O     . HOH F 4 .  ? -17.005 14.738  -0.115  1.00 33.56 ? 1060 HOH B O     1 
HETATM 626 O  O     . HOH F 4 .  ? -19.857 7.613   -2.152  0.50 34.73 ? 1061 HOH B O     1 
HETATM 627 O  O     . HOH F 4 .  ? 11.053  1.782   7.043   1.00 41.95 ? 1062 HOH B O     1 
HETATM 628 O  O     . HOH F 4 .  ? 3.093   -11.133 2.192   1.00 36.57 ? 1063 HOH B O     1 
HETATM 629 O  O     . HOH F 4 .  ? 7.667   -16.287 -6.456  1.00 37.58 ? 1064 HOH B O     1 
HETATM 630 O  O     . HOH F 4 .  ? -18.218 2.962   3.233   1.00 36.95 ? 1065 HOH B O     1 
HETATM 631 O  O     . HOH F 4 .  ? -4.153  -0.011  -8.206  1.00 33.81 ? 1066 HOH B O     1 
HETATM 632 O  O     . HOH F 4 .  ? 7.026   6.614   1.366   1.00 36.03 ? 1067 HOH B O     1 
HETATM 633 O  O     . HOH F 4 .  ? -9.078  -1.156  -5.034  1.00 32.68 ? 1068 HOH B O     1 
HETATM 634 O  O     . HOH F 4 .  ? -14.408 13.364  -0.121  1.00 33.49 ? 1069 HOH B O     1 
HETATM 635 O  O     . HOH F 4 .  ? -18.235 11.014  -3.014  1.00 33.18 ? 1070 HOH B O     1 
HETATM 636 O  O     . HOH F 4 .  ? -16.163 10.475  -6.438  1.00 34.86 ? 1071 HOH B O     1 
HETATM 637 O  O     . HOH F 4 .  ? -19.287 0.447   4.118   1.00 31.23 ? 1072 HOH B O     1 
HETATM 638 O  O     . HOH F 4 .  ? -2.332  9.248   -4.111  1.00 35.24 ? 1073 HOH B O     1 
HETATM 639 O  O     . HOH F 4 .  ? -11.510 8.905   -8.813  1.00 34.74 ? 1074 HOH B O     1 
HETATM 640 O  O     . HOH F 4 .  ? 14.735  3.582   2.041   1.00 38.36 ? 1075 HOH B O     1 
HETATM 641 O  O     . HOH F 4 .  ? 7.121   4.005   2.748   1.00 38.48 ? 1076 HOH B O     1 
HETATM 642 O  O     . HOH F 4 .  ? 2.473   8.542   -3.255  1.00 36.88 ? 1077 HOH B O     1 
HETATM 643 O  O     . HOH F 4 .  ? 6.695   0.850   5.980   1.00 31.53 ? 1078 HOH B O     1 
HETATM 644 O  O     . HOH F 4 .  ? 3.326   -8.774  0.824   1.00 35.42 ? 1079 HOH B O     1 
HETATM 645 O  O     . HOH F 4 .  ? 2.348   7.998   1.254   1.00 33.50 ? 1080 HOH B O     1 
HETATM 646 O  O     . HOH F 4 .  ? -18.739 12.005  0.086   1.00 37.45 ? 1081 HOH B O     1 
HETATM 647 O  O     . HOH F 4 .  ? -19.816 5.361   8.607   1.00 39.98 ? 1082 HOH B O     1 
HETATM 648 O  O     . HOH F 4 .  ? 4.655   -4.269  7.804   1.00 48.64 ? 1083 HOH B O     1 
HETATM 649 O  O     . HOH F 4 .  ? 10.484  -12.837 9.074   1.00 43.09 ? 1084 HOH B O     1 
HETATM 650 O  O     . HOH F 4 .  ? -16.464 3.528   4.784   1.00 44.32 ? 1085 HOH B O     1 
HETATM 651 O  O     . HOH F 4 .  ? 5.331   -15.108 -0.985  1.00 46.27 ? 1086 HOH B O     1 
HETATM 652 O  O     . HOH F 4 .  ? -1.840  9.928   -8.041  1.00 54.80 ? 1087 HOH B O     1 
HETATM 653 O  O     . HOH F 4 .  ? -12.164 1.647   -0.448  1.00 47.70 ? 1088 HOH B O     1 
HETATM 654 O  O     . HOH F 4 .  ? -7.955  -0.596  -7.157  1.00 47.83 ? 1089 HOH B O     1 
HETATM 655 O  O     . HOH F 4 .  ? 5.819   -16.450 -4.537  1.00 41.45 ? 1090 HOH B O     1 
HETATM 656 O  O     . HOH F 4 .  ? -0.271  7.758   -4.736  1.00 42.15 ? 1091 HOH B O     1 
HETATM 657 O  O     . HOH F 4 .  ? 13.366  4.686   -0.667  0.50 35.37 ? 1092 HOH B O     1 
HETATM 658 O  O     . HOH F 4 .  ? 4.358   3.789   5.021   1.00 38.56 ? 1093 HOH B O     1 
HETATM 659 O  O     . HOH F 4 .  ? 2.706   -19.264 5.396   0.50 48.81 ? 1094 HOH B O     1 
HETATM 660 O  O     . HOH F 4 .  ? 1.966   10.460  0.478   0.50 39.70 ? 1095 HOH B O     1 
HETATM 661 O  O     . HOH F 4 .  ? -16.054 2.309   -2.170  1.00 48.38 ? 1096 HOH B O     1 
HETATM 662 O  O     . HOH F 4 .  ? -21.928 11.526  0.204   1.00 44.64 ? 1097 HOH B O     1 
HETATM 663 O  O     . HOH F 4 .  ? 9.027   5.034   -6.077  0.50 35.95 ? 1098 HOH B O     1 
HETATM 664 O  O     . HOH F 4 .  ? 3.809   8.146   2.895   0.50 53.29 ? 1099 HOH B O     1 
HETATM 665 O  O     . HOH F 4 .  ? 8.751   -20.041 -8.767  0.50 40.44 ? 1100 HOH B O     1 
HETATM 666 O  O     . HOH F 4 .  ? -1.140  -1.392  -11.533 1.00 47.93 ? 1101 HOH B O     1 
HETATM 667 O  O     . HOH F 4 .  ? -12.075 0.348   -4.996  1.00 45.40 ? 1102 HOH B O     1 
HETATM 668 O  O     . HOH F 4 .  ? -0.309  7.477   -8.408  0.50 42.47 ? 1103 HOH B O     1 
HETATM 669 O  O     . HOH F 4 .  ? 4.476   -10.602 -8.535  0.50 49.50 ? 1104 HOH B O     1 
HETATM 670 O  O     . HOH F 4 .  ? -4.125  6.147   -15.825 0.50 56.90 ? 1105 HOH B O     1 
HETATM 671 O  O     . HOH F 4 .  ? 4.398   -15.182 2.493   0.50 34.96 ? 1106 HOH B O     1 
HETATM 672 O  O     . HOH F 4 .  ? 6.180   -11.764 10.060  0.50 42.20 ? 1107 HOH B O     1 
HETATM 673 O  O     . HOH F 4 .  ? -22.785 4.086   5.415   0.50 41.87 ? 1108 HOH B O     1 
HETATM 674 O  O     . HOH F 4 .  ? 2.204   -1.152  4.860   1.00 27.61 ? 1109 HOH B O     1 
HETATM 675 O  O     . HOH F 4 .  ? -20.145 5.069   3.078   0.50 40.03 ? 1110 HOH B O     1 
HETATM 676 O  O     . HOH F 4 .  ? 2.431   -4.124  9.770   1.00 48.39 ? 1111 HOH B O     1 
HETATM 677 O  O     . HOH F 4 .  ? -4.609  8.818   -4.753  0.50 52.89 ? 1112 HOH B O     1 
HETATM 678 O  O     . HOH F 4 .  ? -17.451 0.697   -3.395  1.00 49.88 ? 1113 HOH B O     1 
HETATM 679 O  O     . HOH F 4 .  ? -3.436  12.885  -1.964  1.00 16.48 ? 1114 HOH B O     1 
HETATM 680 O  O     . HOH F 4 .  ? -5.088  10.652  -1.021  1.00 15.78 ? 1115 HOH B O     1 
HETATM 681 O  O     . HOH F 4 .  ? -6.052  12.290  -3.324  1.00 14.58 ? 1116 HOH B O     1 
# 
loop_
_atom_site_anisotrop.id 
_atom_site_anisotrop.type_symbol 
_atom_site_anisotrop.pdbx_label_atom_id 
_atom_site_anisotrop.pdbx_label_alt_id 
_atom_site_anisotrop.pdbx_label_comp_id 
_atom_site_anisotrop.pdbx_label_asym_id 
_atom_site_anisotrop.pdbx_label_seq_id 
_atom_site_anisotrop.pdbx_PDB_ins_code 
_atom_site_anisotrop.U[1][1] 
_atom_site_anisotrop.U[2][2] 
_atom_site_anisotrop.U[3][3] 
_atom_site_anisotrop.U[1][2] 
_atom_site_anisotrop.U[1][3] 
_atom_site_anisotrop.U[2][3] 
_atom_site_anisotrop.pdbx_auth_seq_id 
_atom_site_anisotrop.pdbx_auth_comp_id 
_atom_site_anisotrop.pdbx_auth_asym_id 
_atom_site_anisotrop.pdbx_auth_atom_id 
1   O  "O5'" . DC  A 1  ? 0.2674 0.2198 0.2163 -0.0749 0.0176  0.0548  1    DC  A "O5'" 
2   C  "C5'" . DC  A 1  ? 0.2572 0.1626 0.1875 -0.0999 -0.0058 0.0391  1    DC  A "C5'" 
3   C  "C4'" . DC  A 1  ? 0.2304 0.1594 0.1621 -0.0283 0.0310  0.0427  1    DC  A "C4'" 
4   O  "O4'" . DC  A 1  ? 0.1762 0.1428 0.1757 -0.0262 0.0244  0.0147  1    DC  A "O4'" 
5   C  "C3'" . DC  A 1  ? 0.2046 0.1698 0.1954 -0.0118 0.0209  0.0578  1    DC  A "C3'" 
6   O  "O3'" . DC  A 1  ? 0.2318 0.2207 0.1610 -0.0285 -0.0385 0.0398  1    DC  A "O3'" 
7   C  "C2'" . DC  A 1  ? 0.1294 0.1246 0.2667 -0.0121 0.0454  0.0311  1    DC  A "C2'" 
8   C  "C1'" . DC  A 1  ? 0.2607 0.1399 0.1414 -0.0106 -0.0123 0.0084  1    DC  A "C1'" 
9   N  N1    . DC  A 1  ? 0.1466 0.1482 0.1403 -0.0088 0.0429  0.0290  1    DC  A N1    
10  C  C2    . DC  A 1  ? 0.2323 0.1222 0.0986 -0.0206 0.0046  -0.0066 1    DC  A C2    
11  O  O2    . DC  A 1  ? 0.1837 0.1912 0.1502 -0.0309 0.0140  0.0234  1    DC  A O2    
12  N  N3    . DC  A 1  ? 0.1640 0.1685 0.1244 0.0141  0.0296  0.0132  1    DC  A N3    
13  C  C4    . DC  A 1  ? 0.1539 0.1502 0.1646 -0.0216 -0.0181 -0.0080 1    DC  A C4    
14  N  N4    . DC  A 1  ? 0.1892 0.1720 0.1413 0.0048  0.0425  0.0411  1    DC  A N4    
15  C  C5    . DC  A 1  ? 0.1545 0.1420 0.1611 -0.0126 0.0391  0.0146  1    DC  A C5    
16  C  C6    . DC  A 1  ? 0.1462 0.1618 0.1483 -0.0161 0.0212  0.0282  1    DC  A C6    
17  P  P     . DG  A 2  ? 0.2371 0.2327 0.2011 -0.0313 -0.0223 0.0071  2    DG  A P     
18  O  OP1   . DG  A 2  ? 0.3098 0.2208 0.2321 -0.0372 -0.0526 0.0152  2    DG  A OP1   
19  O  OP2   . DG  A 2  ? 0.2925 0.2465 0.1773 0.0146  0.0091  0.0411  2    DG  A OP2   
20  O  "O5'" . DG  A 2  ? 0.2086 0.2219 0.1837 -0.0102 0.0023  0.0529  2    DG  A "O5'" 
21  C  "C5'" . DG  A 2  ? 0.3655 0.2061 0.1420 -0.0421 -0.0128 -0.0010 2    DG  A "C5'" 
22  C  "C4'" . DG  A 2  ? 0.2053 0.2090 0.1378 0.0155  -0.0116 0.0187  2    DG  A "C4'" 
23  O  "O4'" . DG  A 2  ? 0.1702 0.2650 0.1503 0.0084  -0.0255 0.0081  2    DG  A "O4'" 
24  C  "C3'" . DG  A 2  ? 0.2655 0.1654 0.1543 -0.0521 -0.0397 0.0434  2    DG  A "C3'" 
25  O  "O3'" . DG  A 2  ? 0.2155 0.3334 0.2086 -0.0589 -0.0793 0.0875  2    DG  A "O3'" 
26  C  "C2'" . DG  A 2  ? 0.2146 0.1907 0.2557 0.0373  -0.0763 0.0238  2    DG  A "C2'" 
27  C  "C1'" . DG  A 2  ? 0.1853 0.1733 0.1668 0.0163  -0.0035 -0.0052 2    DG  A "C1'" 
28  N  N9    . DG  A 2  ? 0.1513 0.1760 0.1768 0.0111  -0.0329 0.0029  2    DG  A N9    
29  C  C8    . DG  A 2  ? 0.1799 0.1440 0.1762 -0.0083 0.0075  0.0327  2    DG  A C8    
30  N  N7    . DG  A 2  ? 0.1360 0.1866 0.1495 0.0074  -0.0124 -0.0003 2    DG  A N7    
31  C  C5    . DG  A 2  ? 0.1375 0.1337 0.1567 -0.0149 0.0003  0.0074  2    DG  A C5    
32  C  C6    . DG  A 2  ? 0.1744 0.1525 0.0884 0.0118  0.0333  0.0151  2    DG  A C6    
33  O  O6    . DG  A 2  ? 0.1666 0.1306 0.1550 0.0095  0.0220  0.0098  2    DG  A O6    
34  N  N1    . DG  A 2  ? 0.2036 0.1462 0.1195 0.0448  0.0038  -0.0056 2    DG  A N1    
35  C  C2    . DG  A 2  ? 0.1663 0.1120 0.1466 -0.0009 0.0426  0.0101  2    DG  A C2    
36  N  N2    . DG  A 2  ? 0.1615 0.1356 0.1300 -0.0032 -0.0082 -0.0195 2    DG  A N2    
37  N  N3    . DG  A 2  ? 0.1310 0.1478 0.1664 0.0222  -0.0260 -0.0405 2    DG  A N3    
38  C  C4    . DG  A 2  ? 0.1629 0.1358 0.1520 -0.0146 0.0312  0.0138  2    DG  A C4    
39  P  P     . DC  A 3  ? 0.2186 0.2407 0.2218 -0.0300 -0.0551 0.0582  3    DC  A P     
40  O  OP1   . DC  A 3  ? 0.5891 0.3094 0.3365 0.0797  -0.2699 -0.0915 3    DC  A OP1   
41  O  OP2   . DC  A 3  ? 0.2481 0.5538 0.4058 0.0169  0.0238  0.2532  3    DC  A OP2   
42  O  "O5'" . DC  A 3  ? 0.2283 0.2508 0.2475 0.0061  -0.0405 -0.0098 3    DC  A "O5'" 
43  C  "C5'" . DC  A 3  ? 0.2150 0.1964 0.2604 0.0277  -0.0692 0.0181  3    DC  A "C5'" 
44  C  "C4'" . DC  A 3  ? 0.2161 0.1705 0.1545 0.0175  0.0196  -0.0265 3    DC  A "C4'" 
45  O  "O4'" . DC  A 3  ? 0.2787 0.1636 0.2090 0.0524  -0.0280 -0.0196 3    DC  A "O4'" 
46  C  "C3'" . DC  A 3  ? 0.2594 0.1354 0.2125 -0.0095 -0.0439 0.0102  3    DC  A "C3'" 
47  O  "O3'" . DC  A 3  ? 0.4205 0.1556 0.2200 -0.0404 0.0001  0.0270  3    DC  A "O3'" 
48  C  "C2'" . DC  A 3  ? 0.4111 0.1691 0.2202 0.0428  -0.0498 0.0235  3    DC  A "C2'" 
49  C  "C1'" . DC  A 3  ? 0.3124 0.1644 0.1721 0.0223  0.0334  -0.0121 3    DC  A "C1'" 
50  N  N1    . DC  A 3  ? 0.2354 0.1655 0.1782 0.0256  -0.0573 -0.0410 3    DC  A N1    
51  C  C2    . DC  A 3  ? 0.1766 0.1185 0.1624 0.0222  0.0088  0.0055  3    DC  A C2    
52  O  O2    . DC  A 3  ? 0.2429 0.1360 0.1727 0.0103  -0.0011 0.0022  3    DC  A O2    
53  N  N3    . DC  A 3  ? 0.1858 0.1515 0.1995 0.0277  -0.0233 -0.0138 3    DC  A N3    
54  C  C4    . DC  A 3  ? 0.2080 0.2151 0.1878 0.0698  0.0249  -0.0194 3    DC  A C4    
55  N  N4    . DC  A 3  ? 0.1785 0.2243 0.1843 0.0392  -0.0132 -0.0579 3    DC  A N4    
56  C  C5    . DC  A 3  ? 0.2853 0.1993 0.1424 0.0329  -0.0409 -0.0291 3    DC  A C5    
57  C  C6    . DC  A 3  ? 0.2875 0.1721 0.2372 0.0506  -0.1507 -0.0224 3    DC  A C6    
58  P  P     . DG  A 4  ? 0.4696 0.2458 0.2888 -0.0154 -0.1361 0.0202  4    DG  A P     
59  O  OP1   . DG  A 4  ? 1.9603 0.3688 0.2471 -0.4866 -0.1445 0.1424  4    DG  A OP1   
60  O  OP2   . DG  A 4  ? 0.3452 0.2007 0.4693 0.0580  -0.0813 0.0353  4    DG  A OP2   
61  O  "O5'" . DG  A 4  ? 0.3150 0.1769 0.2568 0.0147  -0.0646 0.0136  4    DG  A "O5'" 
62  C  "C5'" . DG  A 4  ? 0.2625 0.2385 0.2569 -0.0071 0.0062  -0.0121 4    DG  A "C5'" 
63  C  "C4'" . DG  A 4  ? 0.2925 0.2189 0.2436 0.0133  -0.0720 -0.0583 4    DG  A "C4'" 
64  O  "O4'" . DG  A 4  ? 0.3391 0.3435 0.2185 0.0986  -0.0220 -0.0549 4    DG  A "O4'" 
65  C  "C3'" . DG  A 4  ? 0.2638 0.2514 0.2633 0.0708  -0.0080 -0.0632 4    DG  A "C3'" 
66  O  "O3'" . DG  A 4  ? 0.4014 0.5048 0.6443 0.0415  -0.1942 -0.3081 4    DG  A "O3'" 
67  C  "C2'" . DG  A 4  ? 0.6122 0.2813 0.1796 0.1463  -0.1183 -0.0099 4    DG  A "C2'" 
68  C  "C1'" . DG  A 4  ? 0.2896 0.3789 0.1552 0.1251  -0.0082 -0.0127 4    DG  A "C1'" 
69  N  N9    . DG  A 4  ? 0.2838 0.2599 0.1681 0.1024  -0.0256 -0.0664 4    DG  A N9    
70  C  C8    . DG  A 4  ? 0.4493 0.3714 0.2126 0.1960  -0.1178 -0.1309 4    DG  A C8    
71  N  N7    . DG  A 4  ? 0.3386 0.3817 0.2158 0.2211  -0.0668 -0.0790 4    DG  A N7    
72  C  C5    . DG  A 4  ? 0.3283 0.2557 0.2743 0.1690  -0.1081 -0.0502 4    DG  A C5    
73  C  C6    . DG  A 4  ? 0.2525 0.1984 0.2931 0.0932  -0.0489 -0.0099 4    DG  A C6    
74  O  O6    . DG  A 4  ? 0.3160 0.2075 0.2629 0.1244  -0.0723 -0.0829 4    DG  A O6    
75  N  N1    . DG  A 4  ? 0.2790 0.1894 0.1899 0.0748  -0.0362 -0.0242 4    DG  A N1    
76  C  C2    . DG  A 4  ? 0.3328 0.1682 0.3296 0.1514  -0.0681 -0.1005 4    DG  A C2    
77  N  N2    . DG  A 4  ? 0.2555 0.2459 0.1700 0.0253  -0.0308 -0.0431 4    DG  A N2    
78  N  N3    . DG  A 4  ? 0.3537 0.2568 0.1749 0.1359  -0.0415 -0.0296 4    DG  A N3    
79  C  C4    . DG  A 4  ? 0.3482 0.2937 0.1591 0.2068  -0.0475 -0.0824 4    DG  A C4    
80  P  P     . DA  A 5  ? 0.5085 0.2261 0.2532 0.0362  -0.0869 0.0305  5    DA  A P     
81  O  OP1   . DA  A 5  ? 1.0441 0.4654 0.3633 0.2796  0.0794  0.1987  5    DA  A OP1   
82  O  OP2   . DA  A 5  ? 0.6750 0.2560 0.6006 0.1033  -0.3981 -0.0114 5    DA  A OP2   
83  O  "O5'" . DA  A 5  ? 0.3480 0.1860 0.2840 0.0273  -0.0896 0.0100  5    DA  A "O5'" 
84  C  "C5'" . DA  A 5  ? 0.2654 0.1683 0.2452 -0.0253 0.0554  -0.0188 5    DA  A "C5'" 
85  C  "C4'" . DA  A 5  ? 0.4351 0.1366 0.2221 0.0021  0.0316  -0.0920 5    DA  A "C4'" 
86  O  "O4'" . DA  A 5  ? 0.3472 0.1626 0.2624 0.0259  0.0919  0.0184  5    DA  A "O4'" 
87  C  "C3'" . DA  A 5  ? 0.3816 0.1795 0.1962 -0.0881 -0.0708 0.0390  5    DA  A "C3'" 
88  O  "O3'" . DA  A 5  ? 0.2303 0.1896 0.1937 -0.0030 0.0131  -0.0587 5    DA  A "O3'" 
89  C  "C2'" . DA  A 5  ? 0.2377 0.1591 0.2687 0.0015  0.0489  0.0817  5    DA  A "C2'" 
90  C  "C1'" . DA  A 5  ? 0.2585 0.1907 0.1992 0.0187  0.0710  0.0153  5    DA  A "C1'" 
91  N  N9    . DA  A 5  ? 0.2746 0.2141 0.1428 0.0195  0.0270  -0.0006 5    DA  A N9    
92  C  C8    . DA  A 5  ? 0.2555 0.2411 0.1861 0.0145  0.0252  -0.0352 5    DA  A C8    
93  N  N7    . DA  A 5  ? 0.1992 0.2270 0.2127 0.0899  0.0218  0.0147  5    DA  A N7    
94  C  C5    . DA  A 5  ? 0.2056 0.1286 0.1662 0.0249  0.0133  -0.0058 5    DA  A C5    
95  C  C6    . DA  A 5  ? 0.2166 0.1360 0.3298 0.0241  -0.0362 0.0017  5    DA  A C6    
96  N  N6    . DA  A 5  ? 0.3201 0.1588 0.1708 0.0930  0.0273  0.0382  5    DA  A N6    
97  N  N1    . DA  A 5  ? 0.2644 0.1500 0.1919 0.0880  -0.0188 0.0003  5    DA  A N1    
98  C  C2    . DA  A 5  ? 0.2605 0.2438 0.1497 0.1152  0.0151  0.0057  5    DA  A C2    
99  N  N3    . DA  A 5  ? 0.2680 0.1898 0.1994 0.0604  0.0650  0.0446  5    DA  A N3    
100 C  C4    . DA  A 5  ? 0.3348 0.1183 0.1933 0.0458  0.0707  0.0329  5    DA  A C4    
101 P  P     . DA  A 6  ? 0.2471 0.1710 0.2275 0.0015  0.0083  -0.0194 6    DA  A P     
102 O  OP1   . DA  A 6  ? 0.2629 0.1853 0.2264 -0.0004 0.0194  -0.0542 6    DA  A OP1   
103 O  OP2   . DA  A 6  ? 0.3167 0.1793 0.1919 0.0146  0.0009  -0.0243 6    DA  A OP2   
104 O  "O5'" . DA  A 6  ? 0.2567 0.1901 0.1789 0.0097  0.0601  -0.0336 6    DA  A "O5'" 
105 C  "C5'" . DA  A 6  ? 0.3037 0.1513 0.2416 -0.0153 0.0215  -0.0007 6    DA  A "C5'" 
106 C  "C4'" . DA  A 6  ? 0.1529 0.1744 0.1896 0.0034  0.0043  -0.0386 6    DA  A "C4'" 
107 O  "O4'" . DA  A 6  ? 0.1855 0.1231 0.2500 0.0082  -0.0208 -0.0229 6    DA  A "O4'" 
108 C  "C3'" . DA  A 6  ? 0.1437 0.1359 0.1762 -0.0168 0.0050  -0.0241 6    DA  A "C3'" 
109 O  "O3'" . DA  A 6  ? 0.1565 0.1561 0.1963 -0.0015 0.0189  -0.0236 6    DA  A "O3'" 
110 C  "C2'" . DA  A 6  ? 0.1564 0.1314 0.2149 0.0253  0.0101  -0.0134 6    DA  A "C2'" 
111 C  "C1'" . DA  A 6  ? 0.1302 0.1682 0.2005 0.0408  0.0296  0.0210  6    DA  A "C1'" 
112 N  N9    . DA  A 6  ? 0.1310 0.1257 0.1878 0.0219  -0.0031 -0.0153 6    DA  A N9    
113 C  C8    . DA  A 6  ? 0.2098 0.1525 0.1271 -0.0166 0.0225  0.0118  6    DA  A C8    
114 N  N7    . DA  A 6  ? 0.1881 0.1116 0.1884 0.0170  0.0113  0.0027  6    DA  A N7    
115 C  C5    . DA  A 6  ? 0.1326 0.1436 0.2031 0.0036  -0.0029 -0.0330 6    DA  A C5    
116 C  C6    . DA  A 6  ? 0.1863 0.0998 0.1553 0.0281  -0.0390 -0.0181 6    DA  A C6    
117 N  N6    . DA  A 6  ? 0.1797 0.1167 0.1928 0.0129  -0.0159 -0.0148 6    DA  A N6    
118 N  N1    . DA  A 6  ? 0.1551 0.1197 0.2055 0.0337  -0.0330 -0.0294 6    DA  A N1    
119 C  C2    . DA  A 6  ? 0.1631 0.1384 0.1779 -0.0094 0.0112  -0.0133 6    DA  A C2    
120 N  N3    . DA  A 6  ? 0.1270 0.1373 0.2417 0.0204  -0.0225 -0.0269 6    DA  A N3    
121 C  C4    . DA  A 6  ? 0.1596 0.1152 0.1462 -0.0037 -0.0019 0.0056  6    DA  A C4    
122 P  P     . DT  A 7  ? 0.1534 0.1680 0.1883 -0.0157 -0.0118 -0.0138 7    DT  A P     
123 O  OP1   . DT  A 7  ? 0.1979 0.1920 0.1706 -0.0290 0.0051  -0.0047 7    DT  A OP1   
124 O  OP2   . DT  A 7  ? 0.1486 0.1630 0.1906 -0.0022 0.0215  -0.0210 7    DT  A OP2   
125 O  "O5'" . DT  A 7  ? 0.1324 0.1886 0.1790 -0.0145 0.0090  -0.0076 7    DT  A "O5'" 
126 C  "C5'" . DT  A 7  ? 0.1562 0.2176 0.1518 -0.0451 -0.0111 0.0094  7    DT  A "C5'" 
127 C  "C4'" . DT  A 7  ? 0.1390 0.1904 0.1744 -0.0228 0.0205  -0.0173 7    DT  A "C4'" 
128 O  "O4'" . DT  A 7  ? 0.1604 0.1793 0.1888 -0.0083 -0.0242 -0.0177 7    DT  A "O4'" 
129 C  "C3'" . DT  A 7  ? 0.1559 0.2533 0.1894 -0.0083 -0.0393 -0.0648 7    DT  A "C3'" 
130 O  "O3'" . DT  A 7  ? 0.1626 0.2764 0.1589 -0.0147 -0.0292 -0.0296 7    DT  A "O3'" 
131 C  "C2'" . DT  A 7  ? 0.1881 0.1963 0.1396 -0.0208 -0.0235 -0.0363 7    DT  A "C2'" 
132 C  "C1'" . DT  A 7  ? 0.0904 0.2280 0.2019 -0.0062 0.0079  -0.0263 7    DT  A "C1'" 
133 N  N1    . DT  A 7  ? 0.1069 0.1349 0.2147 -0.0067 -0.0204 -0.0144 7    DT  A N1    
134 C  C2    . DT  A 7  ? 0.1772 0.1319 0.1857 0.0151  -0.0510 -0.0176 7    DT  A C2    
135 O  O2    . DT  A 7  ? 0.1700 0.1230 0.2220 0.0012  -0.0225 -0.0152 7    DT  A O2    
136 N  N3    . DT  A 7  ? 0.1243 0.1266 0.2317 -0.0117 0.0009  -0.0329 7    DT  A N3    
137 C  C4    . DT  A 7  ? 0.1380 0.1007 0.2192 -0.0245 -0.0216 -0.0353 7    DT  A C4    
138 O  O4    . DT  A 7  ? 0.1548 0.1349 0.1852 -0.0057 -0.0364 -0.0317 7    DT  A O4    
139 C  C5    . DT  A 7  ? 0.1743 0.1119 0.1703 0.0112  -0.0316 0.0050  7    DT  A C5    
140 C  C7    . DT  A 7  ? 0.1552 0.1321 0.2645 -0.0192 -0.0273 -0.0203 7    DT  A C7    
141 C  C6    . DT  A 7  ? 0.1312 0.1304 0.2808 0.0293  -0.0169 -0.0554 7    DT  A C6    
142 P  P     . DT  A 8  ? 0.2059 0.2362 0.1906 -0.0489 -0.0121 -0.0085 8    DT  A P     
143 O  OP1   . DT  A 8  ? 0.2699 0.3275 0.1662 -0.0735 0.0038  -0.0410 8    DT  A OP1   
144 O  OP2   . DT  A 8  ? 0.2851 0.2574 0.2357 0.0040  0.0099  -0.0264 8    DT  A OP2   
145 O  "O5'" . DT  A 8  ? 0.1886 0.2155 0.2161 -0.0660 0.0118  -0.0090 8    DT  A "O5'" 
146 C  "C5'" . DT  A 8  ? 0.1750 0.2067 0.2098 -0.0507 -0.0424 0.0063  8    DT  A "C5'" 
147 C  "C4'" . DT  A 8  ? 0.1717 0.1803 0.2161 -0.0215 0.0023  -0.0443 8    DT  A "C4'" 
148 O  "O4'" . DT  A 8  ? 0.1562 0.1741 0.1753 -0.0012 -0.0234 -0.0040 8    DT  A "O4'" 
149 C  "C3'" . DT  A 8  ? 0.1638 0.2386 0.1870 -0.0050 -0.0099 0.0385  8    DT  A "C3'" 
150 O  "O3'" . DT  A 8  ? 0.1774 0.2614 0.2023 -0.0080 -0.0118 0.0678  8    DT  A "O3'" 
151 C  "C2'" . DT  A 8  ? 0.1957 0.1704 0.1469 -0.0009 0.0263  -0.0274 8    DT  A "C2'" 
152 C  "C1'" . DT  A 8  ? 0.1303 0.1857 0.2795 -0.0292 -0.0270 0.0740  8    DT  A "C1'" 
153 N  N1    . DT  A 8  ? 0.1457 0.1387 0.1764 -0.0237 -0.0014 -0.0110 8    DT  A N1    
154 C  C2    . DT  A 8  ? 0.1564 0.1121 0.2252 -0.0512 0.0165  0.0224  8    DT  A C2    
155 O  O2    . DT  A 8  ? 0.1588 0.1319 0.1633 -0.0250 0.0029  -0.0025 8    DT  A O2    
156 N  N3    . DT  A 8  ? 0.1299 0.1045 0.1928 -0.0364 0.0140  -0.0187 8    DT  A N3    
157 C  C4    . DT  A 8  ? 0.1349 0.1514 0.1598 0.0202  0.0046  0.0138  8    DT  A C4    
158 O  O4    . DT  A 8  ? 0.1266 0.1057 0.1826 -0.0186 -0.0160 0.0018  8    DT  A O4    
159 C  C5    . DT  A 8  ? 0.1475 0.1170 0.1656 -0.0340 -0.0217 -0.0212 8    DT  A C5    
160 C  C7    . DT  A 8  ? 0.1728 0.1493 0.2125 -0.0326 -0.0527 0.0003  8    DT  A C7    
161 C  C6    . DT  A 8  ? 0.1460 0.1485 0.1684 -0.0257 0.0058  -0.0027 8    DT  A C6    
162 P  P     . DC  A 9  ? 0.1824 0.2399 0.1894 -0.0292 0.0024  0.0222  9    DC  A P     
163 O  OP1   . DC  A 9  ? 0.1858 0.2871 0.2615 0.0016  0.0166  0.0180  9    DC  A OP1   
164 O  OP2   . DC  A 9  ? 0.2176 0.3125 0.2005 -0.0623 -0.0065 -0.0125 9    DC  A OP2   
165 O  "O5'" . DC  A 9  ? 0.1773 0.2375 0.1646 -0.0300 0.0033  0.0090  9    DC  A "O5'" 
166 C  "C5'" . DC  A 9  ? 0.1703 0.1680 0.2047 -0.0105 -0.0330 0.0243  9    DC  A "C5'" 
167 C  "C4'" . DC  A 9  ? 0.2213 0.1272 0.1903 -0.0245 0.0472  0.0312  9    DC  A "C4'" 
168 O  "O4'" . DC  A 9  ? 0.2294 0.1268 0.1681 -0.0429 0.0260  0.0192  9    DC  A "O4'" 
169 C  "C3'" . DC  A 9  ? 0.1677 0.1562 0.1535 -0.0434 -0.0024 0.0351  9    DC  A "C3'" 
170 O  "O3'" . DC  A 9  ? 0.2029 0.1833 0.2049 -0.0139 0.0106  0.0889  9    DC  A "O3'" 
171 C  "C2'" . DC  A 9  ? 0.1573 0.2143 0.1800 -0.0513 0.0248  0.0269  9    DC  A "C2'" 
172 C  "C1'" . DC  A 9  ? 0.1179 0.1266 0.2097 0.0265  -0.0306 0.0302  9    DC  A "C1'" 
173 N  N1    . DC  A 9  ? 0.1436 0.1399 0.1255 -0.0091 -0.0081 0.0363  9    DC  A N1    
174 C  C2    . DC  A 9  ? 0.1034 0.0915 0.2199 -0.0440 0.0155  -0.0004 9    DC  A C2    
175 O  O2    . DC  A 9  ? 0.1545 0.1199 0.1491 -0.0343 -0.0097 0.0271  9    DC  A O2    
176 N  N3    . DC  A 9  ? 0.1308 0.0929 0.1649 -0.0373 -0.0037 -0.0131 9    DC  A N3    
177 C  C4    . DC  A 9  ? 0.1178 0.1018 0.1538 -0.0115 0.0223  0.0188  9    DC  A C4    
178 N  N4    . DC  A 9  ? 0.1249 0.1037 0.1837 -0.0324 -0.0148 0.0163  9    DC  A N4    
179 C  C5    . DC  A 9  ? 0.1595 0.1455 0.1458 -0.0110 -0.0111 0.0098  9    DC  A C5    
180 C  C6    . DC  A 9  ? 0.1269 0.1650 0.1567 -0.0184 0.0085  0.0156  9    DC  A C6    
181 P  P     . DG  A 10 ? 0.1882 0.2221 0.2237 -0.0522 -0.0014 0.1114  10   DG  A P     
182 O  OP1   . DG  A 10 ? 0.2003 0.2595 0.3734 -0.0462 -0.0064 0.1772  10   DG  A OP1   
183 O  OP2   . DG  A 10 ? 0.1847 0.3028 0.2422 -0.0018 -0.0026 0.0969  10   DG  A OP2   
184 O  "O5'" . DG  A 10 ? 0.1706 0.1972 0.2048 -0.0206 0.0003  0.0878  10   DG  A "O5'" 
185 C  "C5'" . DG  A 10 ? 0.1699 0.1982 0.3085 -0.0666 -0.0484 0.1372  10   DG  A "C5'" 
186 C  "C4'" . DG  A 10 ? 0.1609 0.1428 0.2259 -0.0391 0.0283  0.0633  10   DG  A "C4'" 
187 O  "O4'" . DG  A 10 ? 0.1758 0.1389 0.2136 -0.0249 0.0020  0.0619  10   DG  A "O4'" 
188 C  "C3'" . DG  A 10 ? 0.1091 0.3091 0.2053 -0.0062 0.0021  0.0805  10   DG  A "C3'" 
189 O  "O3'" . DG  A 10 ? 0.1394 0.2753 0.2297 -0.0570 -0.0016 0.0849  10   DG  A "O3'" 
190 C  "C2'" . DG  A 10 ? 0.1227 0.3303 0.2164 -0.0391 0.0070  0.0226  10   DG  A "C2'" 
191 C  "C1'" . DG  A 10 ? 0.1663 0.2124 0.1752 -0.0468 0.0168  0.0511  10   DG  A "C1'" 
192 N  N9    . DG  A 10 ? 0.1611 0.1885 0.1194 -0.0039 0.0181  0.0583  10   DG  A N9    
193 C  C8    . DG  A 10 ? 0.2214 0.2278 0.1132 -0.0211 -0.0032 0.0495  10   DG  A C8    
194 N  N7    . DG  A 10 ? 0.1768 0.1504 0.1847 -0.0021 0.0054  0.0000  10   DG  A N7    
195 C  C5    . DG  A 10 ? 0.1574 0.1030 0.1594 -0.0163 -0.0049 -0.0043 10   DG  A C5    
196 C  C6    . DG  A 10 ? 0.1262 0.1014 0.1831 -0.0218 -0.0100 -0.0174 10   DG  A C6    
197 O  O6    . DG  A 10 ? 0.1521 0.1260 0.1866 -0.0189 0.0003  -0.0054 10   DG  A O6    
198 N  N1    . DG  A 10 ? 0.1456 0.1087 0.1797 -0.0139 -0.0160 -0.0047 10   DG  A N1    
199 C  C2    . DG  A 10 ? 0.1638 0.1613 0.1012 -0.0047 -0.0229 0.0276  10   DG  A C2    
200 N  N2    . DG  A 10 ? 0.1476 0.1198 0.1965 -0.0393 0.0275  0.0263  10   DG  A N2    
201 N  N3    . DG  A 10 ? 0.1616 0.1486 0.1212 -0.0097 -0.0118 0.0329  10   DG  A N3    
202 C  C4    . DG  A 10 ? 0.1513 0.1207 0.1658 0.0367  0.0003  0.0174  10   DG  A C4    
203 P  P     . DC  A 11 ? 0.1809 0.2760 0.2555 -0.0321 -0.0085 0.1123  11   DC  A P     
204 O  OP1   . DC  A 11 ? 0.2875 0.2499 0.2518 -0.0599 -0.0626 0.1369  11   DC  A OP1   
205 O  OP2   . DC  A 11 ? 0.1942 0.4051 0.3116 -0.0280 -0.0024 0.1918  11   DC  A OP2   
206 O  "O5'" . DC  A 11 ? 0.1587 0.2805 0.2542 -0.0601 -0.0166 0.1230  11   DC  A "O5'" 
207 C  "C5'" . DC  A 11 ? 0.1474 0.2551 0.2905 -0.0311 0.0249  0.0976  11   DC  A "C5'" 
208 C  "C4'" . DC  A 11 ? 0.1776 0.2542 0.2173 0.0046  -0.0031 0.1140  11   DC  A "C4'" 
209 O  "O4'" . DC  A 11 ? 0.1347 0.1594 0.3300 -0.0610 0.0131  0.0090  11   DC  A "O4'" 
210 C  "C3'" . DC  A 11 ? 0.1994 0.2095 0.2022 -0.0181 -0.0283 0.0691  11   DC  A "C3'" 
211 O  "O3'" . DC  A 11 ? 0.2380 0.2486 0.2579 -0.0017 -0.0483 0.0510  11   DC  A "O3'" 
212 C  "C2'" . DC  A 11 ? 0.1338 0.2139 0.3305 -0.0194 0.0063  0.1247  11   DC  A "C2'" 
213 C  "C1'" . DC  A 11 ? 0.1990 0.1556 0.2639 0.0679  0.0062  0.0467  11   DC  A "C1'" 
214 N  N1    . DC  A 11 ? 0.1765 0.1503 0.1615 -0.0094 0.0221  0.0563  11   DC  A N1    
215 C  C2    . DC  A 11 ? 0.1304 0.1973 0.1285 0.0251  0.0050  0.0492  11   DC  A C2    
216 O  O2    . DC  A 11 ? 0.1532 0.1612 0.1952 -0.0390 0.0095  0.0402  11   DC  A O2    
217 N  N3    . DC  A 11 ? 0.1496 0.2164 0.1455 0.0133  -0.0173 0.0265  11   DC  A N3    
218 C  C4    . DC  A 11 ? 0.1444 0.1451 0.1849 -0.0040 0.0277  0.0369  11   DC  A C4    
219 N  N4    . DC  A 11 ? 0.2139 0.1582 0.1366 0.0156  0.0114  0.0363  11   DC  A N4    
220 C  C5    . DC  A 11 ? 0.2233 0.1457 0.2350 -0.0311 0.0324  0.0267  11   DC  A C5    
221 C  C6    . DC  A 11 ? 0.1615 0.1861 0.2581 -0.0277 0.0218  0.1100  11   DC  A C6    
222 P  P     . DG  A 12 ? 0.4055 0.2642 0.3491 -0.0560 -0.2136 0.0559  12   DG  A P     
223 O  OP1   . DG  A 12 ? 0.4391 0.2567 0.3747 -0.0858 -0.2136 0.0251  12   DG  A OP1   
224 O  OP2   . DG  A 12 ? 0.4815 1.6136 0.3814 0.4577  -0.1856 -0.1066 12   DG  A OP2   
225 O  "O5'" . DG  A 12 ? 0.5828 0.3151 0.7276 -0.0506 -0.4514 0.1309  12   DG  A "O5'" 
226 C  "C5'" . DG  A 12 ? 0.3210 0.6684 0.3286 -0.0433 0.2199  0.2050  12   DG  A "C5'" 
227 C  "C4'" . DG  A 12 ? 0.1757 0.1742 0.1796 0.0295  -0.0249 0.0152  12   DG  A "C4'" 
228 O  "O4'" . DG  A 12 ? 0.1505 0.6202 0.3127 0.0237  -0.0799 -0.2035 12   DG  A "O4'" 
229 C  "C3'" . DG  A 12 ? 0.1781 0.1655 0.2182 -0.0104 -0.0580 0.0516  12   DG  A "C3'" 
230 O  "O3'" . DG  A 12 ? 0.2036 0.2320 0.1856 -0.0295 -0.0481 0.0203  12   DG  A "O3'" 
231 C  "C2'" . DG  A 12 ? 0.1739 0.2045 0.1851 -0.0208 0.0153  -0.0016 12   DG  A "C2'" 
232 C  "C1'" . DG  A 12 ? 0.1388 0.3179 0.1578 0.0083  -0.0195 -0.0393 12   DG  A "C1'" 
233 N  N9    . DG  A 12 ? 0.1759 0.2095 0.1749 -0.0252 0.0037  0.0456  12   DG  A N9    
234 C  C8    . DG  A 12 ? 0.2613 0.1708 0.1689 -0.0446 -0.0518 0.0114  12   DG  A C8    
235 N  N7    . DG  A 12 ? 0.2115 0.2391 0.1307 -0.0150 0.0084  0.0346  12   DG  A N7    
236 C  C5    . DG  A 12 ? 0.1536 0.1905 0.1685 0.0018  0.0150  0.0459  12   DG  A C5    
237 C  C6    . DG  A 12 ? 0.1704 0.1978 0.1085 0.0295  0.0026  0.0362  12   DG  A C6    
238 O  O6    . DG  A 12 ? 0.2131 0.1877 0.1525 0.0229  -0.0177 0.0147  12   DG  A O6    
239 N  N1    . DG  A 12 ? 0.1712 0.2105 0.1282 0.0251  -0.0234 0.0183  12   DG  A N1    
240 C  C2    . DG  A 12 ? 0.1491 0.2092 0.1489 -0.0048 0.0070  0.0140  12   DG  A C2    
241 N  N2    . DG  A 12 ? 0.1723 0.2180 0.1256 -0.0051 -0.0125 -0.0042 12   DG  A N2    
242 N  N3    . DG  A 12 ? 0.1381 0.2315 0.1178 -0.0016 -0.0137 0.0049  12   DG  A N3    
243 C  C4    . DG  A 12 ? 0.1574 0.2197 0.1190 0.0169  0.0336  0.0292  12   DG  A C4    
244 O  "O5'" . DC  B 1  ? 1.5411 0.6910 0.5080 -0.5990 -0.5225 0.0433  1    DC  B "O5'" 
245 C  "C5'" . DC  B 1  ? 0.2760 0.2692 0.3635 -0.0656 0.1055  -0.0788 1    DC  B "C5'" 
246 C  "C4'" . DC  B 1  ? 0.3798 0.3450 0.2137 -0.0325 0.1069  -0.1341 1    DC  B "C4'" 
247 O  "O4'" . DC  B 1  ? 0.2885 0.1730 0.2341 -0.0151 0.0229  -0.0157 1    DC  B "O4'" 
248 C  "C3'" . DC  B 1  ? 0.2272 0.2891 0.2052 -0.0923 0.0274  -0.0978 1    DC  B "C3'" 
249 O  "O3'" . DC  B 1  ? 0.2843 0.1688 0.2303 0.0015  0.0514  -0.0083 1    DC  B "O3'" 
250 C  "C2'" . DC  B 1  ? 0.2020 0.1908 0.2383 -0.0499 -0.0459 -0.0595 1    DC  B "C2'" 
251 C  "C1'" . DC  B 1  ? 0.3272 0.1624 0.2492 -0.0726 -0.0816 0.0421  1    DC  B "C1'" 
252 N  N1    . DC  B 1  ? 0.1734 0.2039 0.1841 -0.0186 -0.0518 -0.0073 1    DC  B N1    
253 C  C2    . DC  B 1  ? 0.2808 0.2233 0.1110 0.0511  -0.0229 0.0592  1    DC  B C2    
254 O  O2    . DC  B 1  ? 0.2178 0.1790 0.1834 -0.0085 -0.0238 0.0210  1    DC  B O2    
255 N  N3    . DC  B 1  ? 0.1852 0.1797 0.1298 0.0247  -0.0092 -0.0128 1    DC  B N3    
256 C  C4    . DC  B 1  ? 0.1833 0.1943 0.1308 0.0150  0.0273  0.0300  1    DC  B C4    
257 N  N4    . DC  B 1  ? 0.1832 0.2897 0.1345 0.0041  -0.0013 -0.0545 1    DC  B N4    
258 C  C5    . DC  B 1  ? 0.2034 0.2305 0.1396 -0.0538 -0.0106 -0.0033 1    DC  B C5    
259 C  C6    . DC  B 1  ? 0.2235 0.1644 0.1934 -0.0073 -0.0333 0.0166  1    DC  B C6    
260 P  P     . DG  B 2  ? 0.2757 0.1799 0.2544 -0.0455 -0.0002 -0.0063 2    DG  B P     
261 O  OP1   . DG  B 2  ? 0.4044 0.1706 0.3569 -0.0199 0.1037  0.0142  2    DG  B OP1   
262 O  OP2   . DG  B 2  ? 0.2214 0.3172 0.3383 -0.0803 -0.0494 -0.0016 2    DG  B OP2   
263 O  "O5'" . DG  B 2  ? 0.1825 0.1967 0.2073 -0.0171 0.0028  -0.0003 2    DG  B "O5'" 
264 C  "C5'" . DG  B 2  ? 0.2771 0.1266 0.1834 -0.0230 0.0144  0.0274  2    DG  B "C5'" 
265 C  "C4'" . DG  B 2  ? 0.1686 0.1971 0.1553 -0.0045 -0.0059 0.0579  2    DG  B "C4'" 
266 O  "O4'" . DG  B 2  ? 0.1748 0.1814 0.1830 -0.0131 0.0239  0.0391  2    DG  B "O4'" 
267 C  "C3'" . DG  B 2  ? 0.1925 0.1508 0.1785 0.0139  -0.0245 0.0105  2    DG  B "C3'" 
268 O  "O3'" . DG  B 2  ? 0.1916 0.1560 0.1887 -0.0160 0.0459  0.0524  2    DG  B "O3'" 
269 C  "C2'" . DG  B 2  ? 0.1885 0.1547 0.1708 0.0040  -0.0286 0.0320  2    DG  B "C2'" 
270 C  "C1'" . DG  B 2  ? 0.1733 0.1490 0.1841 0.0000  -0.0100 -0.0076 2    DG  B "C1'" 
271 N  N9    . DG  B 2  ? 0.1553 0.1516 0.1508 -0.0381 -0.0111 0.0241  2    DG  B N9    
272 C  C8    . DG  B 2  ? 0.1815 0.1488 0.1793 -0.0080 0.0288  0.0071  2    DG  B C8    
273 N  N7    . DG  B 2  ? 0.1780 0.1229 0.1832 -0.0263 -0.0041 0.0022  2    DG  B N7    
274 C  C5    . DG  B 2  ? 0.1672 0.1407 0.1273 -0.0140 -0.0136 0.0049  2    DG  B C5    
275 C  C6    . DG  B 2  ? 0.1530 0.1572 0.1233 0.0035  -0.0066 0.0186  2    DG  B C6    
276 O  O6    . DG  B 2  ? 0.1793 0.1559 0.1150 -0.0003 -0.0014 0.0108  2    DG  B O6    
277 N  N1    . DG  B 2  ? 0.1460 0.1336 0.1323 -0.0016 -0.0134 0.0349  2    DG  B N1    
278 C  C2    . DG  B 2  ? 0.1182 0.1520 0.1569 0.0007  0.0034  0.0186  2    DG  B C2    
279 N  N2    . DG  B 2  ? 0.1439 0.1472 0.1620 -0.0266 0.0035  0.0455  2    DG  B N2    
280 N  N3    . DG  B 2  ? 0.1872 0.1307 0.1355 -0.0142 0.0310  0.0433  2    DG  B N3    
281 C  C4    . DG  B 2  ? 0.1146 0.1416 0.1488 -0.0254 -0.0116 -0.0157 2    DG  B C4    
282 P  P     . DC  B 3  ? 0.1702 0.1643 0.2067 -0.0061 0.0144  0.0465  3    DC  B P     
283 O  OP1   . DC  B 3  ? 0.2268 0.1488 0.2247 0.0059  0.0487  0.0537  3    DC  B OP1   
284 O  OP2   . DC  B 3  ? 0.2336 0.1428 0.3078 -0.0477 0.0489  0.0382  3    DC  B OP2   
285 O  "O5'" . DC  B 3  ? 0.1598 0.1257 0.2336 -0.0117 -0.0004 0.0438  3    DC  B "O5'" 
286 C  "C5'" . DC  B 3  ? 0.2336 0.1874 0.1702 0.0547  -0.0240 0.0033  3    DC  B "C5'" 
287 C  "C4'" . DC  B 3  ? 0.1513 0.1285 0.1988 0.0032  0.0013  0.0468  3    DC  B "C4'" 
288 O  "O4'" . DC  B 3  ? 0.1451 0.1562 0.1720 -0.0061 0.0158  0.0485  3    DC  B "O4'" 
289 C  "C3'" . DC  B 3  ? 0.1905 0.1530 0.1398 -0.0211 0.0237  0.0327  3    DC  B "C3'" 
290 O  "O3'" . DC  B 3  ? 0.1899 0.1751 0.1810 0.0119  -0.0023 0.0186  3    DC  B "O3'" 
291 C  "C2'" . DC  B 3  ? 0.2556 0.1465 0.1413 0.0072  0.0004  -0.0155 3    DC  B "C2'" 
292 C  "C1'" . DC  B 3  ? 0.1613 0.1815 0.2011 -0.0580 0.0021  0.0629  3    DC  B "C1'" 
293 N  N1    . DC  B 3  ? 0.1220 0.1422 0.1896 -0.0002 0.0210  0.0304  3    DC  B N1    
294 C  C2    . DC  B 3  ? 0.1399 0.1133 0.1857 -0.0382 0.0405  -0.0058 3    DC  B C2    
295 O  O2    . DC  B 3  ? 0.1421 0.1207 0.1600 -0.0053 0.0082  0.0191  3    DC  B O2    
296 N  N3    . DC  B 3  ? 0.1299 0.1259 0.1897 -0.0203 -0.0230 -0.0010 3    DC  B N3    
297 C  C4    . DC  B 3  ? 0.1308 0.1351 0.1965 0.0017  -0.0432 0.0027  3    DC  B C4    
298 N  N4    . DC  B 3  ? 0.1576 0.1620 0.2022 -0.0428 -0.0381 0.0400  3    DC  B N4    
299 C  C5    . DC  B 3  ? 0.1842 0.1788 0.1909 -0.0406 -0.0043 0.0790  3    DC  B C5    
300 C  C6    . DC  B 3  ? 0.1958 0.1586 0.1756 -0.0667 0.0258  0.0325  3    DC  B C6    
301 P  P     . DG  B 4  ? 0.2495 0.1837 0.1577 0.0085  0.0299  0.0135  4    DG  B P     
302 O  OP1   . DG  B 4  ? 0.3360 0.2010 0.1990 0.0272  0.0244  0.0127  4    DG  B OP1   
303 O  OP2   . DG  B 4  ? 0.1892 0.2122 0.2223 -0.0064 0.0602  -0.0141 4    DG  B OP2   
304 O  "O5'" . DG  B 4  ? 0.1958 0.1717 0.1867 -0.0067 0.0021  0.0294  4    DG  B "O5'" 
305 C  "C5'" . DG  B 4  ? 0.2230 0.1838 0.1749 0.0183  -0.0366 0.0218  4    DG  B "C5'" 
306 C  "C4'" . DG  B 4  ? 0.1595 0.1620 0.1940 0.0311  -0.0251 -0.0089 4    DG  B "C4'" 
307 O  "O4'" . DG  B 4  ? 0.1610 0.1593 0.1649 0.0014  -0.0287 0.0126  4    DG  B "O4'" 
308 C  "C3'" . DG  B 4  ? 0.2101 0.1936 0.1560 -0.0091 -0.0049 -0.0001 4    DG  B "C3'" 
309 O  "O3'" . DG  B 4  ? 0.2416 0.1600 0.2314 0.0082  -0.0530 -0.0195 4    DG  B "O3'" 
310 C  "C2'" . DG  B 4  ? 0.2187 0.1553 0.1860 -0.0131 -0.0438 0.0044  4    DG  B "C2'" 
311 C  "C1'" . DG  B 4  ? 0.1953 0.1840 0.1279 -0.0209 -0.0029 -0.0126 4    DG  B "C1'" 
312 N  N9    . DG  B 4  ? 0.1456 0.1253 0.1499 -0.0175 0.0050  0.0059  4    DG  B N9    
313 C  C8    . DG  B 4  ? 0.1739 0.1496 0.1631 -0.0154 -0.0300 0.0225  4    DG  B C8    
314 N  N7    . DG  B 4  ? 0.1275 0.1355 0.2164 -0.0249 0.0064  0.0365  4    DG  B N7    
315 C  C5    . DG  B 4  ? 0.1156 0.1037 0.1788 -0.0205 0.0047  0.0175  4    DG  B C5    
316 C  C6    . DG  B 4  ? 0.1251 0.1042 0.1498 -0.0092 -0.0198 0.0048  4    DG  B C6    
317 O  O6    . DG  B 4  ? 0.1220 0.1224 0.1701 -0.0070 -0.0082 -0.0033 4    DG  B O6    
318 N  N1    . DG  B 4  ? 0.1275 0.1099 0.1505 -0.0285 -0.0218 0.0066  4    DG  B N1    
319 C  C2    . DG  B 4  ? 0.1631 0.1008 0.1467 -0.0296 0.0058  0.0516  4    DG  B C2    
320 N  N2    . DG  B 4  ? 0.1407 0.1289 0.1513 -0.0272 -0.0261 0.0195  4    DG  B N2    
321 N  N3    . DG  B 4  ? 0.1427 0.1271 0.1580 -0.0250 -0.0177 0.0370  4    DG  B N3    
322 C  C4    . DG  B 4  ? 0.1300 0.1278 0.1762 -0.0028 -0.0015 0.0261  4    DG  B C4    
323 P  P     . DA  B 5  ? 0.2861 0.1726 0.2533 -0.0036 -0.0625 -0.0351 5    DA  B P     
324 O  OP1   . DA  B 5  ? 0.2992 0.1589 0.3068 -0.0213 -0.0958 -0.0340 5    DA  B OP1   
325 O  OP2   . DA  B 5  ? 0.3591 0.1589 0.2356 0.0117  0.0177  -0.0270 5    DA  B OP2   
326 O  "O5'" . DA  B 5  ? 0.2533 0.1709 0.1822 0.0170  -0.0488 -0.0149 5    DA  B "O5'" 
327 C  "C5'" . DA  B 5  ? 0.2719 0.1930 0.1994 -0.0779 -0.0866 0.0066  5    DA  B "C5'" 
328 C  "C4'" . DA  B 5  ? 0.2068 0.1356 0.2015 -0.0273 -0.0645 0.0187  5    DA  B "C4'" 
329 O  "O4'" . DA  B 5  ? 0.1745 0.1513 0.2430 -0.0382 -0.0571 -0.0127 5    DA  B "O4'" 
330 C  "C3'" . DA  B 5  ? 0.1776 0.1974 0.2931 -0.0841 -0.0866 0.0415  5    DA  B "C3'" 
331 O  "O3'" . DA  B 5  ? 0.2428 0.1284 0.3265 -0.0607 -0.1176 0.0267  5    DA  B "O3'" 
332 C  "C2'" . DA  B 5  ? 0.2064 0.0837 0.2368 -0.0126 -0.0370 -0.0228 5    DA  B "C2'" 
333 C  "C1'" . DA  B 5  ? 0.1211 0.1308 0.2378 -0.0221 -0.0406 0.0378  5    DA  B "C1'" 
334 N  N9    . DA  B 5  ? 0.1666 0.1245 0.1948 0.0038  -0.0425 -0.0165 5    DA  B N9    
335 C  C8    . DA  B 5  ? 0.1871 0.1221 0.1532 0.0052  -0.0423 -0.0066 5    DA  B C8    
336 N  N7    . DA  B 5  ? 0.1714 0.0937 0.2236 -0.0178 -0.0364 -0.0020 5    DA  B N7    
337 C  C5    . DA  B 5  ? 0.1503 0.1118 0.1920 0.0179  -0.0490 -0.0286 5    DA  B C5    
338 C  C6    . DA  B 5  ? 0.1291 0.0679 0.2245 -0.0295 -0.0213 0.0109  5    DA  B C6    
339 N  N6    . DA  B 5  ? 0.1369 0.1295 0.1856 0.0164  -0.0220 -0.0089 5    DA  B N6    
340 N  N1    . DA  B 5  ? 0.1533 0.0885 0.1797 -0.0047 -0.0230 -0.0023 5    DA  B N1    
341 C  C2    . DA  B 5  ? 0.1358 0.0948 0.1650 -0.0220 -0.0164 -0.0044 5    DA  B C2    
342 N  N3    . DA  B 5  ? 0.1553 0.0985 0.2096 -0.0045 -0.0254 -0.0033 5    DA  B N3    
343 C  C4    . DA  B 5  ? 0.1659 0.0950 0.1703 -0.0231 -0.0174 0.0205  5    DA  B C4    
344 P  P     . DA  B 6  ? 0.2680 0.1546 0.2654 -0.0663 -0.0752 0.0124  6    DA  B P     
345 O  OP1   . DA  B 6  ? 0.2938 0.2368 0.4634 -0.1804 -0.1574 0.1343  6    DA  B OP1   
346 O  OP2   . DA  B 6  ? 0.4660 0.1380 0.2651 0.0345  -0.0958 0.0047  6    DA  B OP2   
347 O  "O5'" . DA  B 6  ? 0.2493 0.1510 0.2335 -0.0229 -0.0484 0.0167  6    DA  B "O5'" 
348 C  "C5'" . DA  B 6  ? 0.2012 0.1896 0.2338 -0.0648 -0.0900 0.0596  6    DA  B "C5'" 
349 C  "C4'" . DA  B 6  ? 0.2137 0.0753 0.3371 -0.0454 -0.0626 0.0360  6    DA  B "C4'" 
350 O  "O4'" . DA  B 6  ? 0.1720 0.1041 0.3150 -0.0322 -0.0319 0.0041  6    DA  B "O4'" 
351 C  "C3'" . DA  B 6  ? 0.2576 0.1174 0.4386 -0.0918 -0.1615 0.0796  6    DA  B "C3'" 
352 O  "O3'" . DA  B 6  ? 0.2309 0.1502 0.4265 -0.0588 -0.1071 0.1203  6    DA  B "O3'" 
353 C  "C2'" . DA  B 6  ? 0.2663 0.1287 0.2622 0.0145  -0.0977 -0.0280 6    DA  B "C2'" 
354 C  "C1'" . DA  B 6  ? 0.1630 0.1233 0.2909 -0.0294 -0.0767 0.0338  6    DA  B "C1'" 
355 N  N9    . DA  B 6  ? 0.1305 0.1108 0.2832 0.0132  -0.0706 -0.0459 6    DA  B N9    
356 C  C8    . DA  B 6  ? 0.1898 0.1466 0.3349 -0.0119 -0.1552 -0.0670 6    DA  B C8    
357 N  N7    . DA  B 6  ? 0.1854 0.1122 0.2386 0.0061  -0.0466 -0.0245 6    DA  B N7    
358 C  C5    . DA  B 6  ? 0.1472 0.1005 0.2108 -0.0159 -0.0423 -0.0478 6    DA  B C5    
359 C  C6    . DA  B 6  ? 0.1997 0.1236 0.1628 0.0463  -0.0385 -0.0091 6    DA  B C6    
360 N  N6    . DA  B 6  ? 0.1758 0.1631 0.1827 0.0357  -0.0421 -0.0171 6    DA  B N6    
361 N  N1    . DA  B 6  ? 0.1409 0.1048 0.2109 0.0139  -0.0376 -0.0108 6    DA  B N1    
362 C  C2    . DA  B 6  ? 0.1614 0.1291 0.2099 0.0011  -0.0166 -0.0236 6    DA  B C2    
363 N  N3    . DA  B 6  ? 0.1209 0.0999 0.2496 -0.0134 -0.0542 -0.0005 6    DA  B N3    
364 C  C4    . DA  B 6  ? 0.1496 0.1440 0.2033 0.0294  -0.0559 -0.0165 6    DA  B C4    
365 P  P     . DT  B 7  ? 0.2701 0.1568 0.3879 -0.0321 -0.0902 0.0526  7    DT  B P     
366 O  OP1   . DT  B 7  ? 0.2683 0.2844 0.6589 -0.0673 -0.0994 0.2630  7    DT  B OP1   
367 O  OP2   . DT  B 7  ? 0.3471 0.1330 0.5021 -0.0690 -0.1922 0.0957  7    DT  B OP2   
368 O  "O5'" . DT  B 7  ? 0.2347 0.1435 0.3955 -0.0297 -0.0963 0.0919  7    DT  B "O5'" 
369 C  "C5'" . DT  B 7  ? 0.2498 0.1493 0.4213 0.0101  0.0439  0.0211  7    DT  B "C5'" 
370 C  "C4'" . DT  B 7  ? 0.1314 0.1618 0.3680 -0.0138 -0.0024 0.0014  7    DT  B "C4'" 
371 O  "O4'" . DT  B 7  ? 0.2318 0.1305 0.2485 -0.0189 0.0224  0.0219  7    DT  B "O4'" 
372 C  "C3'" . DT  B 7  ? 0.1734 0.2127 0.2406 0.0090  0.0200  0.0416  7    DT  B "C3'" 
373 O  "O3'" . DT  B 7  ? 0.2098 0.4431 0.2063 0.0516  -0.0341 0.0485  7    DT  B "O3'" 
374 C  "C2'" . DT  B 7  ? 0.2443 0.1315 0.1984 0.0241  -0.0242 0.0228  7    DT  B "C2'" 
375 C  "C1'" . DT  B 7  ? 0.1239 0.1760 0.2531 0.0254  0.0062  0.0103  7    DT  B "C1'" 
376 N  N1    . DT  B 7  ? 0.1436 0.1125 0.2291 0.0247  0.0216  -0.0118 7    DT  B N1    
377 C  C2    . DT  B 7  ? 0.2152 0.1222 0.2182 0.0277  -0.0460 0.0132  7    DT  B C2    
378 O  O2    . DT  B 7  ? 0.1657 0.1805 0.2081 -0.0066 0.0090  0.0313  7    DT  B O2    
379 N  N3    . DT  B 7  ? 0.1594 0.1025 0.2526 0.0079  -0.0111 0.0102  7    DT  B N3    
380 C  C4    . DT  B 7  ? 0.2134 0.0823 0.2208 -0.0352 -0.0296 -0.0058 7    DT  B C4    
381 O  O4    . DT  B 7  ? 0.1977 0.1190 0.2097 0.0248  -0.0217 -0.0137 7    DT  B O4    
382 C  C5    . DT  B 7  ? 0.1902 0.1288 0.2082 0.0140  -0.0476 -0.0446 7    DT  B C5    
383 C  C7    . DT  B 7  ? 0.2453 0.1128 0.3046 -0.0067 -0.0370 -0.0187 7    DT  B C7    
384 C  C6    . DT  B 7  ? 0.1702 0.1143 0.2412 0.0152  -0.0081 -0.0082 7    DT  B C6    
385 P  P     . DT  B 8  ? 0.2185 0.5567 0.2598 0.0328  -0.0238 0.1424  8    DT  B P     
386 O  OP1   . DT  B 8  ? 0.2281 0.8600 0.2727 0.0172  -0.0305 0.1477  8    DT  B OP1   
387 O  OP2   . DT  B 8  ? 0.2282 0.5705 0.5236 0.0439  0.0282  0.3553  8    DT  B OP2   
388 O  "O5'" . DT  B 8  ? 0.1748 0.3556 0.2942 0.0466  -0.0362 0.0564  8    DT  B "O5'" 
389 C  "C5'" . DT  B 8  ? 0.2244 0.7410 0.1773 0.0563  -0.0572 0.0437  8    DT  B "C5'" 
390 C  "C4'" . DT  B 8  ? 0.2111 0.3489 0.3147 0.0664  0.0039  0.1360  8    DT  B "C4'" 
391 O  "O4'" . DT  B 8  ? 0.2873 0.2600 0.2082 0.0341  -0.0405 0.0759  8    DT  B "O4'" 
392 C  "C3'" . DT  B 8  ? 0.2045 0.4962 0.2106 -0.0126 -0.0350 -0.0017 8    DT  B "C3'" 
393 O  "O3'" . DT  B 8  ? 0.1745 0.6546 0.1951 0.1034  -0.0058 0.0170  8    DT  B "O3'" 
394 C  "C2'" . DT  B 8  ? 0.1816 0.3486 0.3391 0.0912  -0.0509 0.1479  8    DT  B "C2'" 
395 C  "C1'" . DT  B 8  ? 0.1639 0.3574 0.4043 0.0827  0.0364  0.0716  8    DT  B "C1'" 
396 N  N1    . DT  B 8  ? 0.2630 0.1879 0.2051 0.0475  -0.0061 0.0546  8    DT  B N1    
397 C  C2    . DT  B 8  ? 0.2453 0.1198 0.2207 0.0316  0.0086  -0.0198 8    DT  B C2    
398 O  O2    . DT  B 8  ? 0.2778 0.1602 0.1826 0.0436  -0.0059 0.0134  8    DT  B O2    
399 N  N3    . DT  B 8  ? 0.2453 0.1108 0.1915 0.0435  0.0287  -0.0061 8    DT  B N3    
400 C  C4    . DT  B 8  ? 0.3024 0.1018 0.1995 0.0460  0.0426  0.0056  8    DT  B C4    
401 O  O4    . DT  B 8  ? 0.2684 0.1649 0.2210 0.0753  0.0078  -0.0008 8    DT  B O4    
402 C  C5    . DT  B 8  ? 0.1955 0.1203 0.3613 0.0343  -0.0209 0.0120  8    DT  B C5    
403 C  C7    . DT  B 8  ? 0.2972 0.1583 0.2757 0.0924  0.0080  -0.0003 8    DT  B C7    
404 C  C6    . DT  B 8  ? 0.2575 0.1649 0.2350 0.0126  -0.0173 0.0553  8    DT  B C6    
405 P  P     . DC  B 9  ? 0.2504 0.3691 0.2578 0.0148  -0.0030 0.0011  9    DC  B P     
406 O  OP1   . DC  B 9  ? 0.2384 0.4100 0.3687 -0.0733 -0.0155 0.0460  9    DC  B OP1   
407 O  OP2   . DC  B 9  ? 0.2890 0.2847 0.3785 0.0282  -0.0477 0.1212  9    DC  B OP2   
408 O  "O5'" . DC  B 9  ? 0.1818 0.3395 0.2589 0.0067  -0.0033 0.0794  9    DC  B "O5'" 
409 C  "C5'" . DC  B 9  ? 0.1908 0.2883 0.1609 0.0188  0.0197  -0.0201 9    DC  B "C5'" 
410 C  "C4'" . DC  B 9  ? 0.2457 0.1804 0.1929 0.0021  -0.0020 -0.0117 9    DC  B "C4'" 
411 O  "O4'" . DC  B 9  ? 0.2693 0.1974 0.1899 0.0126  -0.0312 -0.0349 9    DC  B "O4'" 
412 C  "C3'" . DC  B 9  ? 0.1811 0.3442 0.1719 0.0045  -0.0182 -0.1004 9    DC  B "C3'" 
413 O  "O3'" . DC  B 9  ? 0.2096 0.3407 0.2949 0.0535  -0.0183 -0.1771 9    DC  B "O3'" 
414 C  "C2'" . DC  B 9  ? 0.2426 0.2535 0.1731 0.0088  0.0010  -0.0236 9    DC  B "C2'" 
415 C  "C1'" . DC  B 9  ? 0.2766 0.1787 0.1361 0.0317  0.0254  -0.0540 9    DC  B "C1'" 
416 N  N1    . DC  B 9  ? 0.2597 0.2189 0.1639 0.0742  -0.0441 -0.0468 9    DC  B N1    
417 C  C2    . DC  B 9  ? 0.3299 0.1054 0.2802 -0.0023 -0.0510 -0.0736 9    DC  B C2    
418 O  O2    . DC  B 9  ? 0.2750 0.1868 0.2027 0.0090  -0.0260 -0.0435 9    DC  B O2    
419 N  N3    . DC  B 9  ? 0.2281 0.1322 0.2549 0.0408  -0.0063 -0.0291 9    DC  B N3    
420 C  C4    . DC  B 9  ? 0.1691 0.1356 0.2620 -0.0023 -0.0302 -0.0690 9    DC  B C4    
421 N  N4    . DC  B 9  ? 0.2092 0.1812 0.2854 0.0767  0.0203  -0.0424 9    DC  B N4    
422 C  C5    . DC  B 9  ? 0.2495 0.1830 0.2102 0.0271  0.0328  -0.0059 9    DC  B C5    
423 C  C6    . DC  B 9  ? 0.2791 0.1960 0.2846 -0.0467 0.0115  0.0353  9    DC  B C6    
424 P  P     . DG  B 10 ? 0.2470 0.3895 0.2150 0.0790  -0.0387 -0.0882 10   DG  B P     
425 O  OP1   . DG  B 10 ? 0.3264 0.5337 0.2421 0.1418  -0.0137 -0.1454 10   DG  B OP1   
426 O  OP2   . DG  B 10 ? 0.2872 0.4092 0.2094 0.1457  -0.0080 -0.0059 10   DG  B OP2   
427 O  "O5'" . DG  B 10 ? 0.2568 0.3731 0.2257 0.0441  0.0394  -0.1395 10   DG  B "O5'" 
428 C  "C5'" . DG  B 10 ? 0.2201 0.2909 0.2344 -0.0380 0.0299  -0.0432 10   DG  B "C5'" 
429 C  "C4'" . DG  B 10 ? 0.2959 0.2820 0.1391 0.0122  0.0473  -0.0820 10   DG  B "C4'" 
430 O  "O4'" . DG  B 10 ? 0.2267 0.2067 0.2142 0.0036  -0.0325 -0.0307 10   DG  B "O4'" 
431 C  "C3'" . DG  B 10 ? 0.3529 0.3176 0.1603 -0.0708 0.0520  -0.0381 10   DG  B "C3'" 
432 O  "O3'" . DG  B 10 ? 0.1719 0.2860 0.1349 0.0194  0.0106  -0.0334 10   DG  B "O3'" 
433 C  "C2'" . DG  B 10 ? 0.2153 0.2328 0.1731 0.0059  0.0239  -0.0475 10   DG  B "C2'" 
434 C  "C1'" . DG  B 10 ? 0.1709 0.2368 0.1753 0.0217  -0.0199 0.0450  10   DG  B "C1'" 
435 N  N9    . DG  B 10 ? 0.1465 0.1971 0.1899 0.0012  0.0066  -0.0363 10   DG  B N9    
436 C  C8    . DG  B 10 ? 0.2119 0.2431 0.1692 -0.0191 0.0429  -0.0298 10   DG  B C8    
437 N  N7    . DG  B 10 ? 0.2051 0.1827 0.1332 -0.0089 0.0002  -0.0044 10   DG  B N7    
438 C  C5    . DG  B 10 ? 0.1846 0.1447 0.1805 0.0192  0.0473  -0.0163 10   DG  B C5    
439 C  C6    . DG  B 10 ? 0.1461 0.1365 0.1922 0.0190  -0.0210 -0.0491 10   DG  B C6    
440 O  O6    . DG  B 10 ? 0.2107 0.1355 0.1894 0.0187  0.0004  -0.0251 10   DG  B O6    
441 N  N1    . DG  B 10 ? 0.1730 0.1673 0.1492 0.0186  0.0162  0.0017  10   DG  B N1    
442 C  C2    . DG  B 10 ? 0.1823 0.1683 0.1547 0.0149  0.0444  -0.0056 10   DG  B C2    
443 N  N2    . DG  B 10 ? 0.1948 0.1708 0.1461 0.0247  0.0128  0.0051  10   DG  B N2    
444 N  N3    . DG  B 10 ? 0.1581 0.1708 0.1431 0.0112  0.0052  -0.0155 10   DG  B N3    
445 C  C4    . DG  B 10 ? 0.1826 0.1854 0.1542 0.0382  -0.0048 -0.0471 10   DG  B C4    
446 P  P     . DC  B 11 ? 0.1916 0.2337 0.1410 -0.0250 -0.0052 -0.0291 11   DC  B P     
447 O  OP1   . DC  B 11 ? 0.2449 0.2876 0.1446 -0.0134 0.0085  -0.0275 11   DC  B OP1   
448 O  OP2   . DC  B 11 ? 0.2313 0.2369 0.1496 0.0191  0.0287  0.0296  11   DC  B OP2   
449 O  "O5'" . DC  B 11 ? 0.2032 0.2170 0.1362 -0.0066 0.0162  -0.0240 11   DC  B "O5'" 
450 C  "C5'" . DC  B 11 ? 0.2047 0.1811 0.1549 -0.0397 -0.0174 -0.0089 11   DC  B "C5'" 
451 C  "C4'" . DC  B 11 ? 0.3534 0.1532 0.1418 -0.0781 0.0425  -0.0698 11   DC  B "C4'" 
452 O  "O4'" . DC  B 11 ? 0.2130 0.1782 0.1461 -0.0363 0.0040  -0.0111 11   DC  B "O4'" 
453 C  "C3'" . DC  B 11 ? 0.1380 0.1483 0.1962 -0.0419 0.0447  0.0213  11   DC  B "C3'" 
454 O  "O3'" . DC  B 11 ? 0.2517 0.1829 0.1494 -0.0411 0.0159  -0.0336 11   DC  B "O3'" 
455 C  "C2'" . DC  B 11 ? 0.1805 0.1779 0.1548 -0.0260 0.0378  -0.0480 11   DC  B "C2'" 
456 C  "C1'" . DC  B 11 ? 0.2403 0.1244 0.1192 -0.0099 0.0034  -0.0115 11   DC  B "C1'" 
457 N  N1    . DC  B 11 ? 0.1612 0.1281 0.1445 0.0188  0.0099  -0.0255 11   DC  B N1    
458 C  C2    . DC  B 11 ? 0.2158 0.1399 0.0999 0.0011  -0.0045 -0.0137 11   DC  B C2    
459 O  O2    . DC  B 11 ? 0.2000 0.1425 0.1308 -0.0107 0.0125  -0.0137 11   DC  B O2    
460 N  N3    . DC  B 11 ? 0.1753 0.1537 0.1191 0.0326  0.0083  0.0060  11   DC  B N3    
461 C  C4    . DC  B 11 ? 0.1213 0.1356 0.1689 0.0072  0.0184  -0.0139 11   DC  B C4    
462 N  N4    . DC  B 11 ? 0.1698 0.1755 0.1654 -0.0192 -0.0065 -0.0130 11   DC  B N4    
463 C  C5    . DC  B 11 ? 0.2008 0.2718 0.1118 -0.0736 0.0148  0.0234  11   DC  B C5    
464 C  C6    . DC  B 11 ? 0.1721 0.2019 0.1468 -0.0304 -0.0188 0.0352  11   DC  B C6    
465 P  P     . DG  B 12 ? 0.1903 0.1895 0.1706 -0.0342 0.0211  -0.0295 12   DG  B P     
466 O  OP1   . DG  B 12 ? 0.2129 0.2325 0.1907 -0.0446 0.0259  -0.0482 12   DG  B OP1   
467 O  OP2   . DG  B 12 ? 0.1935 0.1993 0.1533 0.0472  -0.0176 -0.0334 12   DG  B OP2   
468 O  "O5'" . DG  B 12 ? 0.2167 0.1673 0.1415 -0.0516 0.0342  -0.0199 12   DG  B "O5'" 
469 C  "C5'" . DG  B 12 ? 0.2279 0.1722 0.2600 -0.0634 0.0821  -0.0913 12   DG  B "C5'" 
470 C  "C4'" . DG  B 12 ? 0.2078 0.1303 0.1506 -0.0360 0.0598  -0.0095 12   DG  B "C4'" 
471 O  "O4'" . DG  B 12 ? 0.1829 0.1445 0.1546 -0.0165 0.0378  -0.0140 12   DG  B "O4'" 
472 C  "C3'" . DG  B 12 ? 0.1587 0.1358 0.1383 -0.0514 0.0394  -0.0301 12   DG  B "C3'" 
473 O  "O3'" . DG  B 12 ? 0.1903 0.1346 0.1451 -0.0432 0.0508  -0.0124 12   DG  B "O3'" 
474 C  "C2'" . DG  B 12 ? 0.1977 0.1511 0.1488 0.0057  0.0512  0.0238  12   DG  B "C2'" 
475 C  "C1'" . DG  B 12 ? 0.2330 0.1240 0.1079 -0.0430 0.0360  -0.0082 12   DG  B "C1'" 
476 N  N9    . DG  B 12 ? 0.1674 0.1256 0.1431 -0.0059 0.0382  0.0036  12   DG  B N9    
477 C  C8    . DG  B 12 ? 0.1735 0.1376 0.1100 -0.0388 0.0012  0.0067  12   DG  B C8    
478 N  N7    . DG  B 12 ? 0.1361 0.1658 0.1575 -0.0221 0.0235  -0.0138 12   DG  B N7    
479 C  C5    . DG  B 12 ? 0.1779 0.1108 0.1277 0.0125  0.0537  0.0235  12   DG  B C5    
480 C  C6    . DG  B 12 ? 0.1946 0.1522 0.0909 0.0408  0.0422  0.0055  12   DG  B C6    
481 O  O6    . DG  B 12 ? 0.1615 0.1706 0.1251 -0.0067 0.0224  0.0294  12   DG  B O6    
482 N  N1    . DG  B 12 ? 0.1655 0.1316 0.1415 -0.0028 0.0113  0.0057  12   DG  B N1    
483 C  C2    . DG  B 12 ? 0.1504 0.1087 0.1172 -0.0246 0.0186  -0.0081 12   DG  B C2    
484 N  N2    . DG  B 12 ? 0.1749 0.1325 0.1340 0.0082  0.0180  0.0188  12   DG  B N2    
485 N  N3    . DG  B 12 ? 0.1822 0.0988 0.1470 -0.0158 0.0492  0.0027  12   DG  B N3    
486 C  C4    . DG  B 12 ? 0.1338 0.1444 0.1081 -0.0076 0.0126  -0.0120 12   DG  B C4    
487 MG MG    . MG  C .  ? 0.1744 0.1863 0.1664 0.0067  0.0288  0.0074  1025 MG  A MG    
495 O  O     . HOH E .  ? 0.1704 0.1225 0.2120 -0.0221 -0.0237 0.0050  1026 HOH A O     
496 O  O     . HOH E .  ? 0.1762 0.1225 0.2206 -0.0281 -0.0272 0.0135  1027 HOH A O     
497 O  O     . HOH E .  ? 0.1373 0.1897 0.2716 0.0060  0.0022  0.0489  1028 HOH A O     
498 O  O     . HOH E .  ? 0.2049 0.1557 0.2377 -0.0368 -0.0371 0.0623  1029 HOH A O     
499 O  O     . HOH E .  ? 0.1741 0.1643 0.1869 -0.0098 -0.0199 -0.0065 1030 HOH A O     
500 O  O     . HOH E .  ? 0.1709 0.1818 0.2263 -0.0499 -0.0238 0.0130  1031 HOH A O     
501 O  O     . HOH E .  ? 0.2084 0.1523 0.2547 -0.0596 -0.0324 -0.0294 1032 HOH A O     
502 O  O     . HOH E .  ? 0.2062 0.2082 0.2460 0.0263  -0.0548 -0.0159 1033 HOH A O     
503 O  O     . HOH E .  ? 0.2019 0.1442 0.3565 -0.0292 -0.0821 -0.0053 1034 HOH A O     
504 O  O     . HOH E .  ? 0.2771 0.2701 0.1356 0.0115  0.0509  0.0129  1035 HOH A O     
505 O  O     . HOH E .  ? 0.2958 0.1839 0.2416 -0.0131 -0.0019 0.0426  1036 HOH A O     
506 O  O     . HOH E .  ? 0.1990 0.2073 0.2451 0.0070  -0.0211 0.0122  1037 HOH A O     
507 O  O     . HOH E .  ? 0.2216 0.2694 0.2817 0.0298  -0.0251 -0.0256 1038 HOH A O     
508 O  O     . HOH E .  ? 0.1901 0.2907 0.3234 0.0035  0.0603  -0.0094 1039 HOH A O     
509 O  O     . HOH E .  ? 0.2222 0.3440 0.2459 -0.0135 0.0002  0.1154  1040 HOH A O     
510 O  O     . HOH E .  ? 0.2340 0.2821 0.2304 -0.0534 0.0172  -0.0046 1041 HOH A O     
511 O  O     . HOH E .  ? 0.2160 0.3774 0.1848 0.0231  0.0086  0.0676  1042 HOH A O     
512 O  O     . HOH E .  ? 0.1886 0.1910 0.4012 -0.0326 -0.0597 -0.0864 1043 HOH A O     
513 O  O     . HOH E .  ? 0.3810 0.2049 0.2187 0.0052  0.0116  -0.0082 1044 HOH A O     
514 O  O     . HOH E .  ? 0.1758 0.2191 0.4572 -0.0575 0.0182  -0.0271 1045 HOH A O     
515 O  O     . HOH E .  ? 0.3067 0.3567 0.2243 -0.0482 -0.0005 0.0707  1046 HOH A O     
516 O  O     . HOH E .  ? 0.2151 0.3632 0.2865 -0.0411 -0.0261 -0.0423 1047 HOH A O     
517 O  O     . HOH E .  ? 0.4783 0.1681 0.3489 -0.1024 0.0114  0.0514  1048 HOH A O     
518 O  O     . HOH E .  ? 0.3281 0.3208 0.2284 -0.0436 -0.0201 0.0260  1049 HOH A O     
519 O  O     . HOH E .  ? 0.2461 0.3180 0.2550 0.0380  0.0248  0.0582  1050 HOH A O     
520 O  O     . HOH E .  ? 0.2818 0.3703 0.3609 -0.0798 -0.1134 -0.0012 1051 HOH A O     
521 O  O     . HOH E .  ? 0.2524 0.2463 0.4554 0.0554  -0.0866 0.0140  1052 HOH A O     
522 O  O     . HOH E .  ? 0.3773 0.3528 0.2530 0.0559  0.0456  0.0344  1053 HOH A O     
523 O  O     . HOH E .  ? 0.2761 0.3904 0.5429 0.0077  0.0685  0.2491  1054 HOH A O     
524 O  O     . HOH E .  ? 0.2299 0.3229 0.4293 0.0266  0.0858  0.1329  1055 HOH A O     
525 O  O     . HOH E .  ? 0.3200 0.3792 0.3160 0.0357  -0.0201 -0.0792 1056 HOH A O     
526 O  O     . HOH E .  ? 0.5729 0.2931 0.2923 0.0026  -0.1600 0.0754  1057 HOH A O     
527 O  O     . HOH E .  ? 0.2267 0.2985 0.3736 -0.0111 -0.0309 0.0210  1058 HOH A O     
528 O  O     . HOH E .  ? 0.5517 0.1856 0.4119 0.0005  0.0656  0.0475  1059 HOH A O     
529 O  O     . HOH E .  ? 0.3108 0.3357 0.3285 -0.0424 0.0241  0.0021  1060 HOH A O     
530 O  O     . HOH E .  ? 0.2456 0.4085 0.3386 0.0138  -0.0110 -0.0773 1061 HOH A O     
531 O  O     . HOH E .  ? 0.3221 0.3110 0.4770 -0.0226 0.0002  0.1153  1062 HOH A O     
532 O  O     . HOH E .  ? 0.2254 0.2998 0.3653 -0.0342 0.0220  0.0245  1063 HOH A O     
533 O  O     . HOH E .  ? 0.2447 0.3544 0.4578 0.0248  0.0233  -0.1340 1064 HOH A O     
534 O  O     . HOH E .  ? 0.2621 0.3008 0.4289 -0.0282 -0.0943 0.1105  1065 HOH A O     
535 O  O     . HOH E .  ? 0.2789 0.2941 0.6273 0.0150  -0.0947 0.0040  1066 HOH A O     
536 O  O     . HOH E .  ? 0.5246 0.3909 0.6262 -0.0444 0.2396  -0.0891 1067 HOH A O     
537 O  O     . HOH E .  ? 0.4202 0.3197 0.4012 -0.0931 -0.1433 0.0168  1068 HOH A O     
538 O  O     . HOH E .  ? 0.3436 0.3147 0.4455 -0.0124 -0.0284 0.0537  1069 HOH A O     
539 O  O     . HOH E .  ? 0.3581 0.3006 0.2627 0.0379  0.0088  0.0446  1070 HOH A O     
540 O  O     . HOH E .  ? 0.4060 0.3070 0.3360 0.0055  -0.0587 0.0304  1071 HOH A O     
541 O  O     . HOH E .  ? 0.3218 0.4002 0.4887 -0.1554 -0.1129 0.1052  1072 HOH A O     
542 O  O     . HOH E .  ? 0.3544 0.2695 0.5052 -0.0088 -0.1002 0.1124  1073 HOH A O     
543 O  O     . HOH E .  ? 0.6541 0.3229 0.3945 0.1613  0.0342  -0.0246 1074 HOH A O     
544 O  O     . HOH E .  ? 0.5609 0.5714 0.2964 -0.1499 0.1399  -0.0818 1075 HOH A O     
545 O  O     . HOH E .  ? 0.2672 0.4644 0.9198 -0.1329 0.1121  0.0127  1076 HOH A O     
546 O  O     . HOH E .  ? 0.5797 0.6072 0.9049 -0.3131 0.3923  -0.0807 1077 HOH A O     
547 O  O     . HOH E .  ? 0.7581 0.6156 0.3523 0.2940  -0.0632 0.1786  1078 HOH A O     
548 O  O     . HOH E .  ? 0.5178 0.3976 0.3257 0.0802  -0.0291 0.0306  1079 HOH A O     
549 O  O     . HOH E .  ? 0.3633 0.3516 0.3655 -0.0136 0.0690  -0.0055 1080 HOH A O     
550 O  O     . HOH E .  ? 0.3497 0.5235 0.4062 0.1747  -0.0474 0.0139  1081 HOH A O     
551 O  O     . HOH E .  ? 0.5656 0.5705 0.3303 -0.2898 0.0649  0.0382  1082 HOH A O     
552 O  O     . HOH E .  ? 0.6412 0.7014 0.2271 0.2545  -0.0393 -0.0252 1083 HOH A O     
553 O  O     . HOH E .  ? 0.8867 0.3898 0.3435 -0.2321 -0.2312 0.1600  1084 HOH A O     
554 O  O     . HOH E .  ? 0.8178 0.4351 0.3594 0.0554  -0.2256 -0.0224 1085 HOH A O     
555 O  O     . HOH E .  ? 0.5086 0.2262 0.6421 0.0450  -0.0850 0.0642  1086 HOH A O     
556 O  O     . HOH E .  ? 0.3803 0.8248 0.2504 0.3182  -0.0715 0.0272  1087 HOH A O     
557 O  O     . HOH E .  ? 0.5217 0.7750 0.3602 0.1412  0.0236  0.0885  1088 HOH A O     
558 O  O     . HOH E .  ? 0.2939 0.3034 0.8095 -0.1265 -0.1008 0.1884  1089 HOH A O     
559 O  O     . HOH E .  ? 0.5182 0.6708 0.4974 0.1126  -0.2238 -0.0918 1090 HOH A O     
560 O  O     . HOH E .  ? 0.7674 0.5888 0.3708 0.1303  -0.1168 0.0328  1091 HOH A O     
561 O  O     . HOH E .  ? 1.1610 0.6256 0.4549 -0.3331 -0.1145 0.2362  1092 HOH A O     
562 O  O     . HOH E .  ? 0.3542 0.9709 0.3875 0.1589  -0.1596 -0.1017 1093 HOH A O     
563 O  O     . HOH E .  ? 0.4100 1.2527 0.2380 -0.1669 -0.0190 0.0599  1094 HOH A O     
564 O  O     . HOH E .  ? 0.7108 0.5672 0.4592 0.0413  0.0669  -0.0200 1095 HOH A O     
565 O  O     . HOH E .  ? 0.2805 0.7466 1.3111 0.1198  0.3658  0.4801  1096 HOH A O     
566 O  O     . HOH E .  ? 0.5269 0.6577 0.3717 0.0175  0.1546  0.0868  1097 HOH A O     
567 O  O     . HOH E .  ? 0.9139 0.1846 0.6425 -0.1590 -0.0885 0.0487  1098 HOH A O     
568 O  O     . HOH E .  ? 0.6317 0.7355 0.6336 -0.0681 -0.0555 0.4567  1099 HOH A O     
569 O  O     . HOH E .  ? 0.6388 0.5169 0.5684 0.2561  -0.0939 -0.0536 1100 HOH A O     
570 O  O     . HOH E .  ? 0.7786 0.6972 0.5049 -0.4280 0.2901  -0.3061 1101 HOH A O     
571 O  O     . HOH E .  ? 0.7991 0.5165 0.5191 -0.4611 -0.0436 -0.0858 1102 HOH A O     
572 O  O     . HOH E .  ? 0.5235 0.6463 0.5711 -0.0544 -0.0144 0.3485  1103 HOH A O     
573 O  O     . HOH E .  ? 0.6357 0.4746 0.3748 -0.2181 0.1622  -0.2180 1104 HOH A O     
574 O  O     . HOH E .  ? 0.6525 0.3500 0.4497 0.1242  -0.2320 -0.0993 1105 HOH A O     
575 O  O     . HOH E .  ? 0.4832 0.5784 0.8460 -0.1030 -0.0551 0.2030  1106 HOH A O     
576 O  O     . HOH E .  ? 0.3877 1.1142 0.5280 0.0791  -0.0241 0.3928  1107 HOH A O     
577 O  O     . HOH E .  ? 0.7517 0.2059 0.3641 0.0912  -0.2031 0.0461  1108 HOH A O     
578 O  O     . HOH E .  ? 0.5582 0.8964 0.4087 -0.2657 0.1476  -0.2450 1109 HOH A O     
579 O  O     . HOH E .  ? 0.1965 1.0455 0.3744 -0.0626 -0.0797 0.3624  1110 HOH A O     
580 O  O     . HOH E .  ? 0.5174 0.4886 0.5029 -0.0287 0.0571  -0.3214 1111 HOH A O     
581 O  O     . HOH E .  ? 0.5725 0.8463 0.5378 -0.1952 -0.2046 0.2920  1112 HOH A O     
582 O  O     . HOH E .  ? 0.5869 0.2089 0.6865 -0.0453 0.0633  -0.1915 1113 HOH A O     
583 O  O     . HOH E .  ? 0.6616 0.6616 0.5532 0.2821  -0.4204 -0.1079 1114 HOH A O     
584 O  O     . HOH E .  ? 0.2299 0.6333 0.5261 -0.0262 0.0348  0.2339  1115 HOH A O     
585 O  O     . HOH E .  ? 0.1974 0.6969 0.3897 0.1369  -0.1124 -0.1610 1116 HOH A O     
586 O  O     . HOH E .  ? 0.3125 0.6337 0.8087 0.1138  0.0667  -0.1661 1117 HOH A O     
587 O  O     . HOH E .  ? 0.3689 0.9465 0.6057 0.1814  0.0025  0.2818  1118 HOH A O     
588 O  O     . HOH E .  ? 0.2432 0.2732 0.7290 -0.0384 0.0084  0.0088  1119 HOH A O     
589 O  O     . HOH E .  ? 0.1875 0.2063 0.1977 -0.0053 0.0229  0.0462  1120 HOH A O     
590 O  O     . HOH E .  ? 0.1721 0.1834 0.1675 0.0116  0.0269  0.0207  1121 HOH A O     
591 O  O     . HOH E .  ? 0.1920 0.1862 0.1848 -0.0108 0.0079  0.0129  1122 HOH A O     
592 O  O     . HOH F .  ? 0.2570 0.2308 0.1766 -0.0517 -0.0133 -0.0151 1027 HOH B O     
593 O  O     . HOH F .  ? 0.2140 0.2477 0.2060 -0.0142 -0.0306 0.0038  1028 HOH B O     
594 O  O     . HOH F .  ? 0.2255 0.2218 0.2247 -0.0092 -0.0584 0.0046  1029 HOH B O     
595 O  O     . HOH F .  ? 0.3026 0.2092 0.1710 0.0243  0.0422  0.0017  1030 HOH B O     
596 O  O     . HOH F .  ? 0.2879 0.3452 0.1825 0.0125  -0.0137 0.0737  1031 HOH B O     
597 O  O     . HOH F .  ? 0.2788 0.2986 0.1960 -0.0757 -0.0193 0.0084  1032 HOH B O     
598 O  O     . HOH F .  ? 0.3418 0.4108 0.1449 0.0455  0.0239  -0.0211 1033 HOH B O     
599 O  O     . HOH F .  ? 0.2042 0.3180 0.2862 -0.0339 -0.0257 0.0655  1034 HOH B O     
600 O  O     . HOH F .  ? 0.2400 0.2903 0.2960 -0.0237 -0.0084 -0.0508 1035 HOH B O     
601 O  O     . HOH F .  ? 0.2350 0.2451 0.2953 -0.0250 0.0490  0.0313  1036 HOH B O     
602 O  O     . HOH F .  ? 0.3402 0.2877 0.2457 0.0477  0.0266  0.1228  1037 HOH B O     
603 O  O     . HOH F .  ? 0.2676 0.3129 0.2236 0.0202  -0.0214 -0.0466 1038 HOH B O     
604 O  O     . HOH F .  ? 0.4293 0.1499 0.3805 -0.0381 -0.0388 -0.0383 1039 HOH B O     
605 O  O     . HOH F .  ? 0.3384 0.2534 0.2121 -0.0204 -0.0345 -0.0100 1040 HOH B O     
606 O  O     . HOH F .  ? 0.2950 0.3231 0.2081 -0.0201 -0.0180 0.0205  1041 HOH B O     
607 O  O     . HOH F .  ? 0.2651 0.4513 0.3318 0.0790  -0.0832 -0.1921 1042 HOH B O     
608 O  O     . HOH F .  ? 0.2226 0.4071 0.3743 -0.0576 -0.0042 0.1599  1043 HOH B O     
609 O  O     . HOH F .  ? 0.2412 0.3633 0.5156 -0.1408 -0.1243 0.1723  1044 HOH B O     
610 O  O     . HOH F .  ? 0.3295 0.3689 0.1875 -0.0397 -0.0001 -0.0122 1045 HOH B O     
611 O  O     . HOH F .  ? 0.2957 0.3851 0.3015 0.0445  -0.0867 -0.0488 1046 HOH B O     
612 O  O     . HOH F .  ? 0.4800 0.4164 0.2517 -0.1489 0.1236  -0.1158 1047 HOH B O     
613 O  O     . HOH F .  ? 0.2694 0.6418 0.2078 0.0722  0.0071  0.0711  1048 HOH B O     
614 O  O     . HOH F .  ? 0.2259 0.4793 0.6540 0.0454  0.0122  0.2378  1049 HOH B O     
615 O  O     . HOH F .  ? 0.2899 0.4350 0.3285 0.1054  -0.0627 -0.0304 1050 HOH B O     
616 O  O     . HOH F .  ? 0.3312 0.3123 0.3039 0.0659  -0.0560 -0.0596 1051 HOH B O     
617 O  O     . HOH F .  ? 0.3814 0.3420 0.4674 0.0588  -0.1933 -0.1632 1052 HOH B O     
618 O  O     . HOH F .  ? 0.3609 0.7049 0.3918 -0.1039 -0.0634 -0.1486 1053 HOH B O     
619 O  O     . HOH F .  ? 0.5816 0.4841 0.3417 0.0134  -0.0834 -0.2822 1054 HOH B O     
620 O  O     . HOH F .  ? 0.4963 0.2627 0.4444 -0.0640 -0.1127 -0.0342 1055 HOH B O     
621 O  O     . HOH F .  ? 0.5945 0.4949 0.3581 -0.2217 -0.1423 0.0420  1056 HOH B O     
622 O  O     . HOH F .  ? 0.3572 0.3968 0.3064 -0.1600 0.0682  -0.0678 1057 HOH B O     
623 O  O     . HOH F .  ? 0.3168 0.5871 0.6095 0.0493  -0.0648 -0.3193 1058 HOH B O     
624 O  O     . HOH F .  ? 0.4870 0.2517 0.4026 0.0587  0.0018  0.0822  1059 HOH B O     
625 O  O     . HOH F .  ? 0.6493 0.3092 0.3167 0.0335  -0.1416 -0.0522 1060 HOH B O     
626 O  O     . HOH F .  ? 0.2270 0.5224 0.5700 0.1408  -0.1103 -0.3705 1061 HOH B O     
627 O  O     . HOH F .  ? 1.0157 0.2940 0.2845 0.0536  0.1211  0.0484  1062 HOH B O     
628 O  O     . HOH F .  ? 0.4104 0.4412 0.5377 0.0048  0.0827  0.1413  1063 HOH B O     
629 O  O     . HOH F .  ? 0.4525 0.2747 0.7006 -0.0271 -0.2493 0.0483  1064 HOH B O     
630 O  O     . HOH F .  ? 0.3358 0.5246 0.5435 -0.2099 -0.0825 0.2697  1065 HOH B O     
631 O  O     . HOH F .  ? 0.4948 0.4490 0.3408 -0.0170 -0.0618 -0.0734 1066 HOH B O     
632 O  O     . HOH F .  ? 0.6305 0.2473 0.4910 -0.0677 -0.0989 -0.0384 1067 HOH B O     
633 O  O     . HOH F .  ? 0.3602 0.3122 0.5693 -0.0643 -0.0450 0.1292  1068 HOH B O     
634 O  O     . HOH F .  ? 0.2953 0.7681 0.2090 0.0293  -0.0051 0.1238  1069 HOH B O     
635 O  O     . HOH F .  ? 0.5469 0.3162 0.3975 0.0055  -0.2349 0.0302  1070 HOH B O     
636 O  O     . HOH F .  ? 0.4821 0.2926 0.5499 -0.0096 0.0606  0.0667  1071 HOH B O     
637 O  O     . HOH F .  ? 0.4721 0.3279 0.3865 -0.0850 -0.0334 0.1158  1072 HOH B O     
638 O  O     . HOH F .  ? 0.3756 0.5053 0.4579 0.0122  -0.1087 -0.0577 1073 HOH B O     
639 O  O     . HOH F .  ? 0.3994 0.6130 0.3075 0.1418  0.0358  -0.0286 1074 HOH B O     
640 O  O     . HOH F .  ? 0.5242 0.2653 0.6682 -0.1140 -0.1157 -0.2155 1075 HOH B O     
641 O  O     . HOH F .  ? 0.5570 0.3003 0.6046 -0.0170 -0.2749 -0.1846 1076 HOH B O     
642 O  O     . HOH F .  ? 0.4480 0.2341 0.7193 -0.0670 -0.1508 0.1488  1077 HOH B O     
643 O  O     . HOH F .  ? 0.3380 0.4590 0.4012 0.0985  -0.0769 -0.0703 1078 HOH B O     
644 O  O     . HOH F .  ? 0.1804 0.3650 0.8003 0.0311  0.1288  0.2540  1079 HOH B O     
645 O  O     . HOH F .  ? 0.4872 0.3818 0.4039 0.1243  -0.1387 -0.0327 1080 HOH B O     
646 O  O     . HOH F .  ? 0.4557 0.4281 0.5391 0.1218  -0.2212 -0.0729 1081 HOH B O     
647 O  O     . HOH F .  ? 0.7410 0.4613 0.3166 -0.1574 0.1546  0.0528  1082 HOH B O     
648 O  O     . HOH F .  ? 0.3858 0.9033 0.5591 0.2381  0.0451  -0.2511 1083 HOH B O     
649 O  O     . HOH F .  ? 0.2164 0.6212 0.7998 -0.0321 -0.0629 0.0984  1084 HOH B O     
650 O  O     . HOH F .  ? 0.4230 0.6488 0.6123 -0.0657 -0.0706 -0.2685 1085 HOH B O     
651 O  O     . HOH F .  ? 0.5002 0.7878 0.4699 -0.3564 -0.1973 0.3505  1086 HOH B O     
652 O  O     . HOH F .  ? 0.7209 0.5454 0.8157 0.3200  -0.4348 -0.0996 1087 HOH B O     
653 O  O     . HOH F .  ? 0.2762 0.4707 1.0656 -0.0438 -0.0055 -0.1215 1088 HOH B O     
654 O  O     . HOH F .  ? 0.5675 0.5958 0.6540 -0.2890 0.3163  -0.1355 1089 HOH B O     
655 O  O     . HOH F .  ? 0.6882 0.4902 0.3965 -0.1740 0.1562  -0.0955 1090 HOH B O     
656 O  O     . HOH F .  ? 0.6286 0.5242 0.4488 0.2480  0.1955  0.3193  1091 HOH B O     
657 O  O     . HOH F .  ? 0.4824 0.3560 0.5055 0.2105  -0.2748 -0.1508 1092 HOH B O     
658 O  O     . HOH F .  ? 0.4254 0.6829 0.3566 -0.0036 0.1219  -0.1178 1093 HOH B O     
659 O  O     . HOH F .  ? 0.4684 0.8428 0.5433 -0.1802 0.1711  -0.0050 1094 HOH B O     
660 O  O     . HOH F .  ? 0.3656 0.3690 0.7736 0.1556  0.2133  0.2579  1095 HOH B O     
661 O  O     . HOH F .  ? 0.4501 0.3322 1.0560 0.0517  -0.1196 -0.0822 1096 HOH B O     
662 O  O     . HOH F .  ? 0.4653 0.8840 0.3471 -0.0450 0.1101  0.0731  1097 HOH B O     
663 O  O     . HOH F .  ? 0.3564 0.3368 0.6728 -0.1886 0.3037  -0.1258 1098 HOH B O     
664 O  O     . HOH F .  ? 0.7162 0.7485 0.5601 -0.3197 0.0258  -0.3123 1099 HOH B O     
665 O  O     . HOH F .  ? 0.8865 0.4250 0.2249 -0.3777 -0.0744 0.0671  1100 HOH B O     
666 O  O     . HOH F .  ? 0.8619 0.5592 0.3999 -0.2314 -0.1412 0.0439  1101 HOH B O     
667 O  O     . HOH F .  ? 0.9171 0.3239 0.4838 0.1252  -0.0694 -0.0294 1102 HOH B O     
668 O  O     . HOH F .  ? 0.4762 0.5196 0.6176 -0.0156 0.2910  0.0132  1103 HOH B O     
669 O  O     . HOH F .  ? 0.3672 0.6473 0.8662 0.2183  -0.2739 -0.4743 1104 HOH B O     
670 O  O     . HOH F .  ? 0.7066 0.5371 0.9183 0.5003  0.3962  0.3525  1105 HOH B O     
671 O  O     . HOH F .  ? 0.1250 0.4249 0.7784 0.0138  0.0067  -0.0359 1106 HOH B O     
672 O  O     . HOH F .  ? 0.5451 0.2281 0.8302 0.0223  -0.0004 0.2338  1107 HOH B O     
673 O  O     . HOH F .  ? 0.5165 0.5564 0.5180 -0.3181 0.2052  -0.1758 1108 HOH B O     
674 O  O     . HOH F .  ? 0.2834 0.4214 0.3442 -0.0091 -0.0456 -0.0577 1109 HOH B O     
675 O  O     . HOH F .  ? 0.5017 0.7713 0.2479 0.0578  0.1613  0.0371  1110 HOH B O     
676 O  O     . HOH F .  ? 0.5606 0.4640 0.8142 -0.1501 0.0795  -0.1950 1111 HOH B O     
677 O  O     . HOH F .  ? 0.9906 0.7298 0.2892 0.2714  -0.1135 0.1915  1112 HOH B O     
678 O  O     . HOH F .  ? 0.4901 0.6194 0.7855 0.0288  0.1757  0.2191  1113 HOH B O     
679 O  O     . HOH F .  ? 0.2028 0.2203 0.2031 0.0425  0.0732  0.0305  1114 HOH B O     
680 O  O     . HOH F .  ? 0.2039 0.1860 0.2095 0.0361  0.0128  0.0090  1115 HOH B O     
681 O  O     . HOH F .  ? 0.1676 0.2160 0.1704 0.0192  0.0253  -0.0012 1116 HOH B O     
# 
